data_5Y8C
# 
_entry.id   5Y8C 
# 
_audit_conform.dict_name       mmcif_pdbx.dic 
_audit_conform.dict_version    5.380 
_audit_conform.dict_location   http://mmcif.pdb.org/dictionaries/ascii/mmcif_pdbx.dic 
# 
loop_
_database_2.database_id 
_database_2.database_code 
_database_2.pdbx_database_accession 
_database_2.pdbx_DOI 
PDB   5Y8C         pdb_00005y8c 10.2210/pdb5y8c/pdb 
WWPDB D_1300004837 ?            ?                   
# 
_pdbx_database_status.status_code                     REL 
_pdbx_database_status.status_code_sf                  REL 
_pdbx_database_status.status_code_mr                  ? 
_pdbx_database_status.entry_id                        5Y8C 
_pdbx_database_status.recvd_initial_deposition_date   2017-08-21 
_pdbx_database_status.SG_entry                        N 
_pdbx_database_status.deposit_site                    PDBJ 
_pdbx_database_status.process_site                    PDBJ 
_pdbx_database_status.status_code_cs                  ? 
_pdbx_database_status.methods_development_category    ? 
_pdbx_database_status.pdb_format_compatible           Y 
_pdbx_database_status.status_code_nmr_data            ? 
# 
loop_
_audit_author.name 
_audit_author.pdbx_ordinal 
_audit_author.identifier_ORCID 
'Xu, Y.'    1 ? 
'Zhang, Y.' 2 ? 
'Song, M.'  3 ? 
'Wang, C.'  4 ? 
# 
_citation.abstract                  ? 
_citation.abstract_id_CAS           ? 
_citation.book_id_ISBN              ? 
_citation.book_publisher            ? 
_citation.book_publisher_city       ? 
_citation.book_title                ? 
_citation.coordinate_linkage        ? 
_citation.country                   US 
_citation.database_id_Medline       ? 
_citation.details                   ? 
_citation.id                        primary 
_citation.journal_abbrev            'J. Med. Chem.' 
_citation.journal_id_ASTM           JMCMAR 
_citation.journal_id_CSD            0151 
_citation.journal_id_ISSN           1520-4804 
_citation.journal_full              ? 
_citation.journal_issue             ? 
_citation.journal_volume            61 
_citation.language                  ? 
_citation.page_first                3037 
_citation.page_last                 3058 
_citation.title                     
;Structure-Based Discovery and Optimization of Benzo[ d]isoxazole Derivatives as Potent and Selective BET Inhibitors for Potential Treatment of Castration-Resistant Prostate Cancer (CRPC)
;
_citation.year                      2018 
_citation.database_id_CSD           ? 
_citation.pdbx_database_id_DOI      10.1021/acs.jmedchem.8b00103 
_citation.pdbx_database_id_PubMed   29566488 
_citation.unpublished_flag          ? 
# 
loop_
_citation_author.citation_id 
_citation_author.name 
_citation_author.ordinal 
_citation_author.identifier_ORCID 
primary 'Zhang, M.' 1  ? 
primary 'Zhang, Y.' 2  ? 
primary 'Song, M.'  3  ? 
primary 'Xue, X.'   4  ? 
primary 'Wang, J.'  5  ? 
primary 'Wang, C.'  6  ? 
primary 'Zhang, C.' 7  ? 
primary 'Li, C.'    8  ? 
primary 'Xiang, Q.' 9  ? 
primary 'Zou, L.'   10 ? 
primary 'Wu, X.'    11 ? 
primary 'Wu, C.'    12 ? 
primary 'Dong, B.'  13 ? 
primary 'Xue, W.'   14 ? 
primary 'Zhou, Y.'  15 ? 
primary 'Chen, H.'  16 ? 
primary 'Wu, D.'    17 ? 
primary 'Ding, K.'  18 ? 
primary 'Xu, Y.'    19 ? 
# 
_cell.angle_alpha                  90.000 
_cell.angle_alpha_esd              ? 
_cell.angle_beta                   90.000 
_cell.angle_beta_esd               ? 
_cell.angle_gamma                  90.000 
_cell.angle_gamma_esd              ? 
_cell.entry_id                     5Y8C 
_cell.details                      ? 
_cell.formula_units_Z              ? 
_cell.length_a                     35.200 
_cell.length_a_esd                 ? 
_cell.length_b                     47.200 
_cell.length_b_esd                 ? 
_cell.length_c                     78.069 
_cell.length_c_esd                 ? 
_cell.volume                       ? 
_cell.volume_esd                   ? 
_cell.Z_PDB                        4 
_cell.reciprocal_angle_alpha       ? 
_cell.reciprocal_angle_beta        ? 
_cell.reciprocal_angle_gamma       ? 
_cell.reciprocal_angle_alpha_esd   ? 
_cell.reciprocal_angle_beta_esd    ? 
_cell.reciprocal_angle_gamma_esd   ? 
_cell.reciprocal_length_a          ? 
_cell.reciprocal_length_b          ? 
_cell.reciprocal_length_c          ? 
_cell.reciprocal_length_a_esd      ? 
_cell.reciprocal_length_b_esd      ? 
_cell.reciprocal_length_c_esd      ? 
_cell.pdbx_unique_axis             ? 
# 
_symmetry.entry_id                         5Y8C 
_symmetry.cell_setting                     ? 
_symmetry.Int_Tables_number                19 
_symmetry.space_group_name_Hall            ? 
_symmetry.space_group_name_H-M             'P 21 21 21' 
_symmetry.pdbx_full_space_group_name_H-M   ? 
# 
loop_
_entity.id 
_entity.type 
_entity.src_method 
_entity.pdbx_description 
_entity.formula_weight 
_entity.pdbx_number_of_molecules 
_entity.pdbx_ec 
_entity.pdbx_mutation 
_entity.pdbx_fragment 
_entity.details 
1 polymer     man 'Bromodomain-containing protein 4'                                                   16509.100 1  ? ? 
'UNP residues 44-166' ? 
2 non-polymer syn 'NITRATE ION'                                                                        62.005    2  ? ? ? ? 
3 non-polymer syn '5-chloranyl-2-methoxy-N-(6-methoxy-3-methyl-1,2-benzoxazol-5-yl)benzenesulfonamide' 382.819   1  ? ? ? ? 
4 non-polymer syn 1,2-ETHANEDIOL                                                                       62.068    2  ? ? ? ? 
5 non-polymer syn GLYCEROL                                                                             92.094    1  ? ? ? ? 
6 water       nat water                                                                                18.015    60 ? ? ? ? 
# 
_entity_name_com.entity_id   1 
_entity_name_com.name        'Protein HUNK1' 
# 
_entity_poly.entity_id                      1 
_entity_poly.type                           'polypeptide(L)' 
_entity_poly.nstd_linkage                   no 
_entity_poly.nstd_monomer                   no 
_entity_poly.pdbx_seq_one_letter_code       
;MKKGHHHHHHLVPRGSNPPPPETSNPNKPKRQTNQLQYLLRVVLKTLWKHQFAWPFQQPVDAVKLNLPDYYKIIKTPMDM
GTIKKRLENNYYWNAQECIQDFNTMFTNCYIYNKPGDDIVLMAEALEKLFLQKINELPT
;
_entity_poly.pdbx_seq_one_letter_code_can   
;MKKGHHHHHHLVPRGSNPPPPETSNPNKPKRQTNQLQYLLRVVLKTLWKHQFAWPFQQPVDAVKLNLPDYYKIIKTPMDM
GTIKKRLENNYYWNAQECIQDFNTMFTNCYIYNKPGDDIVLMAEALEKLFLQKINELPT
;
_entity_poly.pdbx_strand_id                 A 
_entity_poly.pdbx_target_identifier         ? 
# 
loop_
_entity_poly_seq.entity_id 
_entity_poly_seq.num 
_entity_poly_seq.mon_id 
_entity_poly_seq.hetero 
1 1   MET n 
1 2   LYS n 
1 3   LYS n 
1 4   GLY n 
1 5   HIS n 
1 6   HIS n 
1 7   HIS n 
1 8   HIS n 
1 9   HIS n 
1 10  HIS n 
1 11  LEU n 
1 12  VAL n 
1 13  PRO n 
1 14  ARG n 
1 15  GLY n 
1 16  SER n 
1 17  ASN n 
1 18  PRO n 
1 19  PRO n 
1 20  PRO n 
1 21  PRO n 
1 22  GLU n 
1 23  THR n 
1 24  SER n 
1 25  ASN n 
1 26  PRO n 
1 27  ASN n 
1 28  LYS n 
1 29  PRO n 
1 30  LYS n 
1 31  ARG n 
1 32  GLN n 
1 33  THR n 
1 34  ASN n 
1 35  GLN n 
1 36  LEU n 
1 37  GLN n 
1 38  TYR n 
1 39  LEU n 
1 40  LEU n 
1 41  ARG n 
1 42  VAL n 
1 43  VAL n 
1 44  LEU n 
1 45  LYS n 
1 46  THR n 
1 47  LEU n 
1 48  TRP n 
1 49  LYS n 
1 50  HIS n 
1 51  GLN n 
1 52  PHE n 
1 53  ALA n 
1 54  TRP n 
1 55  PRO n 
1 56  PHE n 
1 57  GLN n 
1 58  GLN n 
1 59  PRO n 
1 60  VAL n 
1 61  ASP n 
1 62  ALA n 
1 63  VAL n 
1 64  LYS n 
1 65  LEU n 
1 66  ASN n 
1 67  LEU n 
1 68  PRO n 
1 69  ASP n 
1 70  TYR n 
1 71  TYR n 
1 72  LYS n 
1 73  ILE n 
1 74  ILE n 
1 75  LYS n 
1 76  THR n 
1 77  PRO n 
1 78  MET n 
1 79  ASP n 
1 80  MET n 
1 81  GLY n 
1 82  THR n 
1 83  ILE n 
1 84  LYS n 
1 85  LYS n 
1 86  ARG n 
1 87  LEU n 
1 88  GLU n 
1 89  ASN n 
1 90  ASN n 
1 91  TYR n 
1 92  TYR n 
1 93  TRP n 
1 94  ASN n 
1 95  ALA n 
1 96  GLN n 
1 97  GLU n 
1 98  CYS n 
1 99  ILE n 
1 100 GLN n 
1 101 ASP n 
1 102 PHE n 
1 103 ASN n 
1 104 THR n 
1 105 MET n 
1 106 PHE n 
1 107 THR n 
1 108 ASN n 
1 109 CYS n 
1 110 TYR n 
1 111 ILE n 
1 112 TYR n 
1 113 ASN n 
1 114 LYS n 
1 115 PRO n 
1 116 GLY n 
1 117 ASP n 
1 118 ASP n 
1 119 ILE n 
1 120 VAL n 
1 121 LEU n 
1 122 MET n 
1 123 ALA n 
1 124 GLU n 
1 125 ALA n 
1 126 LEU n 
1 127 GLU n 
1 128 LYS n 
1 129 LEU n 
1 130 PHE n 
1 131 LEU n 
1 132 GLN n 
1 133 LYS n 
1 134 ILE n 
1 135 ASN n 
1 136 GLU n 
1 137 LEU n 
1 138 PRO n 
1 139 THR n 
# 
_entity_src_gen.entity_id                          1 
_entity_src_gen.pdbx_src_id                        1 
_entity_src_gen.pdbx_alt_source_flag               sample 
_entity_src_gen.pdbx_seq_type                      'Biological sequence' 
_entity_src_gen.pdbx_beg_seq_num                   1 
_entity_src_gen.pdbx_end_seq_num                   139 
_entity_src_gen.gene_src_common_name               Human 
_entity_src_gen.gene_src_genus                     ? 
_entity_src_gen.pdbx_gene_src_gene                 'BRD4, HUNK1' 
_entity_src_gen.gene_src_species                   ? 
_entity_src_gen.gene_src_strain                    ? 
_entity_src_gen.gene_src_tissue                    ? 
_entity_src_gen.gene_src_tissue_fraction           ? 
_entity_src_gen.gene_src_details                   ? 
_entity_src_gen.pdbx_gene_src_fragment             ? 
_entity_src_gen.pdbx_gene_src_scientific_name      'Homo sapiens' 
_entity_src_gen.pdbx_gene_src_ncbi_taxonomy_id     9606 
_entity_src_gen.pdbx_gene_src_variant              ? 
_entity_src_gen.pdbx_gene_src_cell_line            ? 
_entity_src_gen.pdbx_gene_src_atcc                 ? 
_entity_src_gen.pdbx_gene_src_organ                ? 
_entity_src_gen.pdbx_gene_src_organelle            ? 
_entity_src_gen.pdbx_gene_src_cell                 ? 
_entity_src_gen.pdbx_gene_src_cellular_location    ? 
_entity_src_gen.host_org_common_name               ? 
_entity_src_gen.pdbx_host_org_scientific_name      'Escherichia coli BL21' 
_entity_src_gen.pdbx_host_org_ncbi_taxonomy_id     511693 
_entity_src_gen.host_org_genus                     ? 
_entity_src_gen.pdbx_host_org_gene                 ? 
_entity_src_gen.pdbx_host_org_organ                ? 
_entity_src_gen.host_org_species                   ? 
_entity_src_gen.pdbx_host_org_tissue               ? 
_entity_src_gen.pdbx_host_org_tissue_fraction      ? 
_entity_src_gen.pdbx_host_org_strain               BL21 
_entity_src_gen.pdbx_host_org_variant              ? 
_entity_src_gen.pdbx_host_org_cell_line            ? 
_entity_src_gen.pdbx_host_org_atcc                 ? 
_entity_src_gen.pdbx_host_org_culture_collection   ? 
_entity_src_gen.pdbx_host_org_cell                 ? 
_entity_src_gen.pdbx_host_org_organelle            ? 
_entity_src_gen.pdbx_host_org_cellular_location    ? 
_entity_src_gen.pdbx_host_org_vector_type          ? 
_entity_src_gen.pdbx_host_org_vector               ? 
_entity_src_gen.host_org_details                   ? 
_entity_src_gen.expression_system_id               ? 
_entity_src_gen.plasmid_name                       ? 
_entity_src_gen.plasmid_details                    ? 
_entity_src_gen.pdbx_description                   ? 
# 
_struct_ref.id                         1 
_struct_ref.db_name                    UNP 
_struct_ref.db_code                    BRD4_HUMAN 
_struct_ref.pdbx_db_accession          O60885 
_struct_ref.pdbx_db_isoform            ? 
_struct_ref.entity_id                  1 
_struct_ref.pdbx_seq_one_letter_code   
;NPPPPETSNPNKPKRQTNQLQYLLRVVLKTLWKHQFAWPFQQPVDAVKLNLPDYYKIIKTPMDMGTIKKRLENNYYWNAQ
ECIQDFNTMFTNCYIYNKPGDDIVLMAEALEKLFLQKINELPT
;
_struct_ref.pdbx_align_begin           44 
# 
_struct_ref_seq.align_id                      1 
_struct_ref_seq.ref_id                        1 
_struct_ref_seq.pdbx_PDB_id_code              5Y8C 
_struct_ref_seq.pdbx_strand_id                A 
_struct_ref_seq.seq_align_beg                 17 
_struct_ref_seq.pdbx_seq_align_beg_ins_code   ? 
_struct_ref_seq.seq_align_end                 139 
_struct_ref_seq.pdbx_seq_align_end_ins_code   ? 
_struct_ref_seq.pdbx_db_accession             O60885 
_struct_ref_seq.db_align_beg                  44 
_struct_ref_seq.pdbx_db_align_beg_ins_code    ? 
_struct_ref_seq.db_align_end                  166 
_struct_ref_seq.pdbx_db_align_end_ins_code    ? 
_struct_ref_seq.pdbx_auth_seq_align_beg       44 
_struct_ref_seq.pdbx_auth_seq_align_end       166 
# 
loop_
_struct_ref_seq_dif.align_id 
_struct_ref_seq_dif.pdbx_pdb_id_code 
_struct_ref_seq_dif.mon_id 
_struct_ref_seq_dif.pdbx_pdb_strand_id 
_struct_ref_seq_dif.seq_num 
_struct_ref_seq_dif.pdbx_pdb_ins_code 
_struct_ref_seq_dif.pdbx_seq_db_name 
_struct_ref_seq_dif.pdbx_seq_db_accession_code 
_struct_ref_seq_dif.db_mon_id 
_struct_ref_seq_dif.pdbx_seq_db_seq_num 
_struct_ref_seq_dif.details 
_struct_ref_seq_dif.pdbx_auth_seq_num 
_struct_ref_seq_dif.pdbx_ordinal 
1 5Y8C MET A 1  ? UNP O60885 ? ? 'expression tag' 28 1  
1 5Y8C LYS A 2  ? UNP O60885 ? ? 'expression tag' 29 2  
1 5Y8C LYS A 3  ? UNP O60885 ? ? 'expression tag' 30 3  
1 5Y8C GLY A 4  ? UNP O60885 ? ? 'expression tag' 31 4  
1 5Y8C HIS A 5  ? UNP O60885 ? ? 'expression tag' 32 5  
1 5Y8C HIS A 6  ? UNP O60885 ? ? 'expression tag' 33 6  
1 5Y8C HIS A 7  ? UNP O60885 ? ? 'expression tag' 34 7  
1 5Y8C HIS A 8  ? UNP O60885 ? ? 'expression tag' 35 8  
1 5Y8C HIS A 9  ? UNP O60885 ? ? 'expression tag' 36 9  
1 5Y8C HIS A 10 ? UNP O60885 ? ? 'expression tag' 37 10 
1 5Y8C LEU A 11 ? UNP O60885 ? ? 'expression tag' 38 11 
1 5Y8C VAL A 12 ? UNP O60885 ? ? 'expression tag' 39 12 
1 5Y8C PRO A 13 ? UNP O60885 ? ? 'expression tag' 40 13 
1 5Y8C ARG A 14 ? UNP O60885 ? ? 'expression tag' 41 14 
1 5Y8C GLY A 15 ? UNP O60885 ? ? 'expression tag' 42 15 
1 5Y8C SER A 16 ? UNP O60885 ? ? 'expression tag' 43 16 
# 
loop_
_chem_comp.id 
_chem_comp.type 
_chem_comp.mon_nstd_flag 
_chem_comp.name 
_chem_comp.pdbx_synonyms 
_chem_comp.formula 
_chem_comp.formula_weight 
8P9 non-polymer         . '5-chloranyl-2-methoxy-N-(6-methoxy-3-methyl-1,2-benzoxazol-5-yl)benzenesulfonamide' ? 
'C16 H15 Cl N2 O5 S' 382.819 
ALA 'L-peptide linking' y ALANINE                                                                              ? 'C3 H7 N O2' 
89.093  
ARG 'L-peptide linking' y ARGININE                                                                             ? 'C6 H15 N4 O2 1' 
175.209 
ASN 'L-peptide linking' y ASPARAGINE                                                                           ? 'C4 H8 N2 O3' 
132.118 
ASP 'L-peptide linking' y 'ASPARTIC ACID'                                                                      ? 'C4 H7 N O4' 
133.103 
CYS 'L-peptide linking' y CYSTEINE                                                                             ? 'C3 H7 N O2 S' 
121.158 
EDO non-polymer         . 1,2-ETHANEDIOL                                                                       'ETHYLENE GLYCOL' 
'C2 H6 O2'           62.068  
GLN 'L-peptide linking' y GLUTAMINE                                                                            ? 'C5 H10 N2 O3' 
146.144 
GLU 'L-peptide linking' y 'GLUTAMIC ACID'                                                                      ? 'C5 H9 N O4' 
147.129 
GLY 'peptide linking'   y GLYCINE                                                                              ? 'C2 H5 N O2' 
75.067  
GOL non-polymer         . GLYCEROL                                                                             
'GLYCERIN; PROPANE-1,2,3-TRIOL' 'C3 H8 O3'           92.094  
HIS 'L-peptide linking' y HISTIDINE                                                                            ? 'C6 H10 N3 O2 1' 
156.162 
HOH non-polymer         . WATER                                                                                ? 'H2 O' 18.015  
ILE 'L-peptide linking' y ISOLEUCINE                                                                           ? 'C6 H13 N O2' 
131.173 
LEU 'L-peptide linking' y LEUCINE                                                                              ? 'C6 H13 N O2' 
131.173 
LYS 'L-peptide linking' y LYSINE                                                                               ? 'C6 H15 N2 O2 1' 
147.195 
MET 'L-peptide linking' y METHIONINE                                                                           ? 'C5 H11 N O2 S' 
149.211 
NO3 non-polymer         . 'NITRATE ION'                                                                        ? 'N O3 -1' 62.005  
PHE 'L-peptide linking' y PHENYLALANINE                                                                        ? 'C9 H11 N O2' 
165.189 
PRO 'L-peptide linking' y PROLINE                                                                              ? 'C5 H9 N O2' 
115.130 
SER 'L-peptide linking' y SERINE                                                                               ? 'C3 H7 N O3' 
105.093 
THR 'L-peptide linking' y THREONINE                                                                            ? 'C4 H9 N O3' 
119.119 
TRP 'L-peptide linking' y TRYPTOPHAN                                                                           ? 'C11 H12 N2 O2' 
204.225 
TYR 'L-peptide linking' y TYROSINE                                                                             ? 'C9 H11 N O3' 
181.189 
VAL 'L-peptide linking' y VALINE                                                                               ? 'C5 H11 N O2' 
117.146 
# 
_exptl.absorpt_coefficient_mu     ? 
_exptl.absorpt_correction_T_max   ? 
_exptl.absorpt_correction_T_min   ? 
_exptl.absorpt_correction_type    ? 
_exptl.absorpt_process_details    ? 
_exptl.entry_id                   5Y8C 
_exptl.crystals_number            1 
_exptl.details                    ? 
_exptl.method                     'X-RAY DIFFRACTION' 
_exptl.method_details             ? 
# 
_exptl_crystal.colour                      ? 
_exptl_crystal.density_diffrn              ? 
_exptl_crystal.density_Matthews            1.98 
_exptl_crystal.density_method              ? 
_exptl_crystal.density_percent_sol         37.90 
_exptl_crystal.description                 ? 
_exptl_crystal.F_000                       ? 
_exptl_crystal.id                          1 
_exptl_crystal.preparation                 ? 
_exptl_crystal.size_max                    ? 
_exptl_crystal.size_mid                    ? 
_exptl_crystal.size_min                    ? 
_exptl_crystal.size_rad                    ? 
_exptl_crystal.colour_lustre               ? 
_exptl_crystal.colour_modifier             ? 
_exptl_crystal.colour_primary              ? 
_exptl_crystal.density_meas                ? 
_exptl_crystal.density_meas_esd            ? 
_exptl_crystal.density_meas_gt             ? 
_exptl_crystal.density_meas_lt             ? 
_exptl_crystal.density_meas_temp           ? 
_exptl_crystal.density_meas_temp_esd       ? 
_exptl_crystal.density_meas_temp_gt        ? 
_exptl_crystal.density_meas_temp_lt        ? 
_exptl_crystal.pdbx_crystal_image_url      ? 
_exptl_crystal.pdbx_crystal_image_format   ? 
_exptl_crystal.pdbx_mosaicity              ? 
_exptl_crystal.pdbx_mosaicity_esd          ? 
# 
_exptl_crystal_grow.apparatus       ? 
_exptl_crystal_grow.atmosphere      ? 
_exptl_crystal_grow.crystal_id      1 
_exptl_crystal_grow.details         ? 
_exptl_crystal_grow.method          'VAPOR DIFFUSION, SITTING DROP' 
_exptl_crystal_grow.method_ref      ? 
_exptl_crystal_grow.pH              8.2 
_exptl_crystal_grow.pressure        ? 
_exptl_crystal_grow.pressure_esd    ? 
_exptl_crystal_grow.seeding         ? 
_exptl_crystal_grow.seeding_ref     ? 
_exptl_crystal_grow.temp            277 
_exptl_crystal_grow.temp_details    ? 
_exptl_crystal_grow.temp_esd        ? 
_exptl_crystal_grow.time            ? 
_exptl_crystal_grow.pdbx_details    '20% PEG3350, 0.2M NaNO3, 0.1M HEPES, 10% EtGhly,pH 8.2' 
_exptl_crystal_grow.pdbx_pH_range   ? 
# 
_diffrn.ambient_environment    ? 
_diffrn.ambient_temp           80 
_diffrn.ambient_temp_details   'liquid nitrogen' 
_diffrn.ambient_temp_esd       ? 
_diffrn.crystal_id             1 
_diffrn.crystal_support        ? 
_diffrn.crystal_treatment      ? 
_diffrn.details                ? 
_diffrn.id                     1 
_diffrn.ambient_pressure       ? 
_diffrn.ambient_pressure_esd   ? 
_diffrn.ambient_pressure_gt    ? 
_diffrn.ambient_pressure_lt    ? 
_diffrn.ambient_temp_gt        ? 
_diffrn.ambient_temp_lt        ? 
# 
_diffrn_detector.details                      ? 
_diffrn_detector.detector                     PIXEL 
_diffrn_detector.diffrn_id                    1 
_diffrn_detector.type                         'DECTRIS PILATUS3 6M' 
_diffrn_detector.area_resol_mean              ? 
_diffrn_detector.dtime                        ? 
_diffrn_detector.pdbx_frames_total            ? 
_diffrn_detector.pdbx_collection_time_total   ? 
_diffrn_detector.pdbx_collection_date         2015-04-30 
# 
_diffrn_radiation.collimation                      ? 
_diffrn_radiation.diffrn_id                        1 
_diffrn_radiation.filter_edge                      ? 
_diffrn_radiation.inhomogeneity                    ? 
_diffrn_radiation.monochromator                    ? 
_diffrn_radiation.polarisn_norm                    ? 
_diffrn_radiation.polarisn_ratio                   ? 
_diffrn_radiation.probe                            ? 
_diffrn_radiation.type                             ? 
_diffrn_radiation.xray_symbol                      ? 
_diffrn_radiation.wavelength_id                    1 
_diffrn_radiation.pdbx_monochromatic_or_laue_m_l   M 
_diffrn_radiation.pdbx_wavelength_list             ? 
_diffrn_radiation.pdbx_wavelength                  ? 
_diffrn_radiation.pdbx_diffrn_protocol             'SINGLE WAVELENGTH' 
_diffrn_radiation.pdbx_analyzer                    ? 
_diffrn_radiation.pdbx_scattering_type             x-ray 
# 
_diffrn_radiation_wavelength.id           1 
_diffrn_radiation_wavelength.wavelength   0.97852 
_diffrn_radiation_wavelength.wt           1.0 
# 
_diffrn_source.current                     ? 
_diffrn_source.details                     ? 
_diffrn_source.diffrn_id                   1 
_diffrn_source.power                       ? 
_diffrn_source.size                        ? 
_diffrn_source.source                      SYNCHROTRON 
_diffrn_source.target                      ? 
_diffrn_source.type                        'SSRF BEAMLINE BL19U1' 
_diffrn_source.voltage                     ? 
_diffrn_source.take-off_angle              ? 
_diffrn_source.pdbx_wavelength_list        0.97852 
_diffrn_source.pdbx_wavelength             ? 
_diffrn_source.pdbx_synchrotron_beamline   BL19U1 
_diffrn_source.pdbx_synchrotron_site       SSRF 
# 
_reflns.B_iso_Wilson_estimate            ? 
_reflns.entry_id                         5Y8C 
_reflns.data_reduction_details           ? 
_reflns.data_reduction_method            ? 
_reflns.d_resolution_high                1.420 
_reflns.d_resolution_low                 78.070 
_reflns.details                          ? 
_reflns.limit_h_max                      ? 
_reflns.limit_h_min                      ? 
_reflns.limit_k_max                      ? 
_reflns.limit_k_min                      ? 
_reflns.limit_l_max                      ? 
_reflns.limit_l_min                      ? 
_reflns.number_all                       ? 
_reflns.number_obs                       25180 
_reflns.observed_criterion               ? 
_reflns.observed_criterion_F_max         ? 
_reflns.observed_criterion_F_min         ? 
_reflns.observed_criterion_I_max         ? 
_reflns.observed_criterion_I_min         ? 
_reflns.observed_criterion_sigma_F       ? 
_reflns.observed_criterion_sigma_I       ? 
_reflns.percent_possible_obs             99.800 
_reflns.R_free_details                   ? 
_reflns.Rmerge_F_all                     ? 
_reflns.Rmerge_F_obs                     ? 
_reflns.Friedel_coverage                 ? 
_reflns.number_gt                        ? 
_reflns.threshold_expression             ? 
_reflns.pdbx_redundancy                  11.500 
_reflns.pdbx_Rmerge_I_obs                0.084 
_reflns.pdbx_Rmerge_I_all                ? 
_reflns.pdbx_Rsym_value                  ? 
_reflns.pdbx_netI_over_av_sigmaI         ? 
_reflns.pdbx_netI_over_sigmaI            16.700 
_reflns.pdbx_res_netI_over_av_sigmaI_2   ? 
_reflns.pdbx_res_netI_over_sigmaI_2      ? 
_reflns.pdbx_chi_squared                 ? 
_reflns.pdbx_scaling_rejects             ? 
_reflns.pdbx_d_res_high_opt              ? 
_reflns.pdbx_d_res_low_opt               ? 
_reflns.pdbx_d_res_opt_method            ? 
_reflns.phase_calculation_details        ? 
_reflns.pdbx_Rrim_I_all                  0.087 
_reflns.pdbx_Rpim_I_all                  0.025 
_reflns.pdbx_d_opt                       ? 
_reflns.pdbx_number_measured_all         ? 
_reflns.pdbx_diffrn_id                   1 
_reflns.pdbx_ordinal                     1 
_reflns.pdbx_CC_half                     0.998 
_reflns.pdbx_R_split                     ? 
# 
loop_
_reflns_shell.d_res_high 
_reflns_shell.d_res_low 
_reflns_shell.meanI_over_sigI_all 
_reflns_shell.meanI_over_sigI_obs 
_reflns_shell.number_measured_all 
_reflns_shell.number_measured_obs 
_reflns_shell.number_possible 
_reflns_shell.number_unique_all 
_reflns_shell.number_unique_obs 
_reflns_shell.percent_possible_all 
_reflns_shell.percent_possible_obs 
_reflns_shell.Rmerge_F_all 
_reflns_shell.Rmerge_F_obs 
_reflns_shell.Rmerge_I_all 
_reflns_shell.Rmerge_I_obs 
_reflns_shell.meanI_over_sigI_gt 
_reflns_shell.meanI_over_uI_all 
_reflns_shell.meanI_over_uI_gt 
_reflns_shell.number_measured_gt 
_reflns_shell.number_unique_gt 
_reflns_shell.percent_possible_gt 
_reflns_shell.Rmerge_F_gt 
_reflns_shell.Rmerge_I_gt 
_reflns_shell.pdbx_redundancy 
_reflns_shell.pdbx_Rsym_value 
_reflns_shell.pdbx_chi_squared 
_reflns_shell.pdbx_netI_over_sigmaI_all 
_reflns_shell.pdbx_netI_over_sigmaI_obs 
_reflns_shell.pdbx_Rrim_I_all 
_reflns_shell.pdbx_Rpim_I_all 
_reflns_shell.pdbx_rejects 
_reflns_shell.pdbx_ordinal 
_reflns_shell.pdbx_diffrn_id 
_reflns_shell.pdbx_CC_half 
_reflns_shell.pdbx_R_split 
1.420 1.450  ? ? ? ? ? ? 1233 99.900 ? ? ? ? 0.450 ? ? ? ? ? ? ? ? 11.800 ? ? ? ? 0.470 0.135 ? 1 1 0.983 ? 
7.780 78.070 ? ? ? ? ? ? 201  99.800 ? ? ? ? 0.094 ? ? ? ? ? ? ? ? 10.300 ? ? ? ? 0.099 0.028 ? 2 1 0.994 ? 
# 
_refine.aniso_B[1][1]                            2.1100 
_refine.aniso_B[1][2]                            0.0000 
_refine.aniso_B[1][3]                            -0.0000 
_refine.aniso_B[2][2]                            -1.1400 
_refine.aniso_B[2][3]                            0.0000 
_refine.aniso_B[3][3]                            -0.9700 
_refine.B_iso_max                                48.670 
_refine.B_iso_mean                               17.9030 
_refine.B_iso_min                                9.990 
_refine.correlation_coeff_Fo_to_Fc               0.9600 
_refine.correlation_coeff_Fo_to_Fc_free          0.9500 
_refine.details                                  
'HYDROGENS HAVE BEEN ADDED IN THE RIDING POSITIONS U VALUES      : REFINED INDIVIDUALLY' 
_refine.diff_density_max                         ? 
_refine.diff_density_max_esd                     ? 
_refine.diff_density_min                         ? 
_refine.diff_density_min_esd                     ? 
_refine.diff_density_rms                         ? 
_refine.diff_density_rms_esd                     ? 
_refine.entry_id                                 5Y8C 
_refine.pdbx_refine_id                           'X-RAY DIFFRACTION' 
_refine.ls_abs_structure_details                 ? 
_refine.ls_abs_structure_Flack                   ? 
_refine.ls_abs_structure_Flack_esd               ? 
_refine.ls_abs_structure_Rogers                  ? 
_refine.ls_abs_structure_Rogers_esd              ? 
_refine.ls_d_res_high                            1.4200 
_refine.ls_d_res_low                             40.3900 
_refine.ls_extinction_coef                       ? 
_refine.ls_extinction_coef_esd                   ? 
_refine.ls_extinction_expression                 ? 
_refine.ls_extinction_method                     ? 
_refine.ls_goodness_of_fit_all                   ? 
_refine.ls_goodness_of_fit_all_esd               ? 
_refine.ls_goodness_of_fit_obs                   ? 
_refine.ls_goodness_of_fit_obs_esd               ? 
_refine.ls_hydrogen_treatment                    ? 
_refine.ls_matrix_type                           ? 
_refine.ls_number_constraints                    ? 
_refine.ls_number_parameters                     ? 
_refine.ls_number_reflns_all                     ? 
_refine.ls_number_reflns_obs                     23875 
_refine.ls_number_reflns_R_free                  1248 
_refine.ls_number_reflns_R_work                  ? 
_refine.ls_number_restraints                     ? 
_refine.ls_percent_reflns_obs                    99.6100 
_refine.ls_percent_reflns_R_free                 5.0000 
_refine.ls_R_factor_all                          ? 
_refine.ls_R_factor_obs                          0.1892 
_refine.ls_R_factor_R_free                       0.2137 
_refine.ls_R_factor_R_free_error                 ? 
_refine.ls_R_factor_R_free_error_details         ? 
_refine.ls_R_factor_R_work                       0.1880 
_refine.ls_R_Fsqd_factor_obs                     ? 
_refine.ls_R_I_factor_obs                        ? 
_refine.ls_redundancy_reflns_all                 ? 
_refine.ls_redundancy_reflns_obs                 ? 
_refine.ls_restrained_S_all                      ? 
_refine.ls_restrained_S_obs                      ? 
_refine.ls_shift_over_esd_max                    ? 
_refine.ls_shift_over_esd_mean                   ? 
_refine.ls_structure_factor_coef                 ? 
_refine.ls_weighting_details                     ? 
_refine.ls_weighting_scheme                      ? 
_refine.ls_wR_factor_all                         ? 
_refine.ls_wR_factor_obs                         ? 
_refine.ls_wR_factor_R_free                      ? 
_refine.ls_wR_factor_R_work                      ? 
_refine.occupancy_max                            ? 
_refine.occupancy_min                            ? 
_refine.solvent_model_details                    ? 
_refine.solvent_model_param_bsol                 ? 
_refine.solvent_model_param_ksol                 ? 
_refine.ls_R_factor_gt                           ? 
_refine.ls_goodness_of_fit_gt                    ? 
_refine.ls_goodness_of_fit_ref                   ? 
_refine.ls_shift_over_su_max                     ? 
_refine.ls_shift_over_su_max_lt                  ? 
_refine.ls_shift_over_su_mean                    ? 
_refine.ls_shift_over_su_mean_lt                 ? 
_refine.pdbx_ls_sigma_I                          ? 
_refine.pdbx_ls_sigma_F                          0.000 
_refine.pdbx_ls_sigma_Fsqd                       ? 
_refine.pdbx_data_cutoff_high_absF               ? 
_refine.pdbx_data_cutoff_high_rms_absF           ? 
_refine.pdbx_data_cutoff_low_absF                ? 
_refine.pdbx_isotropic_thermal_model             ? 
_refine.pdbx_ls_cross_valid_method               THROUGHOUT 
_refine.pdbx_method_to_determine_struct          'MOLECULAR REPLACEMENT' 
_refine.pdbx_starting_model                      3MXF 
_refine.pdbx_stereochemistry_target_values       ? 
_refine.pdbx_R_Free_selection_details            RANDOM 
_refine.pdbx_stereochem_target_val_spec_case     ? 
_refine.pdbx_overall_ESU_R                       0.0700 
_refine.pdbx_overall_ESU_R_Free                  0.0710 
_refine.pdbx_solvent_vdw_probe_radii             1.2000 
_refine.pdbx_solvent_ion_probe_radii             0.8000 
_refine.pdbx_solvent_shrinkage_radii             0.8000 
_refine.pdbx_real_space_R                        ? 
_refine.pdbx_density_correlation                 ? 
_refine.pdbx_pd_number_of_powder_patterns        ? 
_refine.pdbx_pd_number_of_points                 ? 
_refine.pdbx_pd_meas_number_of_points            ? 
_refine.pdbx_pd_proc_ls_prof_R_factor            ? 
_refine.pdbx_pd_proc_ls_prof_wR_factor           ? 
_refine.pdbx_pd_Marquardt_correlation_coeff      ? 
_refine.pdbx_pd_Fsqrd_R_factor                   ? 
_refine.pdbx_pd_ls_matrix_band_width             ? 
_refine.pdbx_overall_phase_error                 ? 
_refine.pdbx_overall_SU_R_free_Cruickshank_DPI   ? 
_refine.pdbx_overall_SU_R_free_Blow_DPI          ? 
_refine.pdbx_overall_SU_R_Blow_DPI               ? 
_refine.pdbx_TLS_residual_ADP_flag               ? 
_refine.pdbx_diffrn_id                           1 
_refine.overall_SU_B                             1.0790 
_refine.overall_SU_ML                            0.0430 
_refine.overall_SU_R_Cruickshank_DPI             ? 
_refine.overall_SU_R_free                        ? 
_refine.overall_FOM_free_R_set                   ? 
_refine.overall_FOM_work_R_set                   ? 
_refine.pdbx_average_fsc_overall                 ? 
_refine.pdbx_average_fsc_work                    ? 
_refine.pdbx_average_fsc_free                    ? 
# 
_refine_hist.cycle_id                         final 
_refine_hist.pdbx_refine_id                   'X-RAY DIFFRACTION' 
_refine_hist.d_res_high                       1.4200 
_refine_hist.d_res_low                        40.3900 
_refine_hist.pdbx_number_atoms_ligand         47 
_refine_hist.number_atoms_solvent             60 
_refine_hist.number_atoms_total               1229 
_refine_hist.pdbx_number_residues_total       134 
_refine_hist.pdbx_B_iso_mean_ligand           22.34 
_refine_hist.pdbx_B_iso_mean_solvent          22.91 
_refine_hist.pdbx_number_atoms_protein        1122 
_refine_hist.pdbx_number_atoms_nucleic_acid   0 
# 
loop_
_refine_ls_restr.pdbx_refine_id 
_refine_ls_restr.criterion 
_refine_ls_restr.dev_ideal 
_refine_ls_restr.dev_ideal_target 
_refine_ls_restr.number 
_refine_ls_restr.rejects 
_refine_ls_restr.type 
_refine_ls_restr.weight 
_refine_ls_restr.pdbx_restraint_function 
'X-RAY DIFFRACTION' ? 0.011  0.020  1220 ? r_bond_refined_d       ? ? 
'X-RAY DIFFRACTION' ? 0.003  0.020  1149 ? r_bond_other_d         ? ? 
'X-RAY DIFFRACTION' ? 1.537  1.983  1658 ? r_angle_refined_deg    ? ? 
'X-RAY DIFFRACTION' ? 0.928  3.004  2649 ? r_angle_other_deg      ? ? 
'X-RAY DIFFRACTION' ? 5.274  5.000  137  ? r_dihedral_angle_1_deg ? ? 
'X-RAY DIFFRACTION' ? 35.920 25.085 59   ? r_dihedral_angle_2_deg ? ? 
'X-RAY DIFFRACTION' ? 13.497 15.000 205  ? r_dihedral_angle_3_deg ? ? 
'X-RAY DIFFRACTION' ? 10.600 15.000 4    ? r_dihedral_angle_4_deg ? ? 
'X-RAY DIFFRACTION' ? 0.084  0.200  170  ? r_chiral_restr         ? ? 
'X-RAY DIFFRACTION' ? 0.008  0.021  1357 ? r_gen_planes_refined   ? ? 
'X-RAY DIFFRACTION' ? 0.002  0.020  285  ? r_gen_planes_other     ? ? 
# 
_refine_ls_shell.pdbx_refine_id                   'X-RAY DIFFRACTION' 
_refine_ls_shell.d_res_high                       1.4210 
_refine_ls_shell.d_res_low                        1.4580 
_refine_ls_shell.number_reflns_all                1844 
_refine_ls_shell.number_reflns_obs                ? 
_refine_ls_shell.number_reflns_R_free             99 
_refine_ls_shell.number_reflns_R_work             1745 
_refine_ls_shell.percent_reflns_obs               99.8400 
_refine_ls_shell.percent_reflns_R_free            ? 
_refine_ls_shell.R_factor_all                     ? 
_refine_ls_shell.R_factor_obs                     ? 
_refine_ls_shell.R_factor_R_free                  0.2240 
_refine_ls_shell.R_factor_R_free_error            0.0000 
_refine_ls_shell.R_factor_R_work                  0.2140 
_refine_ls_shell.redundancy_reflns_all            ? 
_refine_ls_shell.redundancy_reflns_obs            ? 
_refine_ls_shell.wR_factor_all                    ? 
_refine_ls_shell.wR_factor_obs                    ? 
_refine_ls_shell.wR_factor_R_free                 ? 
_refine_ls_shell.wR_factor_R_work                 ? 
_refine_ls_shell.pdbx_total_number_of_bins_used   20 
_refine_ls_shell.pdbx_phase_error                 ? 
_refine_ls_shell.pdbx_fsc_work                    ? 
_refine_ls_shell.pdbx_fsc_free                    ? 
# 
_struct.entry_id                     5Y8C 
_struct.title                        'Crystal Structure Analysis of the BRD4' 
_struct.pdbx_model_details           ? 
_struct.pdbx_formula_weight          ? 
_struct.pdbx_formula_weight_method   ? 
_struct.pdbx_model_type_details      ? 
_struct.pdbx_CASP_flag               N 
# 
_struct_keywords.entry_id        5Y8C 
_struct_keywords.text            'BRD4(1), Bromodomain, TRANSCRIPTION' 
_struct_keywords.pdbx_keywords   TRANSCRIPTION 
# 
loop_
_struct_asym.id 
_struct_asym.pdbx_blank_PDB_chainid_flag 
_struct_asym.pdbx_modified 
_struct_asym.entity_id 
_struct_asym.details 
A N N 1 ? 
B N N 2 ? 
C N N 2 ? 
D N N 3 ? 
E N N 4 ? 
F N N 4 ? 
G N N 5 ? 
H N N 6 ? 
# 
loop_
_struct_conf.conf_type_id 
_struct_conf.id 
_struct_conf.pdbx_PDB_helix_id 
_struct_conf.beg_label_comp_id 
_struct_conf.beg_label_asym_id 
_struct_conf.beg_label_seq_id 
_struct_conf.pdbx_beg_PDB_ins_code 
_struct_conf.end_label_comp_id 
_struct_conf.end_label_asym_id 
_struct_conf.end_label_seq_id 
_struct_conf.pdbx_end_PDB_ins_code 
_struct_conf.beg_auth_comp_id 
_struct_conf.beg_auth_asym_id 
_struct_conf.beg_auth_seq_id 
_struct_conf.end_auth_comp_id 
_struct_conf.end_auth_asym_id 
_struct_conf.end_auth_seq_id 
_struct_conf.pdbx_PDB_helix_class 
_struct_conf.details 
_struct_conf.pdbx_PDB_helix_length 
HELX_P HELX_P1 AA1 THR A 33  ? VAL A 42  ? THR A 60  VAL A 69  1 ? 10 
HELX_P HELX_P2 AA2 VAL A 42  ? LYS A 49  ? VAL A 69  LYS A 76  1 ? 8  
HELX_P HELX_P3 AA3 ALA A 53  ? GLN A 57  ? ALA A 80  GLN A 84  5 ? 5  
HELX_P HELX_P4 AA4 ASP A 69  ? ILE A 74  ? ASP A 96  ILE A 101 1 ? 6  
HELX_P HELX_P5 AA5 ASP A 79  ? ASN A 89  ? ASP A 106 ASN A 116 1 ? 11 
HELX_P HELX_P6 AA6 ASN A 94  ? ASN A 113 ? ASN A 121 ASN A 140 1 ? 20 
HELX_P HELX_P7 AA7 ASP A 117 ? ASN A 135 ? ASP A 144 ASN A 162 1 ? 19 
# 
_struct_conf_type.id          HELX_P 
_struct_conf_type.criteria    ? 
_struct_conf_type.reference   ? 
# 
_struct_mon_prot_cis.pdbx_id                1 
_struct_mon_prot_cis.label_comp_id          VAL 
_struct_mon_prot_cis.label_seq_id           12 
_struct_mon_prot_cis.label_asym_id          A 
_struct_mon_prot_cis.label_alt_id           . 
_struct_mon_prot_cis.pdbx_PDB_ins_code      ? 
_struct_mon_prot_cis.auth_comp_id           VAL 
_struct_mon_prot_cis.auth_seq_id            39 
_struct_mon_prot_cis.auth_asym_id           A 
_struct_mon_prot_cis.pdbx_label_comp_id_2   PRO 
_struct_mon_prot_cis.pdbx_label_seq_id_2    13 
_struct_mon_prot_cis.pdbx_label_asym_id_2   A 
_struct_mon_prot_cis.pdbx_PDB_ins_code_2    ? 
_struct_mon_prot_cis.pdbx_auth_comp_id_2    PRO 
_struct_mon_prot_cis.pdbx_auth_seq_id_2     40 
_struct_mon_prot_cis.pdbx_auth_asym_id_2    A 
_struct_mon_prot_cis.pdbx_PDB_model_num     1 
_struct_mon_prot_cis.pdbx_omega_angle       -4.40 
# 
loop_
_struct_site.id 
_struct_site.pdbx_evidence_code 
_struct_site.pdbx_auth_asym_id 
_struct_site.pdbx_auth_comp_id 
_struct_site.pdbx_auth_seq_id 
_struct_site.pdbx_auth_ins_code 
_struct_site.pdbx_num_residues 
_struct_site.details 
AC1 Software A NO3 201 ? 8  'binding site for residue NO3 A 201' 
AC2 Software A NO3 202 ? 5  'binding site for residue NO3 A 202' 
AC3 Software A 8P9 203 ? 11 'binding site for residue 8P9 A 203' 
AC4 Software A EDO 204 ? 5  'binding site for residue EDO A 204' 
AC5 Software A EDO 205 ? 6  'binding site for residue EDO A 205' 
AC6 Software A GOL 206 ? 9  'binding site for residue GOL A 206' 
# 
loop_
_struct_site_gen.id 
_struct_site_gen.site_id 
_struct_site_gen.pdbx_num_res 
_struct_site_gen.label_comp_id 
_struct_site_gen.label_asym_id 
_struct_site_gen.label_seq_id 
_struct_site_gen.pdbx_auth_ins_code 
_struct_site_gen.auth_comp_id 
_struct_site_gen.auth_asym_id 
_struct_site_gen.auth_seq_id 
_struct_site_gen.label_atom_id 
_struct_site_gen.label_alt_id 
_struct_site_gen.symmetry 
_struct_site_gen.details 
1  AC1 8  HIS A 8   ? HIS A 35  . ? 1_555 ? 
2  AC1 8  HIS A 9   ? HIS A 36  . ? 1_555 ? 
3  AC1 8  HIS A 10  ? HIS A 37  . ? 1_555 ? 
4  AC1 8  LEU A 11  ? LEU A 38  . ? 1_555 ? 
5  AC1 8  VAL A 12  ? VAL A 39  . ? 1_555 ? 
6  AC1 8  GLN A 96  ? GLN A 123 . ? 1_565 ? 
7  AC1 8  ILE A 99  ? ILE A 126 . ? 1_565 ? 
8  AC1 8  ASN A 103 ? ASN A 130 . ? 1_565 ? 
9  AC2 5  PRO A 29  ? PRO A 56  . ? 1_555 ? 
10 AC2 5  LYS A 30  ? LYS A 57  . ? 1_555 ? 
11 AC2 5  TYR A 71  ? TYR A 98  . ? 3_644 ? 
12 AC2 5  LYS A 72  ? LYS A 99  . ? 3_644 ? 
13 AC2 5  LYS A 75  ? LYS A 102 . ? 3_644 ? 
14 AC3 11 TRP A 54  ? TRP A 81  . ? 1_555 ? 
15 AC3 11 PRO A 55  ? PRO A 82  . ? 1_555 ? 
16 AC3 11 VAL A 60  ? VAL A 87  . ? 1_555 ? 
17 AC3 11 LEU A 65  ? LEU A 92  . ? 1_555 ? 
18 AC3 11 LEU A 67  ? LEU A 94  . ? 1_555 ? 
19 AC3 11 LYS A 72  ? LYS A 99  . ? 4_455 ? 
20 AC3 11 ASN A 113 ? ASN A 140 . ? 1_555 ? 
21 AC3 11 MET A 122 ? MET A 149 . ? 1_555 ? 
22 AC3 11 HOH H .   ? HOH A 311 . ? 1_555 ? 
23 AC3 11 HOH H .   ? HOH A 318 . ? 1_555 ? 
24 AC3 11 HOH H .   ? HOH A 324 . ? 1_555 ? 
25 AC4 5  ILE A 73  ? ILE A 100 . ? 1_555 ? 
26 AC4 5  ILE A 74  ? ILE A 101 . ? 1_555 ? 
27 AC4 5  LYS A 75  ? LYS A 102 . ? 1_555 ? 
28 AC4 5  THR A 76  ? THR A 103 . ? 1_555 ? 
29 AC4 5  ASN A 108 ? ASN A 135 . ? 1_555 ? 
30 AC5 6  PRO A 19  ? PRO A 46  . ? 3_644 ? 
31 AC5 6  PRO A 20  ? PRO A 47  . ? 3_644 ? 
32 AC5 6  ARG A 31  ? ARG A 58  . ? 1_555 ? 
33 AC5 6  TRP A 93  ? TRP A 120 . ? 1_555 ? 
34 AC5 6  ASN A 94  ? ASN A 121 . ? 1_555 ? 
35 AC5 6  HOH H .   ? HOH A 308 . ? 3_644 ? 
36 AC6 9  TYR A 38  ? TYR A 65  . ? 1_555 ? 
37 AC6 9  VAL A 42  ? VAL A 69  . ? 1_555 ? 
38 AC6 9  TYR A 110 ? TYR A 137 . ? 4_445 ? 
39 AC6 9  PRO A 115 ? PRO A 142 . ? 4_445 ? 
40 AC6 9  VAL A 120 ? VAL A 147 . ? 4_445 ? 
41 AC6 9  GLU A 124 ? GLU A 151 . ? 4_445 ? 
42 AC6 9  LYS A 133 ? LYS A 160 . ? 1_555 ? 
43 AC6 9  GLU A 136 ? GLU A 163 . ? 1_555 ? 
44 AC6 9  HOH H .   ? HOH A 322 . ? 1_555 ? 
# 
_atom_sites.entry_id                    5Y8C 
_atom_sites.fract_transf_matrix[1][1]   0.00163402 
_atom_sites.fract_transf_matrix[1][2]   0.01840454 
_atom_sites.fract_transf_matrix[1][3]   -0.02157949 
_atom_sites.fract_transf_matrix[2][1]   0.01939613 
_atom_sites.fract_transf_matrix[2][2]   0.00570346 
_atom_sites.fract_transf_matrix[2][3]   0.00633302 
_atom_sites.fract_transf_matrix[3][1]   0.00509987 
_atom_sites.fract_transf_matrix[3][2]   -0.00912795 
_atom_sites.fract_transf_matrix[3][3]   -0.00739881 
_atom_sites.fract_transf_vector[1]      0.337286 
_atom_sites.fract_transf_vector[2]      -0.005832 
_atom_sites.fract_transf_vector[3]      -0.104209 
# 
loop_
_atom_type.symbol 
C  
CL 
N  
O  
S  
# 
loop_
_atom_site.group_PDB 
_atom_site.id 
_atom_site.type_symbol 
_atom_site.label_atom_id 
_atom_site.label_alt_id 
_atom_site.label_comp_id 
_atom_site.label_asym_id 
_atom_site.label_entity_id 
_atom_site.label_seq_id 
_atom_site.pdbx_PDB_ins_code 
_atom_site.Cartn_x 
_atom_site.Cartn_y 
_atom_site.Cartn_z 
_atom_site.occupancy 
_atom_site.B_iso_or_equiv 
_atom_site.pdbx_formal_charge 
_atom_site.auth_seq_id 
_atom_site.auth_comp_id 
_atom_site.auth_asym_id 
_atom_site.auth_atom_id 
_atom_site.pdbx_PDB_model_num 
ATOM   1    N  N    . HIS A 1 6   ? 39.220  20.182  0.408   1.00 38.18 ? 33  HIS A N    1 
ATOM   2    C  CA   . HIS A 1 6   ? 38.352  20.455  1.590   1.00 36.71 ? 33  HIS A CA   1 
ATOM   3    C  C    . HIS A 1 6   ? 37.928  19.139  2.256   1.00 30.75 ? 33  HIS A C    1 
ATOM   4    O  O    . HIS A 1 6   ? 37.793  18.103  1.612   1.00 27.90 ? 33  HIS A O    1 
ATOM   5    C  CB   . HIS A 1 6   ? 37.152  21.309  1.171   1.00 40.46 ? 33  HIS A CB   1 
ATOM   6    C  CG   . HIS A 1 6   ? 36.440  21.980  2.303   1.00 44.71 ? 33  HIS A CG   1 
ATOM   7    N  ND1  . HIS A 1 6   ? 35.107  22.327  2.238   1.00 47.73 ? 33  HIS A ND1  1 
ATOM   8    C  CD2  . HIS A 1 6   ? 36.872  22.384  3.519   1.00 47.16 ? 33  HIS A CD2  1 
ATOM   9    C  CE1  . HIS A 1 6   ? 34.748  22.907  3.369   1.00 48.12 ? 33  HIS A CE1  1 
ATOM   10   N  NE2  . HIS A 1 6   ? 35.799  22.949  4.167   1.00 47.46 ? 33  HIS A NE2  1 
ATOM   11   N  N    . HIS A 1 7   ? 37.745  19.196  3.570   1.00 28.13 ? 34  HIS A N    1 
ATOM   12   C  CA   . HIS A 1 7   ? 37.516  18.017  4.390   1.00 26.22 ? 34  HIS A CA   1 
ATOM   13   C  C    . HIS A 1 7   ? 36.034  17.698  4.620   1.00 23.72 ? 34  HIS A C    1 
ATOM   14   O  O    . HIS A 1 7   ? 35.722  16.818  5.418   1.00 23.20 ? 34  HIS A O    1 
ATOM   15   C  CB   . HIS A 1 7   ? 38.217  18.190  5.738   1.00 27.01 ? 34  HIS A CB   1 
ATOM   16   C  CG   . HIS A 1 7   ? 39.679  18.498  5.620   1.00 29.37 ? 34  HIS A CG   1 
ATOM   17   N  ND1  . HIS A 1 7   ? 40.533  17.749  4.841   1.00 30.16 ? 34  HIS A ND1  1 
ATOM   18   C  CD2  . HIS A 1 7   ? 40.437  19.466  6.189   1.00 30.67 ? 34  HIS A CD2  1 
ATOM   19   C  CE1  . HIS A 1 7   ? 41.755  18.246  4.927   1.00 30.82 ? 34  HIS A CE1  1 
ATOM   20   N  NE2  . HIS A 1 7   ? 41.723  19.288  5.738   1.00 32.18 ? 34  HIS A NE2  1 
ATOM   21   N  N    . HIS A 1 8   ? 35.133  18.400  3.933   1.00 22.06 ? 35  HIS A N    1 
ATOM   22   C  CA   . HIS A 1 8   ? 33.716  18.057  3.944   1.00 22.63 ? 35  HIS A CA   1 
ATOM   23   C  C    . HIS A 1 8   ? 33.533  17.102  2.781   1.00 21.87 ? 35  HIS A C    1 
ATOM   24   O  O    . HIS A 1 8   ? 33.663  17.499  1.621   1.00 20.98 ? 35  HIS A O    1 
ATOM   25   C  CB   . HIS A 1 8   ? 32.822  19.306  3.801   1.00 23.91 ? 35  HIS A CB   1 
ATOM   26   C  CG   . HIS A 1 8   ? 31.373  19.079  4.140   1.00 25.58 ? 35  HIS A CG   1 
ATOM   27   N  ND1  . HIS A 1 8   ? 30.807  17.830  4.265   1.00 29.30 ? 35  HIS A ND1  1 
ATOM   28   C  CD2  . HIS A 1 8   ? 30.373  19.962  4.379   1.00 27.81 ? 35  HIS A CD2  1 
ATOM   29   C  CE1  . HIS A 1 8   ? 29.523  17.947  4.559   1.00 28.33 ? 35  HIS A CE1  1 
ATOM   30   N  NE2  . HIS A 1 8   ? 29.236  19.234  4.636   1.00 28.57 ? 35  HIS A NE2  1 
ATOM   31   N  N    . HIS A 1 9   ? 33.298  15.829  3.104   1.00 20.61 ? 36  HIS A N    1 
ATOM   32   C  CA   . HIS A 1 9   ? 33.136  14.766  2.094   1.00 21.84 ? 36  HIS A CA   1 
ATOM   33   C  C    . HIS A 1 9   ? 31.665  14.363  1.836   1.00 21.62 ? 36  HIS A C    1 
ATOM   34   O  O    . HIS A 1 9   ? 31.414  13.365  1.169   1.00 21.42 ? 36  HIS A O    1 
ATOM   35   C  CB   . HIS A 1 9   ? 33.959  13.527  2.515   1.00 22.03 ? 36  HIS A CB   1 
ATOM   36   C  CG   . HIS A 1 9   ? 35.445  13.749  2.526   1.00 22.78 ? 36  HIS A CG   1 
ATOM   37   N  ND1  . HIS A 1 9   ? 36.341  12.728  2.762   1.00 24.42 ? 36  HIS A ND1  1 
ATOM   38   C  CD2  . HIS A 1 9   ? 36.191  14.863  2.326   1.00 23.77 ? 36  HIS A CD2  1 
ATOM   39   C  CE1  . HIS A 1 9   ? 37.576  13.203  2.711   1.00 23.84 ? 36  HIS A CE1  1 
ATOM   40   N  NE2  . HIS A 1 9   ? 37.513  14.495  2.444   1.00 24.46 ? 36  HIS A NE2  1 
ATOM   41   N  N    . HIS A 1 10  ? 30.718  15.157  2.345   1.00 20.28 ? 37  HIS A N    1 
ATOM   42   C  CA   . HIS A 1 10  ? 29.274  14.964  2.155   1.00 20.97 ? 37  HIS A CA   1 
ATOM   43   C  C    . HIS A 1 10  ? 28.769  13.586  2.617   1.00 19.64 ? 37  HIS A C    1 
ATOM   44   O  O    . HIS A 1 10  ? 27.886  12.986  2.001   1.00 19.39 ? 37  HIS A O    1 
ATOM   45   C  CB   . HIS A 1 10  ? 28.905  15.235  0.687   1.00 23.01 ? 37  HIS A CB   1 
ATOM   46   C  CG   . HIS A 1 10  ? 29.444  16.532  0.161   1.00 24.98 ? 37  HIS A CG   1 
ATOM   47   N  ND1  . HIS A 1 10  ? 28.659  17.647  -0.041  1.00 29.07 ? 37  HIS A ND1  1 
ATOM   48   C  CD2  . HIS A 1 10  ? 30.699  16.887  -0.194  1.00 28.22 ? 37  HIS A CD2  1 
ATOM   49   C  CE1  . HIS A 1 10  ? 29.412  18.635  -0.498  1.00 30.23 ? 37  HIS A CE1  1 
ATOM   50   N  NE2  . HIS A 1 10  ? 30.656  18.197  -0.600  1.00 30.27 ? 37  HIS A NE2  1 
ATOM   51   N  N    . LEU A 1 11  ? 29.335  13.080  3.718   1.00 17.78 ? 38  LEU A N    1 
ATOM   52   C  CA   . LEU A 1 11  ? 28.892  11.827  4.325   1.00 18.00 ? 38  LEU A CA   1 
ATOM   53   C  C    . LEU A 1 11  ? 27.657  12.028  5.211   1.00 17.60 ? 38  LEU A C    1 
ATOM   54   O  O    . LEU A 1 11  ? 26.996  11.063  5.572   1.00 18.39 ? 38  LEU A O    1 
ATOM   55   C  CB   . LEU A 1 11  ? 30.044  11.194  5.113   1.00 16.85 ? 38  LEU A CB   1 
ATOM   56   C  CG   . LEU A 1 11  ? 31.261  10.802  4.270   1.00 17.61 ? 38  LEU A CG   1 
ATOM   57   C  CD1  . LEU A 1 11  ? 32.455  10.434  5.131   1.00 17.39 ? 38  LEU A CD1  1 
ATOM   58   C  CD2  . LEU A 1 11  ? 30.920  9.656   3.325   1.00 17.64 ? 38  LEU A CD2  1 
ATOM   59   N  N    . VAL A 1 12  ? 27.351  13.280  5.545   1.00 17.78 ? 39  VAL A N    1 
ATOM   60   C  CA   . VAL A 1 12  ? 26.106  13.663  6.207   1.00 18.56 ? 39  VAL A CA   1 
ATOM   61   C  C    . VAL A 1 12  ? 25.668  14.981  5.554   1.00 19.72 ? 39  VAL A C    1 
ATOM   62   O  O    . VAL A 1 12  ? 26.519  15.664  4.960   1.00 21.62 ? 39  VAL A O    1 
ATOM   63   C  CB   . VAL A 1 12  ? 26.273  13.868  7.736   1.00 18.24 ? 39  VAL A CB   1 
ATOM   64   C  CG1  . VAL A 1 12  ? 26.273  12.539  8.466   1.00 18.67 ? 39  VAL A CG1  1 
ATOM   65   C  CG2  . VAL A 1 12  ? 27.518  14.688  8.081   1.00 18.40 ? 39  VAL A CG2  1 
ATOM   66   N  N    . PRO A 1 13  ? 24.381  15.349  5.609   1.00 19.30 ? 40  PRO A N    1 
ATOM   67   C  CA   . PRO A 1 13  ? 23.273  14.555  6.174   1.00 18.62 ? 40  PRO A CA   1 
ATOM   68   C  C    . PRO A 1 13  ? 22.937  13.310  5.344   1.00 19.51 ? 40  PRO A C    1 
ATOM   69   O  O    . PRO A 1 13  ? 23.372  13.192  4.200   1.00 19.85 ? 40  PRO A O    1 
ATOM   70   C  CB   . PRO A 1 13  ? 22.108  15.550  6.140   1.00 18.97 ? 40  PRO A CB   1 
ATOM   71   C  CG   . PRO A 1 13  ? 22.400  16.347  4.927   1.00 19.52 ? 40  PRO A CG   1 
ATOM   72   C  CD   . PRO A 1 13  ? 23.877  16.602  5.020   1.00 19.26 ? 40  PRO A CD   1 
ATOM   73   N  N    . ARG A 1 14  ? 22.189  12.390  5.951   1.00 18.76 ? 41  ARG A N    1 
ATOM   74   C  CA   . ARG A 1 14  ? 21.837  11.087  5.354   1.00 18.73 ? 41  ARG A CA   1 
ATOM   75   C  C    . ARG A 1 14  ? 20.438  11.134  4.750   1.00 19.36 ? 41  ARG A C    1 
ATOM   76   O  O    . ARG A 1 14  ? 19.669  12.072  5.007   1.00 20.49 ? 41  ARG A O    1 
ATOM   77   C  CB   . ARG A 1 14  ? 21.891  9.965   6.423   1.00 19.58 ? 41  ARG A CB   1 
ATOM   78   C  CG   . ARG A 1 14  ? 23.148  9.914   7.297   1.00 19.42 ? 41  ARG A CG   1 
ATOM   79   C  CD   . ARG A 1 14  ? 24.385  9.539   6.488   1.00 17.90 ? 41  ARG A CD   1 
ATOM   80   N  NE   . ARG A 1 14  ? 24.331  8.198   5.889   1.00 17.68 ? 41  ARG A NE   1 
ATOM   81   C  CZ   . ARG A 1 14  ? 25.260  7.683   5.069   1.00 16.76 ? 41  ARG A CZ   1 
ATOM   82   N  NH1  . ARG A 1 14  ? 25.098  6.464   4.581   1.00 17.44 ? 41  ARG A NH1  1 
ATOM   83   N  NH2  . ARG A 1 14  ? 26.346  8.377   4.723   1.00 16.10 ? 41  ARG A NH2  1 
ATOM   84   N  N    . GLY A 1 15  ? 20.125  10.114  3.951   1.00 18.89 ? 42  GLY A N    1 
ATOM   85   C  CA   . GLY A 1 15  ? 18.765  9.835   3.493   1.00 19.46 ? 42  GLY A CA   1 
ATOM   86   C  C    . GLY A 1 15  ? 17.837  9.423   4.624   1.00 19.71 ? 42  GLY A C    1 
ATOM   87   O  O    . GLY A 1 15  ? 18.229  9.330   5.818   1.00 20.80 ? 42  GLY A O    1 
ATOM   88   N  N    . SER A 1 16  ? 16.602  9.155   4.229   1.00 18.10 ? 43  SER A N    1 
ATOM   89   C  CA   . SER A 1 16  ? 15.580  8.775   5.148   1.00 19.15 ? 43  SER A CA   1 
ATOM   90   C  C    . SER A 1 16  ? 14.377  8.346   4.330   1.00 16.95 ? 43  SER A C    1 
ATOM   91   O  O    . SER A 1 16  ? 14.296  8.537   3.118   1.00 17.56 ? 43  SER A O    1 
ATOM   92   C  CB   . SER A 1 16  ? 15.212  9.963   6.057   1.00 19.19 ? 43  SER A CB   1 
ATOM   93   O  OG   . SER A 1 16  ? 14.893  11.103  5.278   1.00 20.61 ? 43  SER A OG   1 
ATOM   94   N  N    . ASN A 1 17  ? 13.456  7.761   5.049   1.00 17.39 ? 44  ASN A N    1 
ATOM   95   C  CA   . ASN A 1 17  ? 12.158  7.468   4.485   1.00 15.85 ? 44  ASN A CA   1 
ATOM   96   C  C    . ASN A 1 17  ? 11.281  8.694   4.680   1.00 15.87 ? 44  ASN A C    1 
ATOM   97   O  O    . ASN A 1 17  ? 11.457  9.435   5.637   1.00 16.17 ? 44  ASN A O    1 
ATOM   98   C  CB   . ASN A 1 17  ? 11.577  6.259   5.190   1.00 16.26 ? 44  ASN A CB   1 
ATOM   99   C  CG   . ASN A 1 17  ? 12.319  5.005   4.844   1.00 16.75 ? 44  ASN A CG   1 
ATOM   100  O  OD1  . ASN A 1 17  ? 12.547  4.718   3.666   1.00 17.70 ? 44  ASN A OD1  1 
ATOM   101  N  ND2  . ASN A 1 17  ? 12.716  4.265   5.866   1.00 17.75 ? 44  ASN A ND2  1 
ATOM   102  N  N    . PRO A 1 18  ? 10.340  8.936   3.761   1.00 13.50 ? 45  PRO A N    1 
ATOM   103  C  CA   . PRO A 1 18  ? 9.410   10.034  3.995   1.00 13.60 ? 45  PRO A CA   1 
ATOM   104  C  C    . PRO A 1 18  ? 8.479   9.669   5.124   1.00 14.42 ? 45  PRO A C    1 
ATOM   105  O  O    . PRO A 1 18  ? 8.360   8.496   5.454   1.00 14.29 ? 45  PRO A O    1 
ATOM   106  C  CB   . PRO A 1 18  ? 8.602   10.091  2.708   1.00 13.51 ? 45  PRO A CB   1 
ATOM   107  C  CG   . PRO A 1 18  ? 8.606   8.686   2.204   1.00 14.26 ? 45  PRO A CG   1 
ATOM   108  C  CD   . PRO A 1 18  ? 9.909   8.089   2.635   1.00 14.22 ? 45  PRO A CD   1 
ATOM   109  N  N    . PRO A 1 19  ? 7.768   10.644  5.680   1.00 14.88 ? 46  PRO A N    1 
ATOM   110  C  CA   . PRO A 1 19  ? 6.707   10.282  6.613   1.00 16.13 ? 46  PRO A CA   1 
ATOM   111  C  C    . PRO A 1 19  ? 5.679   9.382   5.922   1.00 16.29 ? 46  PRO A C    1 
ATOM   112  O  O    . PRO A 1 19  ? 5.402   9.580   4.735   1.00 17.50 ? 46  PRO A O    1 
ATOM   113  C  CB   . PRO A 1 19  ? 6.087   11.626  7.001   1.00 17.04 ? 46  PRO A CB   1 
ATOM   114  C  CG   . PRO A 1 19  ? 6.492   12.577  5.961   1.00 17.27 ? 46  PRO A CG   1 
ATOM   115  C  CD   . PRO A 1 19  ? 7.758   12.067  5.313   1.00 15.59 ? 46  PRO A CD   1 
ATOM   116  N  N    . PRO A 1 20  ? 5.129   8.406   6.657   1.00 15.46 ? 47  PRO A N    1 
ATOM   117  C  CA   . PRO A 1 20  ? 4.190   7.493   6.021   1.00 16.04 ? 47  PRO A CA   1 
ATOM   118  C  C    . PRO A 1 20  ? 2.860   8.172   5.750   1.00 15.75 ? 47  PRO A C    1 
ATOM   119  O  O    . PRO A 1 20  ? 2.585   9.247   6.293   1.00 16.17 ? 47  PRO A O    1 
ATOM   120  C  CB   . PRO A 1 20  ? 4.038   6.380   7.050   1.00 17.36 ? 47  PRO A CB   1 
ATOM   121  C  CG   . PRO A 1 20  ? 4.275   7.053   8.355   1.00 17.93 ? 47  PRO A CG   1 
ATOM   122  C  CD   . PRO A 1 20  ? 5.322   8.090   8.082   1.00 17.43 ? 47  PRO A CD   1 
ATOM   123  N  N    . PRO A 1 21  ? 2.025   7.570   4.904   1.00 15.01 ? 48  PRO A N    1 
ATOM   124  C  CA   . PRO A 1 21  ? 0.680   8.121   4.701   1.00 14.92 ? 48  PRO A CA   1 
ATOM   125  C  C    . PRO A 1 21  ? -0.140  8.195   5.992   1.00 15.29 ? 48  PRO A C    1 
ATOM   126  O  O    . PRO A 1 21  ? 0.012   7.370   6.875   1.00 14.84 ? 48  PRO A O    1 
ATOM   127  C  CB   . PRO A 1 21  ? 0.050   7.114   3.727   1.00 15.33 ? 48  PRO A CB   1 
ATOM   128  C  CG   . PRO A 1 21  ? 1.185   6.452   3.048   1.00 15.36 ? 48  PRO A CG   1 
ATOM   129  C  CD   . PRO A 1 21  ? 2.237   6.358   4.090   1.00 15.14 ? 48  PRO A CD   1 
ATOM   130  N  N    . GLU A 1 22  ? -0.994  9.204   6.124   1.00 15.62 ? 49  GLU A N    1 
ATOM   131  C  CA   . GLU A 1 22  ? -1.799  9.308   7.323   1.00 16.91 ? 49  GLU A CA   1 
ATOM   132  C  C    . GLU A 1 22  ? -2.779  8.145   7.437   1.00 14.95 ? 49  GLU A C    1 
ATOM   133  O  O    . GLU A 1 22  ? -3.266  7.626   6.422   1.00 14.75 ? 49  GLU A O    1 
ATOM   134  C  CB   . GLU A 1 22  ? -2.589  10.610  7.353   1.00 19.45 ? 49  GLU A CB   1 
ATOM   135  C  CG   . GLU A 1 22  ? -3.692  10.714  6.314   1.00 22.22 ? 49  GLU A CG   1 
ATOM   136  C  CD   . GLU A 1 22  ? -4.411  12.046  6.379   1.00 25.60 ? 49  GLU A CD   1 
ATOM   137  O  OE1  . GLU A 1 22  ? -5.507  12.203  5.793   1.00 27.73 ? 49  GLU A OE1  1 
ATOM   138  O  OE2  . GLU A 1 22  ? -3.852  12.950  7.019   1.00 29.69 ? 49  GLU A OE2  1 
ATOM   139  N  N    . THR A 1 23  ? -3.063  7.759   8.668   1.00 14.94 ? 50  THR A N    1 
ATOM   140  C  CA   . THR A 1 23  ? -4.071  6.776   8.979   1.00 14.97 ? 50  THR A CA   1 
ATOM   141  C  C    . THR A 1 23  ? -5.221  7.343   9.836   1.00 14.91 ? 50  THR A C    1 
ATOM   142  O  O    . THR A 1 23  ? -6.166  6.622   10.147  1.00 16.60 ? 50  THR A O    1 
ATOM   143  C  CB   . THR A 1 23  ? -3.427  5.593   9.675   1.00 15.97 ? 50  THR A CB   1 
ATOM   144  O  OG1  . THR A 1 23  ? -2.727  6.058   10.827  1.00 17.61 ? 50  THR A OG1  1 
ATOM   145  C  CG2  . THR A 1 23  ? -2.463  4.876   8.722   1.00 16.12 ? 50  THR A CG2  1 
ATOM   146  N  N    . SER A 1 24  ? -5.117  8.625   10.142  1.00 15.19 ? 51  SER A N    1 
ATOM   147  C  CA   . SER A 1 24  ? -6.063  9.349   10.980  1.00 17.04 ? 51  SER A CA   1 
ATOM   148  C  C    . SER A 1 24  ? -6.133  10.748  10.440  1.00 16.27 ? 51  SER A C    1 
ATOM   149  O  O    . SER A 1 24  ? -5.137  11.326  10.006  1.00 17.93 ? 51  SER A O    1 
ATOM   150  C  CB   . SER A 1 24  ? -5.579  9.386   12.431  1.00 19.94 ? 51  SER A CB   1 
ATOM   151  O  OG   . SER A 1 24  ? -6.021  8.215   13.057  1.00 27.62 ? 51  SER A OG   1 
ATOM   152  N  N    . ASN A 1 25  ? -7.328  11.299  10.462  1.00 14.51 ? 52  ASN A N    1 
ATOM   153  C  CA   . ASN A 1 25  ? -7.539  12.700  10.089  1.00 14.16 ? 52  ASN A CA   1 
ATOM   154  C  C    . ASN A 1 25  ? -8.902  13.101  10.640  1.00 14.26 ? 52  ASN A C    1 
ATOM   155  O  O    . ASN A 1 25  ? -9.913  12.806  10.025  1.00 13.80 ? 52  ASN A O    1 
ATOM   156  C  CB   . ASN A 1 25  ? -7.483  12.900  8.576   1.00 14.82 ? 52  ASN A CB   1 
ATOM   157  C  CG   . ASN A 1 25  ? -7.713  14.334  8.165   1.00 16.41 ? 52  ASN A CG   1 
ATOM   158  O  OD1  . ASN A 1 25  ? -8.218  15.138  8.940   1.00 16.76 ? 52  ASN A OD1  1 
ATOM   159  N  ND2  . ASN A 1 25  ? -7.297  14.662  6.940   1.00 18.41 ? 52  ASN A ND2  1 
ATOM   160  N  N    . PRO A 1 26  ? -8.928  13.746  11.808  1.00 14.08 ? 53  PRO A N    1 
ATOM   161  C  CA   . PRO A 1 26  ? -10.218 13.973  12.442  1.00 14.35 ? 53  PRO A CA   1 
ATOM   162  C  C    . PRO A 1 26  ? -11.218 14.798  11.650  1.00 13.20 ? 53  PRO A C    1 
ATOM   163  O  O    . PRO A 1 26  ? -12.412 14.575  11.833  1.00 14.93 ? 53  PRO A O    1 
ATOM   164  C  CB   . PRO A 1 26  ? -9.839  14.665  13.755  1.00 14.87 ? 53  PRO A CB   1 
ATOM   165  C  CG   . PRO A 1 26  ? -8.519  14.083  14.072  1.00 15.25 ? 53  PRO A CG   1 
ATOM   166  C  CD   . PRO A 1 26  ? -7.813  13.993  12.753  1.00 14.84 ? 53  PRO A CD   1 
ATOM   167  N  N    . ASN A 1 27  ? -10.762 15.741  10.822  1.00 12.33 ? 54  ASN A N    1 
ATOM   168  C  CA   . ASN A 1 27  ? -11.658 16.517  10.004  1.00 12.70 ? 54  ASN A CA   1 
ATOM   169  C  C    . ASN A 1 27  ? -12.039 15.890  8.683   1.00 12.92 ? 54  ASN A C    1 
ATOM   170  O  O    . ASN A 1 27  ? -12.831 16.464  7.955   1.00 14.92 ? 54  ASN A O    1 
ATOM   171  C  CB   . ASN A 1 27  ? -11.101 17.914  9.758   1.00 12.72 ? 54  ASN A CB   1 
ATOM   172  C  CG   . ASN A 1 27  ? -11.264 18.808  10.964  1.00 13.38 ? 54  ASN A CG   1 
ATOM   173  O  OD1  . ASN A 1 27  ? -12.349 18.857  11.562  1.00 14.13 ? 54  ASN A OD1  1 
ATOM   174  N  ND2  . ASN A 1 27  ? -10.233 19.607  11.259  1.00 13.44 ? 54  ASN A ND2  1 
ATOM   175  N  N    . LYS A 1 28  ? -11.474 14.728  8.357   1.00 12.85 ? 55  LYS A N    1 
ATOM   176  C  CA   . LYS A 1 28  ? -11.906 14.034  7.140   1.00 13.07 ? 55  LYS A CA   1 
ATOM   177  C  C    . LYS A 1 28  ? -13.288 13.409  7.337   1.00 12.86 ? 55  LYS A C    1 
ATOM   178  O  O    . LYS A 1 28  ? -13.519 12.786  8.366   1.00 13.34 ? 55  LYS A O    1 
ATOM   179  C  CB   . LYS A 1 28  ? -10.930 12.938  6.770   1.00 12.56 ? 55  LYS A CB   1 
ATOM   180  C  CG   . LYS A 1 28  ? -11.269 12.260  5.450   1.00 12.88 ? 55  LYS A CG   1 
ATOM   181  C  CD   . LYS A 1 28  ? -10.336 11.097  5.147   1.00 13.37 ? 55  LYS A CD   1 
ATOM   182  C  CE   . LYS A 1 28  ? -10.774 10.331  3.890   1.00 13.36 ? 55  LYS A CE   1 
ATOM   183  N  NZ   . LYS A 1 28  ? -12.117 9.730   4.046   1.00 13.56 ? 55  LYS A NZ   1 
ATOM   184  N  N    . PRO A 1 29  ? -14.188 13.539  6.329   1.00 13.42 ? 56  PRO A N    1 
ATOM   185  C  CA   . PRO A 1 29  ? -15.470 12.829  6.411   1.00 14.14 ? 56  PRO A CA   1 
ATOM   186  C  C    . PRO A 1 29  ? -15.301 11.304  6.362   1.00 14.83 ? 56  PRO A C    1 
ATOM   187  O  O    . PRO A 1 29  ? -14.485 10.792  5.577   1.00 14.15 ? 56  PRO A O    1 
ATOM   188  C  CB   . PRO A 1 29  ? -16.226 13.308  5.170   1.00 15.43 ? 56  PRO A CB   1 
ATOM   189  C  CG   . PRO A 1 29  ? -15.573 14.542  4.743   1.00 15.77 ? 56  PRO A CG   1 
ATOM   190  C  CD   . PRO A 1 29  ? -14.148 14.459  5.180   1.00 14.92 ? 56  PRO A CD   1 
ATOM   191  N  N    . LYS A 1 30  ? -16.054 10.614  7.205   1.00 14.97 ? 57  LYS A N    1 
ATOM   192  C  CA   . LYS A 1 30  ? -15.964 9.141   7.309   1.00 16.86 ? 57  LYS A CA   1 
ATOM   193  C  C    . LYS A 1 30  ? -17.331 8.533   7.501   1.00 16.15 ? 57  LYS A C    1 
ATOM   194  O  O    . LYS A 1 30  ? -18.196 9.162   8.083   1.00 14.40 ? 57  LYS A O    1 
ATOM   195  C  CB   . LYS A 1 30  ? -15.193 8.755   8.559   1.00 20.54 ? 57  LYS A CB   1 
ATOM   196  C  CG   . LYS A 1 30  ? -13.770 9.226   8.589   1.00 22.15 ? 57  LYS A CG   1 
ATOM   197  C  CD   . LYS A 1 30  ? -13.236 9.151   9.994   1.00 21.82 ? 57  LYS A CD   1 
ATOM   198  C  CE   . LYS A 1 30  ? -11.942 9.893   10.019  1.00 21.65 ? 57  LYS A CE   1 
ATOM   199  N  NZ   . LYS A 1 30  ? -12.229 11.306  10.318  1.00 19.02 ? 57  LYS A NZ   1 
ATOM   200  N  N    . ARG A 1 31  ? -17.480 7.281   7.076   1.00 16.50 ? 58  ARG A N    1 
ATOM   201  C  CA   . ARG A 1 31  ? -18.711 6.505   7.249   1.00 18.63 ? 58  ARG A CA   1 
ATOM   202  C  C    . ARG A 1 31  ? -18.379 5.069   7.360   1.00 20.67 ? 58  ARG A C    1 
ATOM   203  O  O    . ARG A 1 31  ? -17.384 4.633   6.809   1.00 22.05 ? 58  ARG A O    1 
ATOM   204  C  CB   . ARG A 1 31  ? -19.563 6.556   6.003   1.00 20.98 ? 58  ARG A CB   1 
ATOM   205  C  CG   . ARG A 1 31  ? -20.172 7.870   5.750   1.00 22.22 ? 58  ARG A CG   1 
ATOM   206  C  CD   . ARG A 1 31  ? -21.219 7.797   4.657   1.00 22.29 ? 58  ARG A CD   1 
ATOM   207  N  NE   . ARG A 1 31  ? -20.736 7.234   3.405   1.00 22.61 ? 58  ARG A NE   1 
ATOM   208  C  CZ   . ARG A 1 31  ? -21.388 7.297   2.245   1.00 23.68 ? 58  ARG A CZ   1 
ATOM   209  N  NH1  . ARG A 1 31  ? -22.552 7.950   2.126   1.00 24.27 ? 58  ARG A NH1  1 
ATOM   210  N  NH2  . ARG A 1 31  ? -20.855 6.731   1.167   1.00 26.02 ? 58  ARG A NH2  1 
ATOM   211  N  N    . GLN A 1 32  ? -19.259 4.319   8.001   1.00 23.13 ? 59  GLN A N    1 
ATOM   212  C  CA   . GLN A 1 32  ? -19.182 2.862   7.958   1.00 26.37 ? 59  GLN A CA   1 
ATOM   213  C  C    . GLN A 1 32  ? -20.223 2.417   6.941   1.00 26.79 ? 59  GLN A C    1 
ATOM   214  O  O    . GLN A 1 32  ? -21.342 2.930   6.930   1.00 27.87 ? 59  GLN A O    1 
ATOM   215  C  CB   . GLN A 1 32  ? -19.385 2.291   9.362   1.00 30.62 ? 59  GLN A CB   1 
ATOM   216  C  CG   . GLN A 1 32  ? -18.257 2.716   10.297  1.00 33.19 ? 59  GLN A CG   1 
ATOM   217  C  CD   . GLN A 1 32  ? -18.404 2.199   11.716  1.00 36.53 ? 59  GLN A CD   1 
ATOM   218  O  OE1  . GLN A 1 32  ? -18.598 1.003   11.939  1.00 39.19 ? 59  GLN A OE1  1 
ATOM   219  N  NE2  . GLN A 1 32  ? -18.289 3.099   12.687  1.00 37.60 ? 59  GLN A NE2  1 
ATOM   220  N  N    . THR A 1 33  ? -19.831 1.544   6.019   1.00 23.78 ? 60  THR A N    1 
ATOM   221  C  CA   . THR A 1 33  ? -20.741 1.012   4.990   1.00 21.86 ? 60  THR A CA   1 
ATOM   222  C  C    . THR A 1 33  ? -20.510 -0.476  4.893   1.00 23.14 ? 60  THR A C    1 
ATOM   223  O  O    . THR A 1 33  ? -19.453 -0.977  5.318   1.00 21.81 ? 60  THR A O    1 
ATOM   224  C  CB   . THR A 1 33  ? -20.505 1.599   3.589   1.00 21.63 ? 60  THR A CB   1 
ATOM   225  O  OG1  . THR A 1 33  ? -19.296 1.052   3.038   1.00 20.63 ? 60  THR A OG1  1 
ATOM   226  C  CG2  . THR A 1 33  ? -20.377 3.123   3.634   1.00 21.97 ? 60  THR A CG2  1 
ATOM   227  N  N    . ASN A 1 34  ? -21.483 -1.173  4.323   1.00 23.89 ? 61  ASN A N    1 
ATOM   228  C  CA   . ASN A 1 34  ? -21.364 -2.611  4.153   1.00 25.01 ? 61  ASN A CA   1 
ATOM   229  C  C    . ASN A 1 34  ? -20.200 -2.973  3.255   1.00 22.44 ? 61  ASN A C    1 
ATOM   230  O  O    . ASN A 1 34  ? -19.517 -3.984  3.502   1.00 21.43 ? 61  ASN A O    1 
ATOM   231  C  CB   . ASN A 1 34  ? -22.677 -3.225  3.634   1.00 28.47 ? 61  ASN A CB   1 
ATOM   232  C  CG   . ASN A 1 34  ? -23.736 -3.347  4.723   1.00 33.09 ? 61  ASN A CG   1 
ATOM   233  O  OD1  . ASN A 1 34  ? -23.441 -3.268  5.921   1.00 37.28 ? 61  ASN A OD1  1 
ATOM   234  N  ND2  . ASN A 1 34  ? -24.976 -3.551  4.307   1.00 37.26 ? 61  ASN A ND2  1 
ATOM   235  N  N    . GLN A 1 35  ? -19.955 -2.159  2.234   1.00 20.37 ? 62  GLN A N    1 
ATOM   236  C  CA   . GLN A 1 35  ? -18.845 -2.383  1.327   1.00 19.42 ? 62  GLN A CA   1 
ATOM   237  C  C    . GLN A 1 35  ? -17.480 -2.227  2.032   1.00 18.57 ? 62  GLN A C    1 
ATOM   238  O  O    . GLN A 1 35  ? -16.566 -3.030  1.781   1.00 18.38 ? 62  GLN A O    1 
ATOM   239  C  CB   . GLN A 1 35  ? -18.940 -1.504  0.093   1.00 20.48 ? 62  GLN A CB   1 
ATOM   240  C  CG   . GLN A 1 35  ? -20.187 -1.786  -0.758  1.00 20.86 ? 62  GLN A CG   1 
ATOM   241  C  CD   . GLN A 1 35  ? -20.245 -0.937  -2.002  1.00 22.21 ? 62  GLN A CD   1 
ATOM   242  O  OE1  . GLN A 1 35  ? -19.713 0.160   -2.014  1.00 22.36 ? 62  GLN A OE1  1 
ATOM   243  N  NE2  . GLN A 1 35  ? -20.861 -1.447  -3.064  1.00 22.56 ? 62  GLN A NE2  1 
ATOM   244  N  N    . LEU A 1 36  ? -17.363 -1.254  2.940   1.00 17.07 ? 63  LEU A N    1 
ATOM   245  C  CA   . LEU A 1 36  ? -16.131 -1.060  3.720   1.00 17.10 ? 63  LEU A CA   1 
ATOM   246  C  C    . LEU A 1 36  ? -15.895 -2.173  4.737   1.00 19.26 ? 63  LEU A C    1 
ATOM   247  O  O    . LEU A 1 36  ? -14.755 -2.605  4.940   1.00 17.34 ? 63  LEU A O    1 
ATOM   248  C  CB   . LEU A 1 36  ? -16.108 0.328   4.401   1.00 16.25 ? 63  LEU A CB   1 
ATOM   249  C  CG   . LEU A 1 36  ? -15.827 1.497   3.460   1.00 14.82 ? 63  LEU A CG   1 
ATOM   250  C  CD1  . LEU A 1 36  ? -16.204 2.818   4.142   1.00 14.67 ? 63  LEU A CD1  1 
ATOM   251  C  CD2  . LEU A 1 36  ? -14.343 1.479   3.062   1.00 14.24 ? 63  LEU A CD2  1 
ATOM   252  N  N    . GLN A 1 37  ? -16.961 -2.639  5.382   1.00 20.09 ? 64  GLN A N    1 
ATOM   253  C  CA   . GLN A 1 37  ? -16.881 -3.770  6.279   1.00 22.51 ? 64  GLN A CA   1 
ATOM   254  C  C    . GLN A 1 37  ? -16.381 -5.022  5.528   1.00 20.20 ? 64  GLN A C    1 
ATOM   255  O  O    . GLN A 1 37  ? -15.507 -5.712  6.023   1.00 21.36 ? 64  GLN A O    1 
ATOM   256  C  CB   . GLN A 1 37  ? -18.255 -4.003  6.940   1.00 24.48 ? 64  GLN A CB   1 
ATOM   257  C  CG   . GLN A 1 37  ? -18.560 -2.928  7.991   1.00 28.38 ? 64  GLN A CG   1 
ATOM   258  C  CD   . GLN A 1 37  ? -19.920 -3.079  8.646   1.00 33.01 ? 64  GLN A CD   1 
ATOM   259  O  OE1  . GLN A 1 37  ? -20.459 -4.179  8.727   1.00 38.28 ? 64  GLN A OE1  1 
ATOM   260  N  NE2  . GLN A 1 37  ? -20.488 -1.962  9.117   1.00 35.66 ? 64  GLN A NE2  1 
ATOM   261  N  N    . TYR A 1 38  ? -16.859 -5.236  4.311   1.00 18.99 ? 65  TYR A N    1 
ATOM   262  C  CA   . TYR A 1 38  ? -16.390 -6.347  3.465   1.00 19.11 ? 65  TYR A CA   1 
ATOM   263  C  C    . TYR A 1 38  ? -14.932 -6.163  3.051   1.00 18.24 ? 65  TYR A C    1 
ATOM   264  O  O    . TYR A 1 38  ? -14.170 -7.134  2.973   1.00 18.05 ? 65  TYR A O    1 
ATOM   265  C  CB   . TYR A 1 38  ? -17.285 -6.484  2.247   1.00 19.67 ? 65  TYR A CB   1 
ATOM   266  C  CG   . TYR A 1 38  ? -16.904 -7.541  1.211   1.00 20.12 ? 65  TYR A CG   1 
ATOM   267  C  CD1  . TYR A 1 38  ? -16.104 -7.217  0.121   1.00 20.25 ? 65  TYR A CD1  1 
ATOM   268  C  CD2  . TYR A 1 38  ? -17.459 -8.827  1.254   1.00 22.29 ? 65  TYR A CD2  1 
ATOM   269  C  CE1  . TYR A 1 38  ? -15.780 -8.145  -0.852  1.00 20.83 ? 65  TYR A CE1  1 
ATOM   270  C  CE2  . TYR A 1 38  ? -17.144 -9.771  0.295   1.00 21.45 ? 65  TYR A CE2  1 
ATOM   271  C  CZ   . TYR A 1 38  ? -16.319 -9.431  -0.771  1.00 21.91 ? 65  TYR A CZ   1 
ATOM   272  O  OH   . TYR A 1 38  ? -16.019 -10.361 -1.750  1.00 23.50 ? 65  TYR A OH   1 
ATOM   273  N  N    . LEU A 1 39  ? -14.537 -4.935  2.755   1.00 16.18 ? 66  LEU A N    1 
ATOM   274  C  CA   . LEU A 1 39  ? -13.157 -4.653  2.380   1.00 16.45 ? 66  LEU A CA   1 
ATOM   275  C  C    . LEU A 1 39  ? -12.205 -4.988  3.517   1.00 16.17 ? 66  LEU A C    1 
ATOM   276  O  O    . LEU A 1 39  ? -11.103 -5.483  3.245   1.00 15.56 ? 66  LEU A O    1 
ATOM   277  C  CB   . LEU A 1 39  ? -13.019 -3.200  1.899   1.00 16.14 ? 66  LEU A CB   1 
ATOM   278  C  CG   . LEU A 1 39  ? -13.488 -2.992  0.472   1.00 17.68 ? 66  LEU A CG   1 
ATOM   279  C  CD1  . LEU A 1 39  ? -13.790 -1.521  0.247   1.00 17.30 ? 66  LEU A CD1  1 
ATOM   280  C  CD2  . LEU A 1 39  ? -12.468 -3.470  -0.554  1.00 18.61 ? 66  LEU A CD2  1 
ATOM   281  N  N    . LEU A 1 40  ? -12.594 -4.800  4.772   1.00 15.46 ? 67  LEU A N    1 
ATOM   282  C  CA   . LEU A 1 40  ? -11.751 -5.194  5.914   1.00 16.57 ? 67  LEU A CA   1 
ATOM   283  C  C    . LEU A 1 40  ? -11.828 -6.692  6.143   1.00 18.78 ? 67  LEU A C    1 
ATOM   284  O  O    . LEU A 1 40  ? -10.792 -7.386  6.169   1.00 19.92 ? 67  LEU A O    1 
ATOM   285  C  CB   . LEU A 1 40  ? -12.096 -4.453  7.209   1.00 18.29 ? 67  LEU A CB   1 
ATOM   286  C  CG   . LEU A 1 40  ? -11.259 -4.738  8.468   1.00 19.43 ? 67  LEU A CG   1 
ATOM   287  C  CD1  . LEU A 1 40  ? -9.759  -4.618  8.219   1.00 19.70 ? 67  LEU A CD1  1 
ATOM   288  C  CD2  . LEU A 1 40  ? -11.673 -3.870  9.649   1.00 20.73 ? 67  LEU A CD2  1 
ATOM   289  N  N    . ARG A 1 41  ? -13.051 -7.186  6.314   1.00 21.13 ? 68  ARG A N    1 
ATOM   290  C  CA   . ARG A 1 41  ? -13.250 -8.561  6.791   1.00 23.60 ? 68  ARG A CA   1 
ATOM   291  C  C    . ARG A 1 41  ? -12.835 -9.608  5.780   1.00 22.32 ? 68  ARG A C    1 
ATOM   292  O  O    . ARG A 1 41  ? -12.253 -10.628 6.167   1.00 26.01 ? 68  ARG A O    1 
ATOM   293  C  CB   . ARG A 1 41  ? -14.714 -8.819  7.155   1.00 26.28 ? 68  ARG A CB   1 
ATOM   294  C  CG   . ARG A 1 41  ? -15.245 -8.037  8.341   1.00 31.08 ? 68  ARG A CG   1 
ATOM   295  C  CD   . ARG A 1 41  ? -16.587 -8.618  8.794   1.00 35.63 ? 68  ARG A CD   1 
ATOM   296  N  NE   . ARG A 1 41  ? -17.669 -7.631  8.825   1.00 39.84 ? 68  ARG A NE   1 
ATOM   297  C  CZ   . ARG A 1 41  ? -17.938 -6.798  9.833   1.00 43.55 ? 68  ARG A CZ   1 
ATOM   298  N  NH1  . ARG A 1 41  ? -17.191 -6.768  10.940  1.00 45.38 ? 68  ARG A NH1  1 
ATOM   299  N  NH2  . ARG A 1 41  ? -18.970 -5.964  9.726   1.00 44.95 ? 68  ARG A NH2  1 
ATOM   300  N  N    . VAL A 1 42  ? -13.131 -9.360  4.508   1.00 22.04 ? 69  VAL A N    1 
ATOM   301  C  CA   . VAL A 1 42  ? -12.875 -10.301 3.419   1.00 22.24 ? 69  VAL A CA   1 
ATOM   302  C  C    . VAL A 1 42  ? -11.653 -9.934  2.597   1.00 22.59 ? 69  VAL A C    1 
ATOM   303  O  O    . VAL A 1 42  ? -10.754 -10.751 2.470   1.00 22.41 ? 69  VAL A O    1 
ATOM   304  C  CB   . VAL A 1 42  ? -14.123 -10.454 2.513   1.00 23.02 ? 69  VAL A CB   1 
ATOM   305  C  CG1  . VAL A 1 42  ? -13.839 -11.314 1.275   1.00 23.21 ? 69  VAL A CG1  1 
ATOM   306  C  CG2  . VAL A 1 42  ? -15.279 -11.032 3.321   1.00 23.62 ? 69  VAL A CG2  1 
ATOM   307  N  N    . VAL A 1 43  ? -11.587 -8.727  2.042   1.00 19.55 ? 70  VAL A N    1 
ATOM   308  C  CA   . VAL A 1 43  ? -10.589 -8.421  1.026   1.00 19.23 ? 70  VAL A CA   1 
ATOM   309  C  C    . VAL A 1 43  ? -9.232  -8.252  1.692   1.00 19.71 ? 70  VAL A C    1 
ATOM   310  O  O    . VAL A 1 43  ? -8.299  -9.018  1.406   1.00 19.27 ? 70  VAL A O    1 
ATOM   311  C  CB   . VAL A 1 43  ? -10.950 -7.161  0.193   1.00 19.03 ? 70  VAL A CB   1 
ATOM   312  C  CG1  . VAL A 1 43  ? -9.909  -6.862  -0.878  1.00 19.47 ? 70  VAL A CG1  1 
ATOM   313  C  CG2  . VAL A 1 43  ? -12.342 -7.342  -0.439  1.00 19.90 ? 70  VAL A CG2  1 
ATOM   314  N  N    . LEU A 1 44  ? -9.110  -7.298  2.605   1.00 18.51 ? 71  LEU A N    1 
ATOM   315  C  CA   . LEU A 1 44  ? -7.833  -7.054  3.283   1.00 18.48 ? 71  LEU A CA   1 
ATOM   316  C  C    . LEU A 1 44  ? -7.371  -8.314  4.010   1.00 19.85 ? 71  LEU A C    1 
ATOM   317  O  O    . LEU A 1 44  ? -6.217  -8.710  3.868   1.00 18.60 ? 71  LEU A O    1 
ATOM   318  C  CB   . LEU A 1 44  ? -7.929  -5.890  4.282   1.00 18.66 ? 71  LEU A CB   1 
ATOM   319  C  CG   . LEU A 1 44  ? -6.692  -5.363  5.037   1.00 18.88 ? 71  LEU A CG   1 
ATOM   320  C  CD1  . LEU A 1 44  ? -6.226  -6.267  6.178   1.00 19.42 ? 71  LEU A CD1  1 
ATOM   321  C  CD2  . LEU A 1 44  ? -5.536  -5.070  4.099   1.00 19.74 ? 71  LEU A CD2  1 
ATOM   322  N  N    . LYS A 1 45  ? -8.256  -8.944  4.780   1.00 21.85 ? 72  LYS A N    1 
ATOM   323  C  CA   . LYS A 1 45  ? -7.848  -10.064 5.629   1.00 26.11 ? 72  LYS A CA   1 
ATOM   324  C  C    . LYS A 1 45  ? -7.380  -11.264 4.810   1.00 25.06 ? 72  LYS A C    1 
ATOM   325  O  O    . LYS A 1 45  ? -6.421  -11.908 5.216   1.00 27.76 ? 72  LYS A O    1 
ATOM   326  C  CB   . LYS A 1 45  ? -8.924  -10.446 6.654   1.00 29.48 ? 72  LYS A CB   1 
ATOM   327  C  CG   . LYS A 1 45  ? -8.549  -10.082 8.092   1.00 33.93 ? 72  LYS A CG   1 
ATOM   328  C  CD   . LYS A 1 45  ? -8.872  -8.644  8.474   1.00 36.51 ? 72  LYS A CD   1 
ATOM   329  C  CE   . LYS A 1 45  ? -8.080  -8.210  9.705   1.00 40.00 ? 72  LYS A CE   1 
ATOM   330  N  NZ   . LYS A 1 45  ? -8.824  -7.269  10.588  1.00 41.71 ? 72  LYS A NZ   1 
ATOM   331  N  N    . THR A 1 46  ? -7.956  -11.501 3.635   1.00 24.96 ? 73  THR A N    1 
ATOM   332  C  CA   . THR A 1 46  ? -7.470  -12.589 2.778   1.00 26.53 ? 73  THR A CA   1 
ATOM   333  C  C    . THR A 1 46  ? -6.111  -12.276 2.139   1.00 24.30 ? 73  THR A C    1 
ATOM   334  O  O    . THR A 1 46  ? -5.247  -13.166 2.073   1.00 24.03 ? 73  THR A O    1 
ATOM   335  C  CB   . THR A 1 46  ? -8.469  -13.010 1.675   1.00 29.44 ? 73  THR A CB   1 
ATOM   336  O  OG1  . THR A 1 46  ? -8.688  -11.939 0.755   1.00 33.91 ? 73  THR A OG1  1 
ATOM   337  C  CG2  . THR A 1 46  ? -9.788  -13.468 2.261   1.00 28.70 ? 73  THR A CG2  1 
ATOM   338  N  N    . LEU A 1 47  ? -5.916  -11.046 1.654   1.00 19.97 ? 74  LEU A N    1 
ATOM   339  C  CA   . LEU A 1 47  ? -4.633  -10.648 1.086   1.00 19.14 ? 74  LEU A CA   1 
ATOM   340  C  C    . LEU A 1 47  ? -3.560  -10.635 2.151   1.00 17.47 ? 74  LEU A C    1 
ATOM   341  O  O    . LEU A 1 47  ? -2.450  -11.075 1.863   1.00 16.75 ? 74  LEU A O    1 
ATOM   342  C  CB   . LEU A 1 47  ? -4.700  -9.266  0.427   1.00 20.47 ? 74  LEU A CB   1 
ATOM   343  C  CG   . LEU A 1 47  ? -5.613  -9.141  -0.781  1.00 23.07 ? 74  LEU A CG   1 
ATOM   344  C  CD1  . LEU A 1 47  ? -5.545  -7.717  -1.323  1.00 25.25 ? 74  LEU A CD1  1 
ATOM   345  C  CD2  . LEU A 1 47  ? -5.251  -10.158 -1.850  1.00 25.42 ? 74  LEU A CD2  1 
ATOM   346  N  N    . TRP A 1 48  ? -3.878  -10.169 3.363   1.00 16.69 ? 75  TRP A N    1 
ATOM   347  C  CA   . TRP A 1 48  ? -2.907  -10.005 4.456   1.00 17.01 ? 75  TRP A CA   1 
ATOM   348  C  C    . TRP A 1 48  ? -2.186  -11.313 4.827   1.00 17.94 ? 75  TRP A C    1 
ATOM   349  O  O    . TRP A 1 48  ? -0.976  -11.302 5.150   1.00 20.23 ? 75  TRP A O    1 
ATOM   350  C  CB   . TRP A 1 48  ? -3.580  -9.375  5.693   1.00 17.13 ? 75  TRP A CB   1 
ATOM   351  C  CG   . TRP A 1 48  ? -2.641  -8.958  6.744   1.00 17.39 ? 75  TRP A CG   1 
ATOM   352  C  CD1  . TRP A 1 48  ? -2.233  -9.693  7.809   1.00 17.53 ? 75  TRP A CD1  1 
ATOM   353  C  CD2  . TRP A 1 48  ? -1.950  -7.708  6.831   1.00 15.78 ? 75  TRP A CD2  1 
ATOM   354  N  NE1  . TRP A 1 48  ? -1.352  -8.993  8.570   1.00 17.55 ? 75  TRP A NE1  1 
ATOM   355  C  CE2  . TRP A 1 48  ? -1.144  -7.760  7.986   1.00 16.09 ? 75  TRP A CE2  1 
ATOM   356  C  CE3  . TRP A 1 48  ? -1.921  -6.556  6.039   1.00 15.17 ? 75  TRP A CE3  1 
ATOM   357  C  CZ2  . TRP A 1 48  ? -0.331  -6.700  8.379   1.00 15.93 ? 75  TRP A CZ2  1 
ATOM   358  C  CZ3  . TRP A 1 48  ? -1.104  -5.502  6.433   1.00 14.85 ? 75  TRP A CZ3  1 
ATOM   359  C  CH2  . TRP A 1 48  ? -0.340  -5.575  7.595   1.00 15.42 ? 75  TRP A CH2  1 
ATOM   360  N  N    . LYS A 1 49  ? -2.936  -12.409 4.806   1.00 18.37 ? 76  LYS A N    1 
ATOM   361  C  CA   . LYS A 1 49  ? -2.437  -13.727 5.184   1.00 19.96 ? 76  LYS A CA   1 
ATOM   362  C  C    . LYS A 1 49  ? -1.726  -14.448 4.055   1.00 18.15 ? 76  LYS A C    1 
ATOM   363  O  O    . LYS A 1 49  ? -1.196  -15.544 4.266   1.00 19.35 ? 76  LYS A O    1 
ATOM   364  C  CB   . LYS A 1 49  ? -3.604  -14.615 5.616   1.00 23.69 ? 76  LYS A CB   1 
ATOM   365  C  CG   . LYS A 1 49  ? -4.411  -14.097 6.780   1.00 27.71 ? 76  LYS A CG   1 
ATOM   366  C  CD   . LYS A 1 49  ? -5.578  -15.035 7.045   1.00 30.70 ? 76  LYS A CD   1 
ATOM   367  C  CE   . LYS A 1 49  ? -6.737  -14.352 7.761   1.00 34.59 ? 76  LYS A CE   1 
ATOM   368  N  NZ   . LYS A 1 49  ? -6.472  -14.127 9.209   1.00 36.46 ? 76  LYS A NZ   1 
ATOM   369  N  N    . HIS A 1 50  ? -1.761  -13.912 2.846   1.00 15.17 ? 77  HIS A N    1 
ATOM   370  C  CA   . HIS A 1 50  ? -1.186  -14.580 1.691   1.00 13.82 ? 77  HIS A CA   1 
ATOM   371  C  C    . HIS A 1 50  ? 0.346   -14.566 1.808   1.00 13.44 ? 77  HIS A C    1 
ATOM   372  O  O    . HIS A 1 50  ? 0.935   -13.608 2.306   1.00 13.66 ? 77  HIS A O    1 
ATOM   373  C  CB   . HIS A 1 50  ? -1.646  -13.873 0.418   1.00 13.48 ? 77  HIS A CB   1 
ATOM   374  C  CG   . HIS A 1 50  ? -1.407  -14.645 -0.821  1.00 13.77 ? 77  HIS A CG   1 
ATOM   375  N  ND1  . HIS A 1 50  ? -0.173  -14.756 -1.413  1.00 13.29 ? 77  HIS A ND1  1 
ATOM   376  C  CD2  . HIS A 1 50  ? -2.241  -15.411 -1.561  1.00 13.84 ? 77  HIS A CD2  1 
ATOM   377  C  CE1  . HIS A 1 50  ? -0.263  -15.504 -2.495  1.00 13.66 ? 77  HIS A CE1  1 
ATOM   378  N  NE2  . HIS A 1 50  ? -1.516  -15.910 -2.608  1.00 14.24 ? 77  HIS A NE2  1 
ATOM   379  N  N    . GLN A 1 51  ? 0.990   -15.629 1.350   1.00 13.06 ? 78  GLN A N    1 
ATOM   380  C  CA   . GLN A 1 51  ? 2.457   -15.701 1.375   1.00 13.34 ? 78  GLN A CA   1 
ATOM   381  C  C    . GLN A 1 51  ? 3.181   -14.631 0.544   1.00 12.90 ? 78  GLN A C    1 
ATOM   382  O  O    . GLN A 1 51  ? 4.378   -14.470 0.678   1.00 12.76 ? 78  GLN A O    1 
ATOM   383  C  CB   . GLN A 1 51  ? 2.948   -17.080 0.925   1.00 14.35 ? 78  GLN A CB   1 
ATOM   384  C  CG   . GLN A 1 51  ? 2.647   -17.384 -0.536  1.00 14.82 ? 78  GLN A CG   1 
ATOM   385  C  CD   . GLN A 1 51  ? 3.426   -18.569 -1.065  1.00 17.55 ? 78  GLN A CD   1 
ATOM   386  O  OE1  . GLN A 1 51  ? 4.435   -18.976 -0.480  1.00 20.50 ? 78  GLN A OE1  1 
ATOM   387  N  NE2  . GLN A 1 51  ? 2.964   -19.133 -2.152  1.00 16.71 ? 78  GLN A NE2  1 
ATOM   388  N  N    . PHE A 1 52  ? 2.450   -13.908 -0.303  1.00 12.11 ? 79  PHE A N    1 
ATOM   389  C  CA   . PHE A 1 52  ? 3.027   -12.810 -1.082  1.00 11.83 ? 79  PHE A CA   1 
ATOM   390  C  C    . PHE A 1 52  ? 2.732   -11.448 -0.459  1.00 12.66 ? 79  PHE A C    1 
ATOM   391  O  O    . PHE A 1 52  ? 3.126   -10.420 -1.028  1.00 12.83 ? 79  PHE A O    1 
ATOM   392  C  CB   . PHE A 1 52  ? 2.516   -12.809 -2.519  1.00 12.37 ? 79  PHE A CB   1 
ATOM   393  C  CG   . PHE A 1 52  ? 2.948   -13.967 -3.379  1.00 12.63 ? 79  PHE A CG   1 
ATOM   394  C  CD1  . PHE A 1 52  ? 3.965   -14.825 -3.022  1.00 13.12 ? 79  PHE A CD1  1 
ATOM   395  C  CD2  . PHE A 1 52  ? 2.337   -14.148 -4.623  1.00 13.31 ? 79  PHE A CD2  1 
ATOM   396  C  CE1  . PHE A 1 52  ? 4.334   -15.876 -3.865  1.00 13.38 ? 79  PHE A CE1  1 
ATOM   397  C  CE2  . PHE A 1 52  ? 2.713   -15.161 -5.473  1.00 13.38 ? 79  PHE A CE2  1 
ATOM   398  C  CZ   . PHE A 1 52  ? 3.702   -16.052 -5.091  1.00 13.69 ? 79  PHE A CZ   1 
ATOM   399  N  N    . ALA A 1 53  ? 2.110   -11.399 0.718   1.00 11.91 ? 80  ALA A N    1 
ATOM   400  C  CA   . ALA A 1 53  ? 1.705   -10.110 1.295   1.00 11.41 ? 80  ALA A CA   1 
ATOM   401  C  C    . ALA A 1 53  ? 2.866   -9.349  1.869   1.00 11.38 ? 80  ALA A C    1 
ATOM   402  O  O    . ALA A 1 53  ? 2.803   -8.112  1.948   1.00 11.51 ? 80  ALA A O    1 
ATOM   403  C  CB   . ALA A 1 53  ? 0.661   -10.291 2.385   1.00 11.39 ? 80  ALA A CB   1 
ATOM   404  N  N    . TRP A 1 54  ? 3.900   -10.031 2.358   1.00 10.86 ? 81  TRP A N    1 
ATOM   405  C  CA   . TRP A 1 54  ? 4.898   -9.394  3.214   1.00 10.65 ? 81  TRP A CA   1 
ATOM   406  C  C    . TRP A 1 54  ? 5.571   -8.119  2.668   1.00 10.22 ? 81  TRP A C    1 
ATOM   407  O  O    . TRP A 1 54  ? 5.805   -7.217  3.465   1.00 11.20 ? 81  TRP A O    1 
ATOM   408  C  CB   . TRP A 1 54  ? 5.957   -10.411 3.766   1.00 10.88 ? 81  TRP A CB   1 
ATOM   409  C  CG   . TRP A 1 54  ? 6.759   -11.114 2.699   1.00 10.69 ? 81  TRP A CG   1 
ATOM   410  C  CD1  . TRP A 1 54  ? 6.417   -12.274 2.080   1.00 10.83 ? 81  TRP A CD1  1 
ATOM   411  C  CD2  . TRP A 1 54  ? 7.948   -10.644 2.024   1.00 10.40 ? 81  TRP A CD2  1 
ATOM   412  N  NE1  . TRP A 1 54  ? 7.314   -12.589 1.101   1.00 11.52 ? 81  TRP A NE1  1 
ATOM   413  C  CE2  . TRP A 1 54  ? 8.266   -11.610 1.050   1.00 10.87 ? 81  TRP A CE2  1 
ATOM   414  C  CE3  . TRP A 1 54  ? 8.803   -9.533  2.181   1.00 10.84 ? 81  TRP A CE3  1 
ATOM   415  C  CZ2  . TRP A 1 54  ? 9.395   -11.504 0.245   1.00 11.59 ? 81  TRP A CZ2  1 
ATOM   416  C  CZ3  . TRP A 1 54  ? 9.902   -9.426  1.330   1.00 11.24 ? 81  TRP A CZ3  1 
ATOM   417  C  CH2  . TRP A 1 54  ? 10.187  -10.413 0.412   1.00 11.30 ? 81  TRP A CH2  1 
ATOM   418  N  N    . PRO A 1 55  ? 5.867   -8.020  1.346   1.00 10.02 ? 82  PRO A N    1 
ATOM   419  C  CA   . PRO A 1 55  ? 6.492   -6.767  0.902   1.00 10.55 ? 82  PRO A CA   1 
ATOM   420  C  C    . PRO A 1 55  ? 5.546   -5.584  0.982   1.00 10.75 ? 82  PRO A C    1 
ATOM   421  O  O    . PRO A 1 55  ? 5.998   -4.428  0.916   1.00 11.43 ? 82  PRO A O    1 
ATOM   422  C  CB   . PRO A 1 55  ? 6.856   -7.031  -0.571  1.00 10.24 ? 82  PRO A CB   1 
ATOM   423  C  CG   . PRO A 1 55  ? 6.817   -8.522  -0.734  1.00 10.25 ? 82  PRO A CG   1 
ATOM   424  C  CD   . PRO A 1 55  ? 5.731   -8.960  0.217   1.00 9.99  ? 82  PRO A CD   1 
ATOM   425  N  N    . PHE A 1 56  ? 4.252   -5.876  1.108   1.00 10.49 ? 83  PHE A N    1 
ATOM   426  C  CA   . PHE A 1 56  ? 3.201   -4.865  1.028   1.00 11.12 ? 83  PHE A CA   1 
ATOM   427  C  C    . PHE A 1 56  ? 2.561   -4.614  2.385   1.00 11.52 ? 83  PHE A C    1 
ATOM   428  O  O    . PHE A 1 56  ? 1.632   -3.787  2.457   1.00 12.59 ? 83  PHE A O    1 
ATOM   429  C  CB   . PHE A 1 56  ? 2.161   -5.326  -0.011  1.00 11.83 ? 83  PHE A CB   1 
ATOM   430  C  CG   . PHE A 1 56  ? 2.776   -5.654  -1.336  1.00 11.70 ? 83  PHE A CG   1 
ATOM   431  C  CD1  . PHE A 1 56  ? 3.179   -4.642  -2.199  1.00 12.26 ? 83  PHE A CD1  1 
ATOM   432  C  CD2  . PHE A 1 56  ? 3.022   -6.970  -1.711  1.00 11.60 ? 83  PHE A CD2  1 
ATOM   433  C  CE1  . PHE A 1 56  ? 3.793   -4.935  -3.405  1.00 12.41 ? 83  PHE A CE1  1 
ATOM   434  C  CE2  . PHE A 1 56  ? 3.603   -7.272  -2.931  1.00 12.11 ? 83  PHE A CE2  1 
ATOM   435  C  CZ   . PHE A 1 56  ? 4.014   -6.255  -3.766  1.00 12.47 ? 83  PHE A CZ   1 
ATOM   436  N  N    . GLN A 1 57  ? 3.062   -5.194  3.471   1.00 10.93 ? 84  GLN A N    1 
ATOM   437  C  CA   . GLN A 1 57  ? 2.425   -5.025  4.783   1.00 11.98 ? 84  GLN A CA   1 
ATOM   438  C  C    . GLN A 1 57  ? 2.843   -3.756  5.530   1.00 11.59 ? 84  GLN A C    1 
ATOM   439  O  O    . GLN A 1 57  ? 2.367   -3.514  6.637   1.00 13.16 ? 84  GLN A O    1 
ATOM   440  C  CB   . GLN A 1 57  ? 2.665   -6.271  5.652   1.00 12.33 ? 84  GLN A CB   1 
ATOM   441  C  CG   . GLN A 1 57  ? 1.846   -7.467  5.231   1.00 13.16 ? 84  GLN A CG   1 
ATOM   442  C  CD   . GLN A 1 57  ? 2.269   -8.739  5.923   1.00 14.02 ? 84  GLN A CD   1 
ATOM   443  O  OE1  . GLN A 1 57  ? 3.413   -8.885  6.347   1.00 15.62 ? 84  GLN A OE1  1 
ATOM   444  N  NE2  . GLN A 1 57  ? 1.338   -9.663  6.035   1.00 15.56 ? 84  GLN A NE2  1 
ATOM   445  N  N    . GLN A 1 58  ? 3.733   -2.952  4.943   1.00 11.72 ? 85  GLN A N    1 
ATOM   446  C  CA   . GLN A 1 58  ? 4.200   -1.736  5.578   1.00 11.92 ? 85  GLN A CA   1 
ATOM   447  C  C    . GLN A 1 58  ? 4.722   -0.840  4.467   1.00 12.13 ? 85  GLN A C    1 
ATOM   448  O  O    . GLN A 1 58  ? 4.994   -1.317  3.368   1.00 11.37 ? 85  GLN A O    1 
ATOM   449  C  CB   . GLN A 1 58  ? 5.322   -2.047  6.577   1.00 12.23 ? 85  GLN A CB   1 
ATOM   450  C  CG   . GLN A 1 58  ? 6.563   -2.748  5.999   1.00 12.29 ? 85  GLN A CG   1 
ATOM   451  C  CD   . GLN A 1 58  ? 6.336   -4.207  5.659   1.00 12.89 ? 85  GLN A CD   1 
ATOM   452  O  OE1  . GLN A 1 58  ? 5.821   -4.939  6.483   1.00 14.31 ? 85  GLN A OE1  1 
ATOM   453  N  NE2  . GLN A 1 58  ? 6.667   -4.617  4.440   1.00 13.27 ? 85  GLN A NE2  1 
ATOM   454  N  N    . PRO A 1 59  ? 4.876   0.464   4.744   1.00 12.41 ? 86  PRO A N    1 
ATOM   455  C  CA   . PRO A 1 59  ? 5.482   1.366   3.780   1.00 12.76 ? 86  PRO A CA   1 
ATOM   456  C  C    . PRO A 1 59  ? 6.844   0.872   3.312   1.00 12.83 ? 86  PRO A C    1 
ATOM   457  O  O    . PRO A 1 59  ? 7.578   0.264   4.087   1.00 13.36 ? 86  PRO A O    1 
ATOM   458  C  CB   . PRO A 1 59  ? 5.580   2.669   4.565   1.00 13.10 ? 86  PRO A CB   1 
ATOM   459  C  CG   . PRO A 1 59  ? 4.457   2.613   5.551   1.00 13.11 ? 86  PRO A CG   1 
ATOM   460  C  CD   . PRO A 1 59  ? 4.395   1.165   5.943   1.00 12.61 ? 86  PRO A CD   1 
ATOM   461  N  N    . VAL A 1 60  ? 7.184   1.118   2.067   1.00 12.87 ? 87  VAL A N    1 
ATOM   462  C  CA   . VAL A 1 60  ? 8.483   0.752   1.551   1.00 13.27 ? 87  VAL A CA   1 
ATOM   463  C  C    . VAL A 1 60  ? 9.554   1.437   2.409   1.00 13.31 ? 87  VAL A C    1 
ATOM   464  O  O    . VAL A 1 60  ? 9.585   2.663   2.524   1.00 12.66 ? 87  VAL A O    1 
ATOM   465  C  CB   . VAL A 1 60  ? 8.607   1.120   0.069   1.00 13.98 ? 87  VAL A CB   1 
ATOM   466  C  CG1  . VAL A 1 60  ? 10.029  0.942   -0.436  1.00 14.79 ? 87  VAL A CG1  1 
ATOM   467  C  CG2  . VAL A 1 60  ? 7.689   0.232   -0.741  1.00 14.19 ? 87  VAL A CG2  1 
ATOM   468  N  N    . ASP A 1 61  ? 10.411  0.628   3.038   1.00 14.39 ? 88  ASP A N    1 
ATOM   469  C  CA   . ASP A 1 61  ? 11.548  1.129   3.793   1.00 15.48 ? 88  ASP A CA   1 
ATOM   470  C  C    . ASP A 1 61  ? 12.729  1.153   2.837   1.00 15.52 ? 88  ASP A C    1 
ATOM   471  O  O    . ASP A 1 61  ? 13.461  0.161   2.668   1.00 15.42 ? 88  ASP A O    1 
ATOM   472  C  CB   . ASP A 1 61  ? 11.790  0.249   5.028   1.00 16.89 ? 88  ASP A CB   1 
ATOM   473  C  CG   . ASP A 1 61  ? 12.885  0.790   5.942   1.00 18.65 ? 88  ASP A CG   1 
ATOM   474  O  OD1  . ASP A 1 61  ? 13.743  1.561   5.465   1.00 18.59 ? 88  ASP A OD1  1 
ATOM   475  O  OD2  . ASP A 1 61  ? 12.894  0.420   7.136   1.00 23.47 ? 88  ASP A OD2  1 
ATOM   476  N  N    . ALA A 1 62  ? 12.911  2.290   2.178   1.00 15.46 ? 89  ALA A N    1 
ATOM   477  C  CA   . ALA A 1 62  ? 13.933  2.452   1.163   1.00 14.93 ? 89  ALA A CA   1 
ATOM   478  C  C    . ALA A 1 62  ? 15.362  2.357   1.730   1.00 15.35 ? 89  ALA A C    1 
ATOM   479  O  O    . ALA A 1 62  ? 16.277  1.982   0.999   1.00 15.80 ? 89  ALA A O    1 
ATOM   480  C  CB   . ALA A 1 62  ? 13.724  3.775   0.406   1.00 14.67 ? 89  ALA A CB   1 
ATOM   481  N  N    . VAL A 1 63  ? 15.522  2.693   3.009   1.00 16.41 ? 90  VAL A N    1 
ATOM   482  C  CA   . VAL A 1 63  ? 16.812  2.554   3.708   1.00 17.41 ? 90  VAL A CA   1 
ATOM   483  C  C    . VAL A 1 63  ? 17.144  1.076   3.931   1.00 18.32 ? 90  VAL A C    1 
ATOM   484  O  O    . VAL A 1 63  ? 18.161  0.587   3.440   1.00 19.45 ? 90  VAL A O    1 
ATOM   485  C  CB   . VAL A 1 63  ? 16.830  3.328   5.037   1.00 18.73 ? 90  VAL A CB   1 
ATOM   486  C  CG1  . VAL A 1 63  ? 18.147  3.096   5.776   1.00 19.30 ? 90  VAL A CG1  1 
ATOM   487  C  CG2  . VAL A 1 63  ? 16.628  4.817   4.776   1.00 18.21 ? 90  VAL A CG2  1 
ATOM   488  N  N    . LYS A 1 64  ? 16.270  0.369   4.634   1.00 17.70 ? 91  LYS A N    1 
ATOM   489  C  CA   . LYS A 1 64  ? 16.482  -1.069  4.902   1.00 18.56 ? 91  LYS A CA   1 
ATOM   490  C  C    . LYS A 1 64  ? 16.619  -1.904  3.645   1.00 18.50 ? 91  LYS A C    1 
ATOM   491  O  O    . LYS A 1 64  ? 17.457  -2.807  3.555   1.00 20.11 ? 91  LYS A O    1 
ATOM   492  C  CB   . LYS A 1 64  ? 15.337  -1.643  5.731   1.00 19.03 ? 91  LYS A CB   1 
ATOM   493  C  CG   . LYS A 1 64  ? 15.512  -3.129  6.033   1.00 19.88 ? 91  LYS A CG   1 
ATOM   494  C  CD   . LYS A 1 64  ? 14.309  -3.713  6.705   1.00 21.24 ? 91  LYS A CD   1 
ATOM   495  C  CE   . LYS A 1 64  ? 14.477  -5.219  6.732   1.00 21.52 ? 91  LYS A CE   1 
ATOM   496  N  NZ   . LYS A 1 64  ? 13.428  -5.833  7.571   1.00 23.90 ? 91  LYS A NZ   1 
ATOM   497  N  N    . LEU A 1 65  ? 15.764  -1.638  2.658   1.00 16.87 ? 92  LEU A N    1 
ATOM   498  C  CA   . LEU A 1 65  ? 15.723  -2.433  1.453   1.00 16.59 ? 92  LEU A CA   1 
ATOM   499  C  C    . LEU A 1 65  ? 16.719  -1.986  0.395   1.00 15.88 ? 92  LEU A C    1 
ATOM   500  O  O    . LEU A 1 65  ? 16.786  -2.570  -0.674  1.00 16.15 ? 92  LEU A O    1 
ATOM   501  C  CB   . LEU A 1 65  ? 14.297  -2.455  0.876   1.00 15.63 ? 92  LEU A CB   1 
ATOM   502  C  CG   . LEU A 1 65  ? 13.237  -2.950  1.842   1.00 15.77 ? 92  LEU A CG   1 
ATOM   503  C  CD1  . LEU A 1 65  ? 11.868  -2.809  1.216   1.00 16.16 ? 92  LEU A CD1  1 
ATOM   504  C  CD2  . LEU A 1 65  ? 13.488  -4.392  2.298   1.00 15.79 ? 92  LEU A CD2  1 
ATOM   505  N  N    A ASN A 1 66  ? 17.462  -0.913  0.693   0.50 16.45 ? 93  ASN A N    1 
ATOM   506  N  N    B ASN A 1 66  ? 17.493  -0.930  0.690   0.50 16.22 ? 93  ASN A N    1 
ATOM   507  C  CA   A ASN A 1 66  ? 18.491  -0.420  -0.192  0.50 17.30 ? 93  ASN A CA   1 
ATOM   508  C  CA   B ASN A 1 66  ? 18.501  -0.415  -0.232  0.50 16.81 ? 93  ASN A CA   1 
ATOM   509  C  C    A ASN A 1 66  ? 17.916  -0.053  -1.549  0.50 16.38 ? 93  ASN A C    1 
ATOM   510  C  C    B ASN A 1 66  ? 17.889  -0.085  -1.578  0.50 16.11 ? 93  ASN A C    1 
ATOM   511  O  O    A ASN A 1 66  ? 18.418  -0.473  -2.577  0.50 16.63 ? 93  ASN A O    1 
ATOM   512  O  O    B ASN A 1 66  ? 18.316  -0.569  -2.623  0.50 16.01 ? 93  ASN A O    1 
ATOM   513  C  CB   A ASN A 1 66  ? 19.599  -1.463  -0.315  0.50 18.79 ? 93  ASN A CB   1 
ATOM   514  C  CB   B ASN A 1 66  ? 19.684  -1.388  -0.314  0.50 17.87 ? 93  ASN A CB   1 
ATOM   515  C  CG   A ASN A 1 66  ? 20.927  -0.849  -0.630  0.50 19.50 ? 93  ASN A CG   1 
ATOM   516  C  CG   B ASN A 1 66  ? 20.223  -1.738  1.060   0.50 18.22 ? 93  ASN A CG   1 
ATOM   517  O  OD1  A ASN A 1 66  ? 21.128  0.352   -0.461  0.50 21.05 ? 93  ASN A OD1  1 
ATOM   518  O  OD1  B ASN A 1 66  ? 20.599  -0.860  1.824   0.50 18.52 ? 93  ASN A OD1  1 
ATOM   519  N  ND2  A ASN A 1 66  ? 21.847  -1.671  -1.098  0.50 20.50 ? 93  ASN A ND2  1 
ATOM   520  N  ND2  B ASN A 1 66  ? 20.237  -3.017  1.390   0.50 19.18 ? 93  ASN A ND2  1 
ATOM   521  N  N    . LEU A 1 67  ? 16.831  0.735   -1.524  1.00 15.30 ? 94  LEU A N    1 
ATOM   522  C  CA   . LEU A 1 67  ? 16.127  1.224   -2.718  1.00 15.06 ? 94  LEU A CA   1 
ATOM   523  C  C    . LEU A 1 67  ? 16.200  2.765   -2.694  1.00 15.02 ? 94  LEU A C    1 
ATOM   524  O  O    . LEU A 1 67  ? 15.168  3.450   -2.570  1.00 13.90 ? 94  LEU A O    1 
ATOM   525  C  CB   . LEU A 1 67  ? 14.639  0.769   -2.749  1.00 14.47 ? 94  LEU A CB   1 
ATOM   526  C  CG   . LEU A 1 67  ? 14.382  -0.742  -2.604  1.00 15.34 ? 94  LEU A CG   1 
ATOM   527  C  CD1  . LEU A 1 67  ? 12.875  -0.939  -2.452  1.00 16.36 ? 94  LEU A CD1  1 
ATOM   528  C  CD2  . LEU A 1 67  ? 14.915  -1.542  -3.775  1.00 15.89 ? 94  LEU A CD2  1 
ATOM   529  N  N    . PRO A 1 68  ? 17.407  3.340   -2.807  1.00 14.66 ? 95  PRO A N    1 
ATOM   530  C  CA   . PRO A 1 68  ? 17.551  4.778   -2.612  1.00 14.90 ? 95  PRO A CA   1 
ATOM   531  C  C    . PRO A 1 68  ? 16.819  5.629   -3.658  1.00 14.13 ? 95  PRO A C    1 
ATOM   532  O  O    . PRO A 1 68  ? 16.560  6.808   -3.415  1.00 14.70 ? 95  PRO A O    1 
ATOM   533  C  CB   . PRO A 1 68  ? 19.064  4.989   -2.700  1.00 14.97 ? 95  PRO A CB   1 
ATOM   534  C  CG   . PRO A 1 68  ? 19.583  3.822   -3.461  1.00 15.51 ? 95  PRO A CG   1 
ATOM   535  C  CD   . PRO A 1 68  ? 18.717  2.683   -3.017  1.00 15.46 ? 95  PRO A CD   1 
ATOM   536  N  N    . ASP A 1 69  ? 16.478  5.040   -4.802  1.00 13.06 ? 96  ASP A N    1 
ATOM   537  C  CA   . ASP A 1 69  ? 15.702  5.691   -5.834  1.00 12.64 ? 96  ASP A CA   1 
ATOM   538  C  C    . ASP A 1 69  ? 14.179  5.624   -5.642  1.00 12.22 ? 96  ASP A C    1 
ATOM   539  O  O    . ASP A 1 69  ? 13.446  6.203   -6.420  1.00 12.74 ? 96  ASP A O    1 
ATOM   540  C  CB   . ASP A 1 69  ? 16.067  5.158   -7.244  1.00 12.58 ? 96  ASP A CB   1 
ATOM   541  C  CG   . ASP A 1 69  ? 15.853  3.659   -7.398  1.00 13.33 ? 96  ASP A CG   1 
ATOM   542  O  OD1  . ASP A 1 69  ? 15.575  3.010   -6.374  1.00 15.66 ? 96  ASP A OD1  1 
ATOM   543  O  OD2  . ASP A 1 69  ? 15.998  3.144   -8.520  1.00 16.02 ? 96  ASP A OD2  1 
ATOM   544  N  N    . TYR A 1 70  ? 13.706  4.842   -4.662  1.00 12.11 ? 97  TYR A N    1 
ATOM   545  C  CA   . TYR A 1 70  ? 12.273  4.512   -4.636  1.00 11.93 ? 97  TYR A CA   1 
ATOM   546  C  C    . TYR A 1 70  ? 11.373  5.765   -4.560  1.00 11.17 ? 97  TYR A C    1 
ATOM   547  O  O    . TYR A 1 70  ? 10.466  5.929   -5.343  1.00 10.97 ? 97  TYR A O    1 
ATOM   548  C  CB   . TYR A 1 70  ? 11.942  3.542   -3.491  1.00 11.33 ? 97  TYR A CB   1 
ATOM   549  C  CG   . TYR A 1 70  ? 10.518  3.081   -3.558  1.00 11.50 ? 97  TYR A CG   1 
ATOM   550  C  CD1  . TYR A 1 70  ? 10.153  2.037   -4.368  1.00 11.56 ? 97  TYR A CD1  1 
ATOM   551  C  CD2  . TYR A 1 70  ? 9.525   3.732   -2.850  1.00 10.93 ? 97  TYR A CD2  1 
ATOM   552  C  CE1  . TYR A 1 70  ? 8.841   1.601   -4.448  1.00 11.39 ? 97  TYR A CE1  1 
ATOM   553  C  CE2  . TYR A 1 70  ? 8.206   3.333   -2.937  1.00 10.88 ? 97  TYR A CE2  1 
ATOM   554  C  CZ   . TYR A 1 70  ? 7.858   2.269   -3.758  1.00 11.60 ? 97  TYR A CZ   1 
ATOM   555  O  OH   . TYR A 1 70  ? 6.546   1.859   -3.835  1.00 12.46 ? 97  TYR A OH   1 
ATOM   556  N  N    . TYR A 1 71  ? 11.681  6.651   -3.616  1.00 11.16 ? 98  TYR A N    1 
ATOM   557  C  CA   . TYR A 1 71  ? 10.886  7.863   -3.430  1.00 11.66 ? 98  TYR A CA   1 
ATOM   558  C  C    . TYR A 1 71  ? 11.276  9.006   -4.358  1.00 12.49 ? 98  TYR A C    1 
ATOM   559  O  O    . TYR A 1 71  ? 10.627  10.051  -4.292  1.00 13.82 ? 98  TYR A O    1 
ATOM   560  C  CB   . TYR A 1 71  ? 10.896  8.251   -1.955  1.00 11.32 ? 98  TYR A CB   1 
ATOM   561  C  CG   . TYR A 1 71  ? 10.178  7.208   -1.083  1.00 11.07 ? 98  TYR A CG   1 
ATOM   562  C  CD1  . TYR A 1 71  ? 8.813   7.076   -1.174  1.00 11.00 ? 98  TYR A CD1  1 
ATOM   563  C  CD2  . TYR A 1 71  ? 10.860  6.370   -0.206  1.00 10.65 ? 98  TYR A CD2  1 
ATOM   564  C  CE1  . TYR A 1 71  ? 8.115   6.157   -0.416  1.00 11.37 ? 98  TYR A CE1  1 
ATOM   565  C  CE2  . TYR A 1 71  ? 10.171  5.448   0.593   1.00 11.35 ? 98  TYR A CE2  1 
ATOM   566  C  CZ   . TYR A 1 71  ? 8.799   5.337   0.449   1.00 11.55 ? 98  TYR A CZ   1 
ATOM   567  O  OH   . TYR A 1 71  ? 8.049   4.450   1.198   1.00 11.51 ? 98  TYR A OH   1 
ATOM   568  N  N    . LYS A 1 72  ? 12.255  8.800   -5.243  1.00 12.34 ? 99  LYS A N    1 
ATOM   569  C  CA   . LYS A 1 72  ? 12.464  9.695   -6.376  1.00 13.69 ? 99  LYS A CA   1 
ATOM   570  C  C    . LYS A 1 72  ? 11.451  9.410   -7.468  1.00 13.45 ? 99  LYS A C    1 
ATOM   571  O  O    . LYS A 1 72  ? 11.071  10.294  -8.226  1.00 15.74 ? 99  LYS A O    1 
ATOM   572  C  CB   . LYS A 1 72  ? 13.851  9.507   -6.998  1.00 14.57 ? 99  LYS A CB   1 
ATOM   573  C  CG   . LYS A 1 72  ? 15.019  9.635   -6.078  1.00 16.93 ? 99  LYS A CG   1 
ATOM   574  C  CD   . LYS A 1 72  ? 15.040  10.937  -5.341  1.00 17.97 ? 99  LYS A CD   1 
ATOM   575  C  CE   . LYS A 1 72  ? 16.270  11.071  -4.428  1.00 18.92 ? 99  LYS A CE   1 
ATOM   576  N  NZ   . LYS A 1 72  ? 16.015  12.021  -3.309  1.00 20.56 ? 99  LYS A NZ   1 
ATOM   577  N  N    . ILE A 1 73  ? 11.027  8.148   -7.544  1.00 13.08 ? 100 ILE A N    1 
ATOM   578  C  CA   . ILE A 1 73  ? 10.145  7.632   -8.599  1.00 13.65 ? 100 ILE A CA   1 
ATOM   579  C  C    . ILE A 1 73  ? 8.666   7.577   -8.133  1.00 12.51 ? 100 ILE A C    1 
ATOM   580  O  O    . ILE A 1 73  ? 7.764   7.963   -8.856  1.00 14.10 ? 100 ILE A O    1 
ATOM   581  C  CB   . ILE A 1 73  ? 10.622  6.205   -9.031  1.00 14.91 ? 100 ILE A CB   1 
ATOM   582  C  CG1  . ILE A 1 73  ? 12.038  6.277   -9.640  1.00 16.68 ? 100 ILE A CG1  1 
ATOM   583  C  CG2  . ILE A 1 73  ? 9.652   5.527   -9.977  1.00 15.48 ? 100 ILE A CG2  1 
ATOM   584  C  CD1  . ILE A 1 73  ? 12.797  4.961   -9.674  1.00 17.71 ? 100 ILE A CD1  1 
ATOM   585  N  N    . ILE A 1 74  ? 8.450   7.135   -6.896  1.00 11.96 ? 101 ILE A N    1 
ATOM   586  C  CA   . ILE A 1 74  ? 7.113   6.946   -6.338  1.00 11.90 ? 101 ILE A CA   1 
ATOM   587  C  C    . ILE A 1 74  ? 6.781   8.091   -5.395  1.00 11.28 ? 101 ILE A C    1 
ATOM   588  O  O    . ILE A 1 74  ? 7.373   8.208   -4.331  1.00 11.44 ? 101 ILE A O    1 
ATOM   589  C  CB   . ILE A 1 74  ? 7.026   5.578   -5.627  1.00 11.99 ? 101 ILE A CB   1 
ATOM   590  C  CG1  . ILE A 1 74  ? 7.336   4.447   -6.624  1.00 12.37 ? 101 ILE A CG1  1 
ATOM   591  C  CG2  . ILE A 1 74  ? 5.676   5.351   -4.946  1.00 11.94 ? 101 ILE A CG2  1 
ATOM   592  C  CD1  . ILE A 1 74  ? 6.399   4.378   -7.795  1.00 13.12 ? 101 ILE A CD1  1 
ATOM   593  N  N    . LYS A 1 75  ? 5.838   8.929   -5.819  1.00 12.52 ? 102 LYS A N    1 
ATOM   594  C  CA   . LYS A 1 75  ? 5.463   10.137  -5.089  1.00 13.46 ? 102 LYS A CA   1 
ATOM   595  C  C    . LYS A 1 75  ? 4.147   9.983   -4.345  1.00 13.74 ? 102 LYS A C    1 
ATOM   596  O  O    . LYS A 1 75  ? 3.798   10.857  -3.553  1.00 13.91 ? 102 LYS A O    1 
ATOM   597  C  CB   . LYS A 1 75  ? 5.392   11.390  -5.998  1.00 14.33 ? 102 LYS A CB   1 
ATOM   598  C  CG   . LYS A 1 75  ? 6.659   11.679  -6.778  1.00 15.78 ? 102 LYS A CG   1 
ATOM   599  C  CD   . LYS A 1 75  ? 7.843   11.821  -5.831  1.00 16.78 ? 102 LYS A CD   1 
ATOM   600  C  CE   . LYS A 1 75  ? 9.059   12.449  -6.489  1.00 17.62 ? 102 LYS A CE   1 
ATOM   601  N  NZ   . LYS A 1 75  ? 10.185  12.493  -5.547  1.00 17.24 ? 102 LYS A NZ   1 
ATOM   602  N  N    . THR A 1 76  ? 3.412   8.903   -4.594  1.00 13.05 ? 103 THR A N    1 
ATOM   603  C  CA   . THR A 1 76  ? 2.150   8.638   -3.895  1.00 13.77 ? 103 THR A CA   1 
ATOM   604  C  C    . THR A 1 76  ? 2.215   7.213   -3.340  1.00 13.44 ? 103 THR A C    1 
ATOM   605  O  O    . THR A 1 76  ? 1.568   6.301   -3.836  1.00 13.20 ? 103 THR A O    1 
ATOM   606  C  CB   . THR A 1 76  ? 0.935   8.806   -4.833  1.00 15.81 ? 103 THR A CB   1 
ATOM   607  O  OG1  . THR A 1 76  ? 0.956   10.117  -5.419  1.00 19.44 ? 103 THR A OG1  1 
ATOM   608  C  CG2  . THR A 1 76  ? -0.361  8.683   -4.083  1.00 17.04 ? 103 THR A CG2  1 
ATOM   609  N  N    . PRO A 1 77  ? 3.064   6.975   -2.333  1.00 12.28 ? 104 PRO A N    1 
ATOM   610  C  CA   . PRO A 1 77  ? 3.249   5.634   -1.804  1.00 12.03 ? 104 PRO A CA   1 
ATOM   611  C  C    . PRO A 1 77  ? 1.984   5.136   -1.126  1.00 11.57 ? 104 PRO A C    1 
ATOM   612  O  O    . PRO A 1 77  ? 1.217   5.916   -0.580  1.00 12.02 ? 104 PRO A O    1 
ATOM   613  C  CB   . PRO A 1 77  ? 4.378   5.780   -0.801  1.00 13.08 ? 104 PRO A CB   1 
ATOM   614  C  CG   . PRO A 1 77  ? 4.547   7.227   -0.584  1.00 13.06 ? 104 PRO A CG   1 
ATOM   615  C  CD   . PRO A 1 77  ? 3.896   7.982   -1.665  1.00 12.54 ? 104 PRO A CD   1 
ATOM   616  N  N    . MET A 1 78  ? 1.791   3.829   -1.155  1.00 10.46 ? 105 MET A N    1 
ATOM   617  C  CA   . MET A 1 78  ? 0.677   3.216   -0.449  1.00 10.41 ? 105 MET A CA   1 
ATOM   618  C  C    . MET A 1 78  ? 1.016   1.764   -0.226  1.00 10.69 ? 105 MET A C    1 
ATOM   619  O  O    . MET A 1 78  ? 1.705   1.162   -1.019  1.00 11.94 ? 105 MET A O    1 
ATOM   620  C  CB   . MET A 1 78  ? -0.634  3.381   -1.233  1.00 10.54 ? 105 MET A CB   1 
ATOM   621  C  CG   . MET A 1 78  ? -1.871  2.886   -0.505  1.00 11.32 ? 105 MET A CG   1 
ATOM   622  S  SD   . MET A 1 78  ? -2.131  3.559   1.135   1.00 12.06 ? 105 MET A SD   1 
ATOM   623  C  CE   . MET A 1 78  ? -2.112  5.323   0.817   1.00 11.47 ? 105 MET A CE   1 
ATOM   624  N  N    . ASP A 1 79  ? 0.485   1.206   0.874   1.00 11.14 ? 106 ASP A N    1 
ATOM   625  C  CA   . ASP A 1 79  ? 0.788   -0.159  1.321   1.00 11.14 ? 106 ASP A CA   1 
ATOM   626  C  C    . ASP A 1 79  ? -0.394  -0.697  2.108   1.00 11.21 ? 106 ASP A C    1 
ATOM   627  O  O    . ASP A 1 79  ? -1.271  0.049   2.549   1.00 10.82 ? 106 ASP A O    1 
ATOM   628  C  CB   . ASP A 1 79  ? 2.031   -0.169  2.187   1.00 11.86 ? 106 ASP A CB   1 
ATOM   629  C  CG   . ASP A 1 79  ? 1.820   0.585   3.463   1.00 12.24 ? 106 ASP A CG   1 
ATOM   630  O  OD1  . ASP A 1 79  ? 1.863   1.845   3.463   1.00 12.29 ? 106 ASP A OD1  1 
ATOM   631  O  OD2  . ASP A 1 79  ? 1.514   -0.088  4.480   1.00 11.52 ? 106 ASP A OD2  1 
ATOM   632  N  N    . MET A 1 80  ? -0.450  -2.015  2.268   1.00 10.92 ? 107 MET A N    1 
ATOM   633  C  CA   . MET A 1 80  ? -1.565  -2.626  2.978   1.00 11.69 ? 107 MET A CA   1 
ATOM   634  C  C    . MET A 1 80  ? -1.548  -2.383  4.470   1.00 11.88 ? 107 MET A C    1 
ATOM   635  O  O    . MET A 1 80  ? -2.590  -2.514  5.103   1.00 11.90 ? 107 MET A O    1 
ATOM   636  C  CB   . MET A 1 80  ? -1.630  -4.146  2.735   1.00 13.13 ? 107 MET A CB   1 
ATOM   637  C  CG   . MET A 1 80  ? -2.004  -4.550  1.340   1.00 13.91 ? 107 MET A CG   1 
ATOM   638  S  SD   . MET A 1 80  ? -2.659  -6.233  1.242   1.00 15.70 ? 107 MET A SD   1 
ATOM   639  C  CE   . MET A 1 80  ? -1.292  -7.224  1.800   1.00 15.86 ? 107 MET A CE   1 
ATOM   640  N  N    . GLY A 1 81  ? -0.394  -2.118  5.070   1.00 11.68 ? 108 GLY A N    1 
ATOM   641  C  CA   . GLY A 1 81  ? -0.392  -1.758  6.470   1.00 11.92 ? 108 GLY A CA   1 
ATOM   642  C  C    . GLY A 1 81  ? -1.176  -0.470  6.708   1.00 11.62 ? 108 GLY A C    1 
ATOM   643  O  O    . GLY A 1 81  ? -1.961  -0.370  7.647   1.00 12.81 ? 108 GLY A O    1 
ATOM   644  N  N    . THR A 1 82  ? -0.937  0.529   5.852   1.00 11.36 ? 109 THR A N    1 
ATOM   645  C  CA   . THR A 1 82  ? -1.684  1.784   5.873   1.00 11.37 ? 109 THR A CA   1 
ATOM   646  C  C    . THR A 1 82  ? -3.161  1.532   5.611   1.00 11.02 ? 109 THR A C    1 
ATOM   647  O  O    . THR A 1 82  ? -4.009  2.051   6.329   1.00 10.71 ? 109 THR A O    1 
ATOM   648  C  CB   . THR A 1 82  ? -1.110  2.722   4.820   1.00 11.80 ? 109 THR A CB   1 
ATOM   649  O  OG1  . THR A 1 82  ? 0.236   2.992   5.195   1.00 13.08 ? 109 THR A OG1  1 
ATOM   650  C  CG2  . THR A 1 82  ? -1.870  4.029   4.725   1.00 12.34 ? 109 THR A CG2  1 
ATOM   651  N  N    . ILE A 1 83  ? -3.500  0.748   4.597   1.00 10.92 ? 110 ILE A N    1 
ATOM   652  C  CA   . ILE A 1 83  ? -4.906  0.458   4.301   1.00 10.84 ? 110 ILE A CA   1 
ATOM   653  C  C    . ILE A 1 83  ? -5.569  -0.242  5.482   1.00 11.37 ? 110 ILE A C    1 
ATOM   654  O  O    . ILE A 1 83  ? -6.695  0.087   5.849   1.00 11.38 ? 110 ILE A O    1 
ATOM   655  C  CB   . ILE A 1 83  ? -5.030  -0.395  3.022   1.00 11.04 ? 110 ILE A CB   1 
ATOM   656  C  CG1  . ILE A 1 83  ? -4.515  0.391   1.789   1.00 11.09 ? 110 ILE A CG1  1 
ATOM   657  C  CG2  . ILE A 1 83  ? -6.474  -0.859  2.809   1.00 11.36 ? 110 ILE A CG2  1 
ATOM   658  C  CD1  . ILE A 1 83  ? -4.301  -0.437  0.535   1.00 10.45 ? 110 ILE A CD1  1 
ATOM   659  N  N    . LYS A 1 84  ? -4.874  -1.206  6.086   1.00 11.85 ? 111 LYS A N    1 
ATOM   660  C  CA   . LYS A 1 84  ? -5.440  -1.923  7.248   1.00 12.94 ? 111 LYS A CA   1 
ATOM   661  C  C    . LYS A 1 84  ? -5.740  -0.971  8.395   1.00 13.72 ? 111 LYS A C    1 
ATOM   662  O  O    . LYS A 1 84  ? -6.820  -1.044  8.983   1.00 14.02 ? 111 LYS A O    1 
ATOM   663  C  CB   . LYS A 1 84  ? -4.445  -2.994  7.706   1.00 14.37 ? 111 LYS A CB   1 
ATOM   664  C  CG   . LYS A 1 84  ? -4.912  -3.844  8.892   1.00 15.87 ? 111 LYS A CG   1 
ATOM   665  C  CD   . LYS A 1 84  ? -3.943  -5.005  9.077   1.00 18.38 ? 111 LYS A CD   1 
ATOM   666  C  CE   . LYS A 1 84  ? -4.430  -5.988  10.137  1.00 22.06 ? 111 LYS A CE   1 
ATOM   667  N  NZ   . LYS A 1 84  ? -4.075  -5.465  11.478  1.00 23.96 ? 111 LYS A NZ   1 
ATOM   668  N  N    . LYS A 1 85  ? -4.797  -0.096  8.696   1.00 13.82 ? 112 LYS A N    1 
ATOM   669  C  CA   . LYS A 1 85  ? -4.987  0.907   9.737   1.00 15.01 ? 112 LYS A CA   1 
ATOM   670  C  C    . LYS A 1 85  ? -6.139  1.847   9.381   1.00 13.83 ? 112 LYS A C    1 
ATOM   671  O  O    . LYS A 1 85  ? -6.971  2.158   10.231  1.00 14.21 ? 112 LYS A O    1 
ATOM   672  C  CB   . LYS A 1 85  ? -3.716  1.707   9.988   1.00 18.36 ? 112 LYS A CB   1 
ATOM   673  C  CG   . LYS A 1 85  ? -2.646  0.973   10.790  1.00 22.59 ? 112 LYS A CG   1 
ATOM   674  C  CD   . LYS A 1 85  ? -2.767  1.210   12.290  1.00 27.11 ? 112 LYS A CD   1 
ATOM   675  C  CE   . LYS A 1 85  ? -1.656  0.515   13.068  1.00 30.24 ? 112 LYS A CE   1 
ATOM   676  N  NZ   . LYS A 1 85  ? -0.297  0.920   12.615  1.00 34.23 ? 112 LYS A NZ   1 
ATOM   677  N  N    . ARG A 1 86  ? -6.207  2.285   8.132   1.00 12.21 ? 113 ARG A N    1 
ATOM   678  C  CA   . ARG A 1 86  ? -7.310  3.145   7.701   1.00 12.40 ? 113 ARG A CA   1 
ATOM   679  C  C    . ARG A 1 86  ? -8.667  2.432   7.875   1.00 12.06 ? 113 ARG A C    1 
ATOM   680  O  O    . ARG A 1 86  ? -9.635  3.018   8.388   1.00 13.39 ? 113 ARG A O    1 
ATOM   681  C  CB   . ARG A 1 86  ? -7.088  3.594   6.259   1.00 11.74 ? 113 ARG A CB   1 
ATOM   682  C  CG   . ARG A 1 86  ? -6.032  4.674   6.115   1.00 11.09 ? 113 ARG A CG   1 
ATOM   683  C  CD   . ARG A 1 86  ? -5.777  5.023   4.660   1.00 11.05 ? 113 ARG A CD   1 
ATOM   684  N  NE   . ARG A 1 86  ? -4.822  6.116   4.586   1.00 11.31 ? 113 ARG A NE   1 
ATOM   685  C  CZ   . ARG A 1 86  ? -4.577  6.866   3.519   1.00 11.66 ? 113 ARG A CZ   1 
ATOM   686  N  NH1  . ARG A 1 86  ? -5.150  6.651   2.348   1.00 11.84 ? 113 ARG A NH1  1 
ATOM   687  N  NH2  . ARG A 1 86  ? -3.681  7.838   3.669   1.00 12.40 ? 113 ARG A NH2  1 
ATOM   688  N  N    . LEU A 1 87  ? -8.760  1.165   7.498   1.00 12.02 ? 114 LEU A N    1 
ATOM   689  C  CA   . LEU A 1 87  ? -10.006 0.415   7.692   1.00 12.61 ? 114 LEU A CA   1 
ATOM   690  C  C    . LEU A 1 87  ? -10.345 0.234   9.161   1.00 14.23 ? 114 LEU A C    1 
ATOM   691  O  O    . LEU A 1 87  ? -11.494 0.441   9.547   1.00 15.67 ? 114 LEU A O    1 
ATOM   692  C  CB   . LEU A 1 87  ? -9.949  -0.951  7.015   1.00 12.54 ? 114 LEU A CB   1 
ATOM   693  C  CG   . LEU A 1 87  ? -9.987  -0.874  5.488   1.00 11.81 ? 114 LEU A CG   1 
ATOM   694  C  CD1  . LEU A 1 87  ? -9.548  -2.159  4.800   1.00 12.67 ? 114 LEU A CD1  1 
ATOM   695  C  CD2  . LEU A 1 87  ? -11.372 -0.493  4.972   1.00 12.51 ? 114 LEU A CD2  1 
ATOM   696  N  N    . GLU A 1 88  ? -9.357  -0.108  9.984   1.00 15.46 ? 115 GLU A N    1 
ATOM   697  C  CA   . GLU A 1 88  ? -9.583  -0.271  11.442  1.00 16.97 ? 115 GLU A CA   1 
ATOM   698  C  C    . GLU A 1 88  ? -9.990  1.034   12.106  1.00 17.94 ? 115 GLU A C    1 
ATOM   699  O  O    . GLU A 1 88  ? -10.770 1.027   13.076  1.00 19.65 ? 115 GLU A O    1 
ATOM   700  C  CB   . GLU A 1 88  ? -8.343  -0.830  12.154  1.00 18.74 ? 115 GLU A CB   1 
ATOM   701  C  CG   . GLU A 1 88  ? -8.058  -2.276  11.792  1.00 20.51 ? 115 GLU A CG   1 
ATOM   702  C  CD   . GLU A 1 88  ? -6.654  -2.756  12.148  1.00 21.84 ? 115 GLU A CD   1 
ATOM   703  O  OE1  . GLU A 1 88  ? -5.805  -1.942  12.574  1.00 24.58 ? 115 GLU A OE1  1 
ATOM   704  O  OE2  . GLU A 1 88  ? -6.410  -3.964  11.952  1.00 25.81 ? 115 GLU A OE2  1 
ATOM   705  N  N    . ASN A 1 89  ? -9.505  2.148   11.574  1.00 16.33 ? 116 ASN A N    1 
ATOM   706  C  CA   . ASN A 1 89  ? -9.773  3.481   12.142  1.00 17.74 ? 116 ASN A CA   1 
ATOM   707  C  C    . ASN A 1 89  ? -10.979 4.155   11.513  1.00 17.21 ? 116 ASN A C    1 
ATOM   708  O  O    . ASN A 1 89  ? -11.218 5.335   11.811  1.00 19.27 ? 116 ASN A O    1 
ATOM   709  C  CB   . ASN A 1 89  ? -8.562  4.417   11.907  1.00 20.45 ? 116 ASN A CB   1 
ATOM   710  C  CG   . ASN A 1 89  ? -7.351  4.054   12.722  1.00 23.26 ? 116 ASN A CG   1 
ATOM   711  O  OD1  . ASN A 1 89  ? -7.385  3.156   13.573  1.00 27.36 ? 116 ASN A OD1  1 
ATOM   712  N  ND2  . ASN A 1 89  ? -6.251  4.736   12.455  1.00 24.04 ? 116 ASN A ND2  1 
ATOM   713  N  N    . ASN A 1 90  ? -11.697 3.473   10.625  1.00 16.72 ? 117 ASN A N    1 
ATOM   714  C  CA   . ASN A 1 90  ? -12.876 4.015   9.944   1.00 16.57 ? 117 ASN A CA   1 
ATOM   715  C  C    . ASN A 1 90  ? -12.577 5.307   9.186   1.00 16.70 ? 117 ASN A C    1 
ATOM   716  O  O    . ASN A 1 90  ? -13.407 6.198   9.132   1.00 19.02 ? 117 ASN A O    1 
ATOM   717  C  CB   . ASN A 1 90  ? -14.030 4.187   10.958  1.00 18.63 ? 117 ASN A CB   1 
ATOM   718  C  CG   . ASN A 1 90  ? -14.408 2.855   11.617  1.00 21.68 ? 117 ASN A CG   1 
ATOM   719  O  OD1  . ASN A 1 90  ? -14.674 1.868   10.938  1.00 24.07 ? 117 ASN A OD1  1 
ATOM   720  N  ND2  . ASN A 1 90  ? -14.390 2.822   12.936  1.00 25.29 ? 117 ASN A ND2  1 
ATOM   721  N  N    . TYR A 1 91  ? -11.408 5.371   8.560   1.00 13.95 ? 118 TYR A N    1 
ATOM   722  C  CA   . TYR A 1 91  ? -10.900 6.566   7.866   1.00 12.60 ? 118 TYR A CA   1 
ATOM   723  C  C    . TYR A 1 91  ? -11.668 6.932   6.587   1.00 11.91 ? 118 TYR A C    1 
ATOM   724  O  O    . TYR A 1 91  ? -11.629 8.084   6.153   1.00 11.73 ? 118 TYR A O    1 
ATOM   725  C  CB   . TYR A 1 91  ? -9.437  6.275   7.486   1.00 12.94 ? 118 TYR A CB   1 
ATOM   726  C  CG   . TYR A 1 91  ? -8.661  7.326   6.734   1.00 12.58 ? 118 TYR A CG   1 
ATOM   727  C  CD1  . TYR A 1 91  ? -8.014  8.349   7.395   1.00 12.82 ? 118 TYR A CD1  1 
ATOM   728  C  CD2  . TYR A 1 91  ? -8.535  7.281   5.336   1.00 12.49 ? 118 TYR A CD2  1 
ATOM   729  C  CE1  . TYR A 1 91  ? -7.267  9.304   6.726   1.00 13.35 ? 118 TYR A CE1  1 
ATOM   730  C  CE2  . TYR A 1 91  ? -7.794  8.231   4.669   1.00 13.05 ? 118 TYR A CE2  1 
ATOM   731  C  CZ   . TYR A 1 91  ? -7.174  9.241   5.370   1.00 13.62 ? 118 TYR A CZ   1 
ATOM   732  O  OH   . TYR A 1 91  ? -6.440  10.169  4.702   1.00 15.68 ? 118 TYR A OH   1 
ATOM   733  N  N    . TYR A 1 92  ? -12.271 5.943   5.943   1.00 11.67 ? 119 TYR A N    1 
ATOM   734  C  CA   . TYR A 1 92  ? -12.846 6.109   4.634   1.00 11.24 ? 119 TYR A CA   1 
ATOM   735  C  C    . TYR A 1 92  ? -14.313 6.575   4.661   1.00 11.63 ? 119 TYR A C    1 
ATOM   736  O  O    . TYR A 1 92  ? -15.069 6.251   5.587   1.00 12.27 ? 119 TYR A O    1 
ATOM   737  C  CB   . TYR A 1 92  ? -12.762 4.809   3.856   1.00 11.13 ? 119 TYR A CB   1 
ATOM   738  C  CG   . TYR A 1 92  ? -11.354 4.319   3.615   1.00 11.27 ? 119 TYR A CG   1 
ATOM   739  C  CD1  . TYR A 1 92  ? -10.509 4.980   2.736   1.00 11.12 ? 119 TYR A CD1  1 
ATOM   740  C  CD2  . TYR A 1 92  ? -10.889 3.134   4.190   1.00 11.31 ? 119 TYR A CD2  1 
ATOM   741  C  CE1  . TYR A 1 92  ? -9.247  4.516   2.452   1.00 11.30 ? 119 TYR A CE1  1 
ATOM   742  C  CE2  . TYR A 1 92  ? -9.612  2.682   3.918   1.00 11.47 ? 119 TYR A CE2  1 
ATOM   743  C  CZ   . TYR A 1 92  ? -8.813  3.359   3.036   1.00 11.21 ? 119 TYR A CZ   1 
ATOM   744  O  OH   . TYR A 1 92  ? -7.570  2.833   2.745   1.00 11.93 ? 119 TYR A OH   1 
ATOM   745  N  N    . TRP A 1 93  ? -14.686 7.295   3.618   1.00 11.56 ? 120 TRP A N    1 
ATOM   746  C  CA   . TRP A 1 93  ? -16.079 7.688   3.396   1.00 11.68 ? 120 TRP A CA   1 
ATOM   747  C  C    . TRP A 1 93  ? -16.830 6.619   2.584   1.00 11.71 ? 120 TRP A C    1 
ATOM   748  O  O    . TRP A 1 93  ? -18.037 6.448   2.742   1.00 12.22 ? 120 TRP A O    1 
ATOM   749  C  CB   . TRP A 1 93  ? -16.109 9.028   2.668   1.00 11.57 ? 120 TRP A CB   1 
ATOM   750  C  CG   . TRP A 1 93  ? -17.492 9.517   2.318   1.00 11.87 ? 120 TRP A CG   1 
ATOM   751  C  CD1  . TRP A 1 93  ? -18.117 9.377   1.133   1.00 12.52 ? 120 TRP A CD1  1 
ATOM   752  C  CD2  . TRP A 1 93  ? -18.420 10.172  3.190   1.00 12.02 ? 120 TRP A CD2  1 
ATOM   753  N  NE1  . TRP A 1 93  ? -19.344 9.959   1.180   1.00 12.59 ? 120 TRP A NE1  1 
ATOM   754  C  CE2  . TRP A 1 93  ? -19.567 10.458  2.428   1.00 12.22 ? 120 TRP A CE2  1 
ATOM   755  C  CE3  . TRP A 1 93  ? -18.364 10.597  4.510   1.00 12.90 ? 120 TRP A CE3  1 
ATOM   756  C  CZ2  . TRP A 1 93  ? -20.667 11.127  2.957   1.00 12.87 ? 120 TRP A CZ2  1 
ATOM   757  C  CZ3  . TRP A 1 93  ? -19.498 11.260  5.045   1.00 12.90 ? 120 TRP A CZ3  1 
ATOM   758  C  CH2  . TRP A 1 93  ? -20.603 11.524  4.247   1.00 12.90 ? 120 TRP A CH2  1 
ATOM   759  N  N    . ASN A 1 94  ? -16.140 5.949   1.669   1.00 11.60 ? 121 ASN A N    1 
ATOM   760  C  CA   . ASN A 1 94  ? -16.784 4.939   0.832   1.00 12.12 ? 121 ASN A CA   1 
ATOM   761  C  C    . ASN A 1 94  ? -15.784 3.900   0.384   1.00 12.10 ? 121 ASN A C    1 
ATOM   762  O  O    . ASN A 1 94  ? -14.582 4.044   0.609   1.00 12.30 ? 121 ASN A O    1 
ATOM   763  C  CB   . ASN A 1 94  ? -17.490 5.586   -0.383  1.00 13.21 ? 121 ASN A CB   1 
ATOM   764  C  CG   . ASN A 1 94  ? -16.564 6.373   -1.284  1.00 14.27 ? 121 ASN A CG   1 
ATOM   765  O  OD1  . ASN A 1 94  ? -15.389 6.130   -1.346  1.00 14.50 ? 121 ASN A OD1  1 
ATOM   766  N  ND2  . ASN A 1 94  ? -17.117 7.304   -2.050  1.00 16.40 ? 121 ASN A ND2  1 
ATOM   767  N  N    . ALA A 1 95  ? -16.285 2.889   -0.298  1.00 12.86 ? 122 ALA A N    1 
ATOM   768  C  CA   . ALA A 1 95  ? -15.443 1.813   -0.797  1.00 12.56 ? 122 ALA A CA   1 
ATOM   769  C  C    . ALA A 1 95  ? -14.448 2.314   -1.812  1.00 13.22 ? 122 ALA A C    1 
ATOM   770  O  O    . ALA A 1 95  ? -13.329 1.816   -1.838  1.00 12.37 ? 122 ALA A O    1 
ATOM   771  C  CB   . ALA A 1 95  ? -16.321 0.735   -1.408  1.00 13.75 ? 122 ALA A CB   1 
ATOM   772  N  N    . GLN A 1 96  ? -14.823 3.261   -2.652  1.00 12.75 ? 123 GLN A N    1 
ATOM   773  C  CA   . GLN A 1 96  ? -13.959 3.768   -3.711  1.00 13.39 ? 123 GLN A CA   1 
ATOM   774  C  C    . GLN A 1 96  ? -12.663 4.284   -3.147  1.00 12.79 ? 123 GLN A C    1 
ATOM   775  O  O    . GLN A 1 96  ? -11.599 4.038   -3.716  1.00 12.76 ? 123 GLN A O    1 
ATOM   776  C  CB   . GLN A 1 96  ? -14.631 4.893   -4.546  1.00 14.61 ? 123 GLN A CB   1 
ATOM   777  C  CG   . GLN A 1 96  ? -13.933 5.270   -5.856  1.00 17.43 ? 123 GLN A CG   1 
ATOM   778  C  CD   . GLN A 1 96  ? -12.724 6.186   -5.742  1.00 19.25 ? 123 GLN A CD   1 
ATOM   779  O  OE1  . GLN A 1 96  ? -12.702 7.149   -4.972  1.00 23.58 ? 123 GLN A OE1  1 
ATOM   780  N  NE2  . GLN A 1 96  ? -11.695 5.889   -6.543  1.00 21.24 ? 123 GLN A NE2  1 
ATOM   781  N  N    . GLU A 1 97  ? -12.715 5.016   -2.035  1.00 12.10 ? 124 GLU A N    1 
ATOM   782  C  CA   . GLU A 1 97  ? -11.476 5.580   -1.479  1.00 12.76 ? 124 GLU A CA   1 
ATOM   783  C  C    . GLU A 1 97  ? -10.497 4.480   -1.065  1.00 11.82 ? 124 GLU A C    1 
ATOM   784  O  O    . GLU A 1 97  ? -9.308  4.610   -1.265  1.00 12.58 ? 124 GLU A O    1 
ATOM   785  C  CB   . GLU A 1 97  ? -11.774 6.465   -0.273  1.00 13.16 ? 124 GLU A CB   1 
ATOM   786  C  CG   . GLU A 1 97  ? -12.595 7.722   -0.581  1.00 13.70 ? 124 GLU A CG   1 
ATOM   787  C  CD   . GLU A 1 97  ? -12.810 8.594   0.628   1.00 14.33 ? 124 GLU A CD   1 
ATOM   788  O  OE1  . GLU A 1 97  ? -12.729 8.101   1.769   1.00 13.50 ? 124 GLU A OE1  1 
ATOM   789  O  OE2  . GLU A 1 97  ? -13.065 9.799   0.420   1.00 16.18 ? 124 GLU A OE2  1 
ATOM   790  N  N    . CYS A 1 98  ? -11.022 3.394   -0.524  1.00 11.50 ? 125 CYS A N    1 
ATOM   791  C  CA   . CYS A 1 98  ? -10.186 2.287   -0.120  1.00 11.39 ? 125 CYS A CA   1 
ATOM   792  C  C    . CYS A 1 98  ? -9.657  1.510   -1.328  1.00 11.31 ? 125 CYS A C    1 
ATOM   793  O  O    . CYS A 1 98  ? -8.477  1.202   -1.421  1.00 10.38 ? 125 CYS A O    1 
ATOM   794  C  CB   . CYS A 1 98  ? -10.973 1.387   0.818   1.00 11.69 ? 125 CYS A CB   1 
ATOM   795  S  SG   . CYS A 1 98  ? -10.097 -0.130  1.292   1.00 12.70 ? 125 CYS A SG   1 
ATOM   796  N  N    . ILE A 1 99  ? -10.528 1.196   -2.279  1.00 10.28 ? 126 ILE A N    1 
ATOM   797  C  CA   . ILE A 1 99  ? -10.130 0.527   -3.501  1.00 11.01 ? 126 ILE A CA   1 
ATOM   798  C  C    . ILE A 1 99  ? -9.052  1.344   -4.229  1.00 11.13 ? 126 ILE A C    1 
ATOM   799  O  O    . ILE A 1 99  ? -8.071  0.767   -4.747  1.00 11.11 ? 126 ILE A O    1 
ATOM   800  C  CB   . ILE A 1 99  ? -11.365 0.270   -4.409  1.00 11.79 ? 126 ILE A CB   1 
ATOM   801  C  CG1  . ILE A 1 99  ? -12.239 -0.810  -3.758  1.00 12.24 ? 126 ILE A CG1  1 
ATOM   802  C  CG2  . ILE A 1 99  ? -10.960 -0.157  -5.812  1.00 12.71 ? 126 ILE A CG2  1 
ATOM   803  C  CD1  . ILE A 1 99  ? -13.636 -0.972  -4.329  1.00 12.86 ? 126 ILE A CD1  1 
ATOM   804  N  N    . GLN A 1 100 ? -9.173  2.669   -4.262  1.00 10.90 ? 127 GLN A N    1 
ATOM   805  C  CA   . GLN A 1 100 ? -8.159  3.489   -4.899  1.00 12.29 ? 127 GLN A CA   1 
ATOM   806  C  C    . GLN A 1 100 ? -6.805  3.315   -4.199  1.00 11.40 ? 127 GLN A C    1 
ATOM   807  O  O    . GLN A 1 100 ? -5.768  3.331   -4.879  1.00 11.31 ? 127 GLN A O    1 
ATOM   808  C  CB   . GLN A 1 100 ? -8.557  4.971   -4.948  1.00 14.42 ? 127 GLN A CB   1 
ATOM   809  C  CG   . GLN A 1 100 ? -7.523  5.797   -5.732  1.00 18.56 ? 127 GLN A CG   1 
ATOM   810  C  CD   . GLN A 1 100 ? -7.897  7.232   -6.057  1.00 23.61 ? 127 GLN A CD   1 
ATOM   811  O  OE1  . GLN A 1 100 ? -7.017  8.097   -6.191  1.00 31.93 ? 127 GLN A OE1  1 
ATOM   812  N  NE2  . GLN A 1 100 ? -9.173  7.489   -6.251  1.00 24.76 ? 127 GLN A NE2  1 
ATOM   813  N  N    . ASP A 1 101 ? -6.787  3.174   -2.880  1.00 10.86 ? 128 ASP A N    1 
ATOM   814  C  CA   . ASP A 1 101 ? -5.530  2.896   -2.180  1.00 11.20 ? 128 ASP A CA   1 
ATOM   815  C  C    . ASP A 1 101 ? -4.904  1.577   -2.618  1.00 11.04 ? 128 ASP A C    1 
ATOM   816  O  O    . ASP A 1 101 ? -3.703  1.508   -2.884  1.00 10.32 ? 128 ASP A O    1 
ATOM   817  C  CB   . ASP A 1 101 ? -5.717  2.913   -0.670  1.00 11.40 ? 128 ASP A CB   1 
ATOM   818  C  CG   . ASP A 1 101 ? -5.858  4.319   -0.090  1.00 12.53 ? 128 ASP A CG   1 
ATOM   819  O  OD1  . ASP A 1 101 ? -5.538  5.326   -0.768  1.00 14.04 ? 128 ASP A OD1  1 
ATOM   820  O  OD2  . ASP A 1 101 ? -6.326  4.404   1.081   1.00 11.99 ? 128 ASP A OD2  1 
ATOM   821  N  N    . PHE A 1 102 ? -5.719  0.534   -2.759  1.00 10.74 ? 129 PHE A N    1 
ATOM   822  C  CA   . PHE A 1 102 ? -5.183  -0.728  -3.287  1.00 11.13 ? 129 PHE A CA   1 
ATOM   823  C  C    . PHE A 1 102 ? -4.628  -0.539  -4.700  1.00 10.71 ? 129 PHE A C    1 
ATOM   824  O  O    . PHE A 1 102 ? -3.536  -1.015  -5.010  1.00 11.09 ? 129 PHE A O    1 
ATOM   825  C  CB   . PHE A 1 102 ? -6.250  -1.835  -3.313  1.00 11.77 ? 129 PHE A CB   1 
ATOM   826  C  CG   . PHE A 1 102 ? -6.478  -2.523  -1.990  1.00 12.13 ? 129 PHE A CG   1 
ATOM   827  C  CD1  . PHE A 1 102 ? -5.673  -3.581  -1.599  1.00 12.88 ? 129 PHE A CD1  1 
ATOM   828  C  CD2  . PHE A 1 102 ? -7.539  -2.196  -1.194  1.00 13.39 ? 129 PHE A CD2  1 
ATOM   829  C  CE1  . PHE A 1 102 ? -5.891  -4.257  -0.392  1.00 13.69 ? 129 PHE A CE1  1 
ATOM   830  C  CE2  . PHE A 1 102 ? -7.769  -2.859  -0.008  1.00 13.54 ? 129 PHE A CE2  1 
ATOM   831  C  CZ   . PHE A 1 102 ? -6.957  -3.907  0.394   1.00 14.15 ? 129 PHE A CZ   1 
ATOM   832  N  N    . ASN A 1 103 ? -5.368  0.161   -5.562  1.00 10.98 ? 130 ASN A N    1 
ATOM   833  C  CA   . ASN A 1 103 ? -4.917  0.363   -6.934  1.00 11.62 ? 130 ASN A CA   1 
ATOM   834  C  C    . ASN A 1 103 ? -3.592  1.116   -6.958  1.00 11.63 ? 130 ASN A C    1 
ATOM   835  O  O    . ASN A 1 103 ? -2.718  0.823   -7.789  1.00 11.81 ? 130 ASN A O    1 
ATOM   836  C  CB   . ASN A 1 103 ? -5.914  1.177   -7.775  1.00 13.74 ? 130 ASN A CB   1 
ATOM   837  C  CG   . ASN A 1 103 ? -7.233  0.487   -7.974  1.00 16.00 ? 130 ASN A CG   1 
ATOM   838  O  OD1  . ASN A 1 103 ? -7.335  -0.726  -7.891  1.00 17.33 ? 130 ASN A OD1  1 
ATOM   839  N  ND2  . ASN A 1 103 ? -8.267  1.289   -8.245  1.00 16.58 ? 130 ASN A ND2  1 
ATOM   840  N  N    . THR A 1 104 ? -3.472  2.130   -6.102  1.00 10.69 ? 131 THR A N    1 
ATOM   841  C  CA   . THR A 1 104 ? -2.220  2.883   -6.020  1.00 10.98 ? 131 THR A CA   1 
ATOM   842  C  C    . THR A 1 104 ? -1.041  1.978   -5.623  1.00 10.66 ? 131 THR A C    1 
ATOM   843  O  O    . THR A 1 104 ? 0.034   2.046   -6.219  1.00 10.64 ? 131 THR A O    1 
ATOM   844  C  CB   . THR A 1 104 ? -2.363  4.011   -4.996  1.00 11.23 ? 131 THR A CB   1 
ATOM   845  O  OG1  . THR A 1 104 ? -3.433  4.892   -5.372  1.00 12.40 ? 131 THR A OG1  1 
ATOM   846  C  CG2  . THR A 1 104 ? -1.092  4.823   -4.852  1.00 12.05 ? 131 THR A CG2  1 
ATOM   847  N  N    . MET A 1 105 ? -1.248  1.167   -4.603  1.00 10.16 ? 132 MET A N    1 
ATOM   848  C  CA   . MET A 1 105 ? -0.225  0.212   -4.184  1.00 10.34 ? 132 MET A CA   1 
ATOM   849  C  C    . MET A 1 105 ? 0.244   -0.660  -5.331  1.00 10.25 ? 132 MET A C    1 
ATOM   850  O  O    . MET A 1 105 ? 1.438   -0.812  -5.579  1.00 10.69 ? 132 MET A O    1 
ATOM   851  C  CB   . MET A 1 105 ? -0.793  -0.656  -3.052  1.00 10.95 ? 132 MET A CB   1 
ATOM   852  C  CG   . MET A 1 105 ? 0.224   -1.651  -2.520  1.00 11.58 ? 132 MET A CG   1 
ATOM   853  S  SD   . MET A 1 105 ? -0.511  -2.694  -1.247  1.00 12.66 ? 132 MET A SD   1 
ATOM   854  C  CE   . MET A 1 105 ? -1.457  -3.838  -2.249  1.00 14.24 ? 132 MET A CE   1 
ATOM   855  N  N    . PHE A 1 106 ? -0.701  -1.278  -6.041  1.00 10.56 ? 133 PHE A N    1 
ATOM   856  C  CA   . PHE A 1 106 ? -0.315  -2.194  -7.116  1.00 11.20 ? 133 PHE A CA   1 
ATOM   857  C  C    . PHE A 1 106 ? 0.404   -1.407  -8.231  1.00 11.34 ? 133 PHE A C    1 
ATOM   858  O  O    . PHE A 1 106 ? 1.457   -1.826  -8.725  1.00 11.85 ? 133 PHE A O    1 
ATOM   859  C  CB   . PHE A 1 106 ? -1.540  -2.950  -7.686  1.00 11.97 ? 133 PHE A CB   1 
ATOM   860  C  CG   . PHE A 1 106 ? -2.169  -3.906  -6.723  1.00 13.25 ? 133 PHE A CG   1 
ATOM   861  C  CD1  . PHE A 1 106 ? -1.419  -4.889  -6.107  1.00 14.38 ? 133 PHE A CD1  1 
ATOM   862  C  CD2  . PHE A 1 106 ? -3.506  -3.814  -6.426  1.00 14.09 ? 133 PHE A CD2  1 
ATOM   863  C  CE1  . PHE A 1 106 ? -2.006  -5.764  -5.206  1.00 15.88 ? 133 PHE A CE1  1 
ATOM   864  C  CE2  . PHE A 1 106 ? -4.108  -4.692  -5.547  1.00 14.74 ? 133 PHE A CE2  1 
ATOM   865  C  CZ   . PHE A 1 106 ? -3.353  -5.669  -4.932  1.00 15.22 ? 133 PHE A CZ   1 
ATOM   866  N  N    . THR A 1 107 ? -0.162  -0.270  -8.617  1.00 11.77 ? 134 THR A N    1 
ATOM   867  C  CA   . THR A 1 107 ? 0.420   0.534   -9.682  1.00 13.15 ? 134 THR A CA   1 
ATOM   868  C  C    . THR A 1 107 ? 1.841   0.980   -9.342  1.00 12.18 ? 134 THR A C    1 
ATOM   869  O  O    . THR A 1 107 ? 2.741   0.921   -10.205 1.00 12.84 ? 134 THR A O    1 
ATOM   870  C  CB   . THR A 1 107 ? -0.486  1.730   -9.996  1.00 14.98 ? 134 THR A CB   1 
ATOM   871  O  OG1  . THR A 1 107 ? -1.673  1.242   -10.627 1.00 18.73 ? 134 THR A OG1  1 
ATOM   872  C  CG2  . THR A 1 107 ? 0.240   2.762   -10.930 1.00 16.45 ? 134 THR A CG2  1 
ATOM   873  N  N    . ASN A 1 108 ? 2.085   1.391   -8.103  1.00 11.30 ? 135 ASN A N    1 
ATOM   874  C  CA   . ASN A 1 108 ? 3.434   1.757   -7.703  1.00 11.36 ? 135 ASN A CA   1 
ATOM   875  C  C    . ASN A 1 108 ? 4.433   0.647   -7.947  1.00 11.33 ? 135 ASN A C    1 
ATOM   876  O  O    . ASN A 1 108 ? 5.553   0.876   -8.398  1.00 11.81 ? 135 ASN A O    1 
ATOM   877  C  CB   . ASN A 1 108 ? 3.506   2.159   -6.227  1.00 11.17 ? 135 ASN A CB   1 
ATOM   878  C  CG   . ASN A 1 108 ? 2.805   3.470   -5.935  1.00 11.80 ? 135 ASN A CG   1 
ATOM   879  O  OD1  . ASN A 1 108 ? 2.535   4.284   -6.835  1.00 13.50 ? 135 ASN A OD1  1 
ATOM   880  N  ND2  . ASN A 1 108 ? 2.506   3.671   -4.663  1.00 11.93 ? 135 ASN A ND2  1 
ATOM   881  N  N    . CYS A 1 109 ? 4.027   -0.583  -7.650  1.00 11.21 ? 136 CYS A N    1 
ATOM   882  C  CA   . CYS A 1 109 ? 4.901   -1.725  -7.829  1.00 11.97 ? 136 CYS A CA   1 
ATOM   883  C  C    . CYS A 1 109 ? 5.238   -1.936  -9.313  1.00 11.69 ? 136 CYS A C    1 
ATOM   884  O  O    . CYS A 1 109 ? 6.387   -2.168  -9.687  1.00 11.61 ? 136 CYS A O    1 
ATOM   885  C  CB   . CYS A 1 109 ? 4.235   -2.950  -7.209  1.00 11.99 ? 136 CYS A CB   1 
ATOM   886  S  SG   . CYS A 1 109 ? 5.303   -4.401  -7.189  1.00 13.66 ? 136 CYS A SG   1 
ATOM   887  N  N    . TYR A 1 110 ? 4.224   -1.804  -10.158 1.00 12.09 ? 137 TYR A N    1 
ATOM   888  C  CA   . TYR A 1 110 ? 4.427   -1.969  -11.595 1.00 12.34 ? 137 TYR A CA   1 
ATOM   889  C  C    . TYR A 1 110 ? 5.266   -0.839  -12.180 1.00 13.62 ? 137 TYR A C    1 
ATOM   890  O  O    . TYR A 1 110 ? 6.028   -1.082  -13.096 1.00 14.50 ? 137 TYR A O    1 
ATOM   891  C  CB   . TYR A 1 110 ? 3.083   -2.090  -12.327 1.00 13.04 ? 137 TYR A CB   1 
ATOM   892  C  CG   . TYR A 1 110 ? 2.168   -3.168  -11.771 1.00 13.44 ? 137 TYR A CG   1 
ATOM   893  C  CD1  . TYR A 1 110 ? 2.667   -4.368  -11.273 1.00 14.35 ? 137 TYR A CD1  1 
ATOM   894  C  CD2  . TYR A 1 110 ? 0.799   -2.967  -11.726 1.00 13.76 ? 137 TYR A CD2  1 
ATOM   895  C  CE1  . TYR A 1 110 ? 1.832   -5.336  -10.764 1.00 14.65 ? 137 TYR A CE1  1 
ATOM   896  C  CE2  . TYR A 1 110 ? -0.046  -3.944  -11.229 1.00 14.61 ? 137 TYR A CE2  1 
ATOM   897  C  CZ   . TYR A 1 110 ? 0.481   -5.124  -10.740 1.00 14.62 ? 137 TYR A CZ   1 
ATOM   898  O  OH   . TYR A 1 110 ? -0.354  -6.095  -10.220 1.00 16.98 ? 137 TYR A OH   1 
ATOM   899  N  N    . ILE A 1 111 ? 5.126   0.376   -11.666 1.00 13.00 ? 138 ILE A N    1 
ATOM   900  C  CA   . ILE A 1 111 ? 5.936   1.505   -12.127 1.00 14.43 ? 138 ILE A CA   1 
ATOM   901  C  C    . ILE A 1 111 ? 7.392   1.304   -11.761 1.00 14.41 ? 138 ILE A C    1 
ATOM   902  O  O    . ILE A 1 111 ? 8.269   1.495   -12.601 1.00 15.00 ? 138 ILE A O    1 
ATOM   903  C  CB   . ILE A 1 111 ? 5.402   2.833   -11.555 1.00 16.33 ? 138 ILE A CB   1 
ATOM   904  C  CG1  . ILE A 1 111 ? 4.073   3.190   -12.197 1.00 17.28 ? 138 ILE A CG1  1 
ATOM   905  C  CG2  . ILE A 1 111 ? 6.366   3.988   -11.814 1.00 17.16 ? 138 ILE A CG2  1 
ATOM   906  C  CD1  . ILE A 1 111 ? 3.343   4.322   -11.507 1.00 18.68 ? 138 ILE A CD1  1 
ATOM   907  N  N    . TYR A 1 112 ? 7.680   0.978   -10.502 1.00 13.60 ? 139 TYR A N    1 
ATOM   908  C  CA   . TYR A 1 112 ? 9.035   0.956   -10.034 1.00 13.72 ? 139 TYR A CA   1 
ATOM   909  C  C    . TYR A 1 112 ? 9.822   -0.202  -10.626 1.00 13.61 ? 139 TYR A C    1 
ATOM   910  O  O    . TYR A 1 112 ? 11.022  -0.069  -10.863 1.00 15.56 ? 139 TYR A O    1 
ATOM   911  C  CB   . TYR A 1 112 ? 9.063   0.966   -8.491  1.00 12.47 ? 139 TYR A CB   1 
ATOM   912  C  CG   . TYR A 1 112 ? 10.440  0.920   -7.917  1.00 12.98 ? 139 TYR A CG   1 
ATOM   913  C  CD1  . TYR A 1 112 ? 11.271  2.031   -7.966  1.00 13.19 ? 139 TYR A CD1  1 
ATOM   914  C  CD2  . TYR A 1 112 ? 10.945  -0.241  -7.368  1.00 12.96 ? 139 TYR A CD2  1 
ATOM   915  C  CE1  . TYR A 1 112 ? 12.551  1.974   -7.471  1.00 13.47 ? 139 TYR A CE1  1 
ATOM   916  C  CE2  . TYR A 1 112 ? 12.236  -0.306  -6.868  1.00 13.40 ? 139 TYR A CE2  1 
ATOM   917  C  CZ   . TYR A 1 112 ? 13.034  0.824   -6.922  1.00 13.58 ? 139 TYR A CZ   1 
ATOM   918  O  OH   . TYR A 1 112 ? 14.328  0.760   -6.452  1.00 15.34 ? 139 TYR A OH   1 
ATOM   919  N  N    . ASN A 1 113 ? 9.169   -1.341  -10.866 1.00 13.21 ? 140 ASN A N    1 
ATOM   920  C  CA   . ASN A 1 113 ? 9.854   -2.590  -11.204 1.00 13.67 ? 140 ASN A CA   1 
ATOM   921  C  C    . ASN A 1 113 ? 9.557   -2.896  -12.675 1.00 16.69 ? 140 ASN A C    1 
ATOM   922  O  O    . ASN A 1 113 ? 8.968   -2.078  -13.364 1.00 18.33 ? 140 ASN A O    1 
ATOM   923  C  CB   . ASN A 1 113 ? 9.378   -3.717  -10.259 1.00 13.29 ? 140 ASN A CB   1 
ATOM   924  C  CG   . ASN A 1 113 ? 9.654   -3.396  -8.791  1.00 12.60 ? 140 ASN A CG   1 
ATOM   925  O  OD1  . ASN A 1 113 ? 10.786  -3.495  -8.325  1.00 12.94 ? 140 ASN A OD1  1 
ATOM   926  N  ND2  . ASN A 1 113 ? 8.627   -2.978  -8.064  1.00 12.50 ? 140 ASN A ND2  1 
ATOM   927  N  N    . LYS A 1 114 ? 9.959   -4.077  -13.141 1.00 18.95 ? 141 LYS A N    1 
ATOM   928  C  CA   . LYS A 1 114 ? 9.803   -4.485  -14.543 1.00 21.44 ? 141 LYS A CA   1 
ATOM   929  C  C    . LYS A 1 114 ? 8.970   -5.758  -14.617 1.00 19.85 ? 141 LYS A C    1 
ATOM   930  O  O    . LYS A 1 114 ? 8.997   -6.554  -13.682 1.00 17.48 ? 141 LYS A O    1 
ATOM   931  C  CB   . LYS A 1 114 ? 11.179  -4.729  -15.169 1.00 24.86 ? 141 LYS A CB   1 
ATOM   932  C  CG   . LYS A 1 114 ? 12.011  -3.458  -15.301 1.00 28.74 ? 141 LYS A CG   1 
ATOM   933  C  CD   . LYS A 1 114 ? 13.383  -3.735  -15.898 1.00 32.02 ? 141 LYS A CD   1 
ATOM   934  C  CE   . LYS A 1 114 ? 14.270  -2.489  -15.883 1.00 33.74 ? 141 LYS A CE   1 
ATOM   935  N  NZ   . LYS A 1 114 ? 13.802  -1.398  -16.791 1.00 35.46 ? 141 LYS A NZ   1 
ATOM   936  N  N    . PRO A 1 115 ? 8.230   -5.969  -15.735 1.00 19.80 ? 142 PRO A N    1 
ATOM   937  C  CA   . PRO A 1 115 ? 7.466   -7.217  -15.879 1.00 20.01 ? 142 PRO A CA   1 
ATOM   938  C  C    . PRO A 1 115 ? 8.335   -8.452  -15.701 1.00 20.94 ? 142 PRO A C    1 
ATOM   939  O  O    . PRO A 1 115 ? 9.476   -8.475  -16.160 1.00 21.72 ? 142 PRO A O    1 
ATOM   940  C  CB   . PRO A 1 115 ? 6.954   -7.159  -17.319 1.00 21.01 ? 142 PRO A CB   1 
ATOM   941  C  CG   . PRO A 1 115 ? 6.888   -5.713  -17.619 1.00 21.47 ? 142 PRO A CG   1 
ATOM   942  C  CD   . PRO A 1 115 ? 7.994   -5.049  -16.865 1.00 21.34 ? 142 PRO A CD   1 
ATOM   943  N  N    . GLY A 1 116 ? 7.808   -9.444  -15.003 1.00 20.91 ? 143 GLY A N    1 
ATOM   944  C  CA   . GLY A 1 116 ? 8.569   -10.651 -14.713 1.00 20.92 ? 143 GLY A CA   1 
ATOM   945  C  C    . GLY A 1 116 ? 9.410   -10.613 -13.455 1.00 20.32 ? 143 GLY A C    1 
ATOM   946  O  O    . GLY A 1 116 ? 9.865   -11.650 -13.018 1.00 21.60 ? 143 GLY A O    1 
ATOM   947  N  N    . ASP A 1 117 ? 9.624   -9.434  -12.854 1.00 18.35 ? 144 ASP A N    1 
ATOM   948  C  CA   . ASP A 1 117 ? 10.347  -9.405  -11.570 1.00 17.17 ? 144 ASP A CA   1 
ATOM   949  C  C    . ASP A 1 117 ? 9.558   -10.139 -10.482 1.00 15.31 ? 144 ASP A C    1 
ATOM   950  O  O    . ASP A 1 117 ? 8.335   -10.091 -10.482 1.00 15.44 ? 144 ASP A O    1 
ATOM   951  C  CB   . ASP A 1 117 ? 10.550  -7.963  -11.106 1.00 18.46 ? 144 ASP A CB   1 
ATOM   952  C  CG   . ASP A 1 117 ? 11.608  -7.218  -11.891 1.00 20.55 ? 144 ASP A CG   1 
ATOM   953  O  OD1  . ASP A 1 117 ? 12.363  -7.842  -12.672 1.00 21.75 ? 144 ASP A OD1  1 
ATOM   954  O  OD2  . ASP A 1 117 ? 11.697  -5.990  -11.696 1.00 21.45 ? 144 ASP A OD2  1 
ATOM   955  N  N    . ASP A 1 118 ? 10.256  -10.776 -9.542  1.00 14.97 ? 145 ASP A N    1 
ATOM   956  C  CA   . ASP A 1 118 ? 9.576   -11.472 -8.432  1.00 14.60 ? 145 ASP A CA   1 
ATOM   957  C  C    . ASP A 1 118 ? 8.515   -10.615 -7.733  1.00 13.98 ? 145 ASP A C    1 
ATOM   958  O  O    . ASP A 1 118 ? 7.396   -11.067 -7.475  1.00 13.55 ? 145 ASP A O    1 
ATOM   959  C  CB   . ASP A 1 118 ? 10.589  -11.977 -7.394  1.00 15.52 ? 145 ASP A CB   1 
ATOM   960  C  CG   . ASP A 1 118 ? 11.229  -13.304 -7.768  1.00 17.10 ? 145 ASP A CG   1 
ATOM   961  O  OD1  . ASP A 1 118 ? 10.692  -14.021 -8.623  1.00 18.97 ? 145 ASP A OD1  1 
ATOM   962  O  OD2  . ASP A 1 118 ? 12.260  -13.622 -7.143  1.00 17.98 ? 145 ASP A OD2  1 
ATOM   963  N  N    . ILE A 1 119 ? 8.870   -9.380  -7.413  1.00 13.49 ? 146 ILE A N    1 
ATOM   964  C  CA   . ILE A 1 119 ? 7.926   -8.518  -6.707  1.00 13.15 ? 146 ILE A CA   1 
ATOM   965  C  C    . ILE A 1 119 ? 6.687   -8.210  -7.556  1.00 12.89 ? 146 ILE A C    1 
ATOM   966  O  O    . ILE A 1 119 ? 5.576   -8.090  -7.021  1.00 13.14 ? 146 ILE A O    1 
ATOM   967  C  CB   . ILE A 1 119 ? 8.610   -7.230  -6.229  1.00 13.58 ? 146 ILE A CB   1 
ATOM   968  C  CG1  . ILE A 1 119 ? 7.713   -6.452  -5.270  1.00 14.51 ? 146 ILE A CG1  1 
ATOM   969  C  CG2  . ILE A 1 119 ? 9.008   -6.320  -7.374  1.00 13.54 ? 146 ILE A CG2  1 
ATOM   970  C  CD1  . ILE A 1 119 ? 7.601   -7.007  -3.865  1.00 15.51 ? 146 ILE A CD1  1 
ATOM   971  N  N    . VAL A 1 120 ? 6.866   -8.123  -8.876  1.00 12.11 ? 147 VAL A N    1 
ATOM   972  C  CA   . VAL A 1 120 ? 5.756   -7.904  -9.792  1.00 12.43 ? 147 VAL A CA   1 
ATOM   973  C  C    . VAL A 1 120 ? 4.853   -9.137  -9.893  1.00 12.99 ? 147 VAL A C    1 
ATOM   974  O  O    . VAL A 1 120 ? 3.629   -9.000  -9.908  1.00 13.42 ? 147 VAL A O    1 
ATOM   975  C  CB   . VAL A 1 120 ? 6.278   -7.443  -11.170 1.00 12.78 ? 147 VAL A CB   1 
ATOM   976  C  CG1  . VAL A 1 120 ? 5.165   -7.433  -12.208 1.00 12.98 ? 147 VAL A CG1  1 
ATOM   977  C  CG2  . VAL A 1 120 ? 6.922   -6.059  -11.030 1.00 13.00 ? 147 VAL A CG2  1 
ATOM   978  N  N    . LEU A 1 121 ? 5.451   -10.335 -9.959  1.00 13.51 ? 148 LEU A N    1 
ATOM   979  C  CA   . LEU A 1 121 ? 4.684   -11.573 -9.867  1.00 14.42 ? 148 LEU A CA   1 
ATOM   980  C  C    . LEU A 1 121 ? 3.848   -11.623 -8.609  1.00 13.63 ? 148 LEU A C    1 
ATOM   981  O  O    . LEU A 1 121 ? 2.697   -12.033 -8.669  1.00 13.25 ? 148 LEU A O    1 
ATOM   982  C  CB   . LEU A 1 121 ? 5.590   -12.811 -9.910  1.00 15.58 ? 148 LEU A CB   1 
ATOM   983  C  CG   . LEU A 1 121 ? 6.461   -12.946 -11.162 1.00 18.00 ? 148 LEU A CG   1 
ATOM   984  C  CD1  . LEU A 1 121 ? 7.348   -14.170 -11.042 1.00 18.84 ? 148 LEU A CD1  1 
ATOM   985  C  CD2  . LEU A 1 121 ? 5.626   -12.957 -12.422 1.00 19.63 ? 148 LEU A CD2  1 
ATOM   986  N  N    A MET A 1 122 ? 4.419   -11.213 -7.470  0.50 12.91 ? 149 MET A N    1 
ATOM   987  N  N    B MET A 1 122 ? 4.402   -11.187 -7.476  0.50 13.06 ? 149 MET A N    1 
ATOM   988  C  CA   A MET A 1 122 ? 3.672   -11.147 -6.224  0.50 12.69 ? 149 MET A CA   1 
ATOM   989  C  CA   B MET A 1 122 ? 3.663   -11.145 -6.223  0.50 12.92 ? 149 MET A CA   1 
ATOM   990  C  C    A MET A 1 122 ? 2.488   -10.184 -6.337  0.50 12.88 ? 149 MET A C    1 
ATOM   991  C  C    B MET A 1 122 ? 2.505   -10.145 -6.229  0.50 13.04 ? 149 MET A C    1 
ATOM   992  O  O    A MET A 1 122 ? 1.348   -10.571 -6.071  0.50 12.82 ? 149 MET A O    1 
ATOM   993  O  O    B MET A 1 122 ? 1.412   -10.446 -5.726  0.50 12.88 ? 149 MET A O    1 
ATOM   994  C  CB   A MET A 1 122 ? 4.557   -10.734 -5.045  0.50 12.19 ? 149 MET A CB   1 
ATOM   995  C  CB   B MET A 1 122 ? 4.601   -10.817 -5.070  0.50 12.57 ? 149 MET A CB   1 
ATOM   996  C  CG   A MET A 1 122 ? 5.532   -11.799 -4.586  0.50 12.01 ? 149 MET A CG   1 
ATOM   997  C  CG   B MET A 1 122 ? 5.650   -11.880 -4.865  0.50 12.53 ? 149 MET A CG   1 
ATOM   998  S  SD   A MET A 1 122 ? 6.117   -11.475 -2.913  0.50 11.47 ? 149 MET A SD   1 
ATOM   999  S  SD   B MET A 1 122 ? 6.981   -11.309 -3.797  0.50 12.29 ? 149 MET A SD   1 
ATOM   1000 C  CE   A MET A 1 122 ? 7.340   -12.757 -2.649  0.50 11.71 ? 149 MET A CE   1 
ATOM   1001 C  CE   B MET A 1 122 ? 6.381   -11.783 -2.179  0.50 11.88 ? 149 MET A CE   1 
ATOM   1002 N  N    . ALA A 1 123 ? 2.755   -8.944  -6.759  1.00 12.98 ? 150 ALA A N    1 
ATOM   1003 C  CA   . ALA A 1 123 ? 1.703   -7.948  -6.900  1.00 13.02 ? 150 ALA A CA   1 
ATOM   1004 C  C    . ALA A 1 123 ? 0.609   -8.417  -7.863  1.00 13.62 ? 150 ALA A C    1 
ATOM   1005 O  O    . ALA A 1 123 ? -0.573  -8.239  -7.546  1.00 14.04 ? 150 ALA A O    1 
ATOM   1006 C  CB   . ALA A 1 123 ? 2.279   -6.626  -7.330  1.00 12.85 ? 150 ALA A CB   1 
ATOM   1007 N  N    . GLU A 1 124 ? 0.981   -9.044  -8.972  1.00 13.84 ? 151 GLU A N    1 
ATOM   1008 C  CA   . GLU A 1 124 ? 0.001   -9.518  -9.948  1.00 15.30 ? 151 GLU A CA   1 
ATOM   1009 C  C    . GLU A 1 124 ? -0.886  -10.588 -9.342  1.00 15.70 ? 151 GLU A C    1 
ATOM   1010 O  O    . GLU A 1 124 ? -2.099  -10.613 -9.595  1.00 15.82 ? 151 GLU A O    1 
ATOM   1011 C  CB   . GLU A 1 124 ? 0.655   -10.052 -11.209 1.00 17.30 ? 151 GLU A CB   1 
ATOM   1012 C  CG   . GLU A 1 124 ? 1.208   -8.951  -12.110 1.00 19.73 ? 151 GLU A CG   1 
ATOM   1013 C  CD   . GLU A 1 124 ? 2.075   -9.469  -13.243 1.00 22.86 ? 151 GLU A CD   1 
ATOM   1014 O  OE1  . GLU A 1 124 ? 2.480   -10.641 -13.233 1.00 27.89 ? 151 GLU A OE1  1 
ATOM   1015 O  OE2  . GLU A 1 124 ? 2.389   -8.669  -14.155 1.00 29.02 ? 151 GLU A OE2  1 
ATOM   1016 N  N    . ALA A 1 125 ? -0.317  -11.454 -8.508  1.00 14.55 ? 152 ALA A N    1 
ATOM   1017 C  CA   . ALA A 1 125 ? -1.119  -12.503 -7.881  1.00 14.89 ? 152 ALA A CA   1 
ATOM   1018 C  C    . ALA A 1 125 ? -2.031  -11.900 -6.836  1.00 14.53 ? 152 ALA A C    1 
ATOM   1019 O  O    . ALA A 1 125 ? -3.203  -12.274 -6.734  1.00 15.07 ? 152 ALA A O    1 
ATOM   1020 C  CB   . ALA A 1 125 ? -0.220  -13.570 -7.270  1.00 15.54 ? 152 ALA A CB   1 
ATOM   1021 N  N    . LEU A 1 126 ? -1.519  -10.990 -6.020  1.00 14.27 ? 153 LEU A N    1 
ATOM   1022 C  CA   . LEU A 1 126 ? -2.362  -10.314 -5.059  1.00 13.64 ? 153 LEU A CA   1 
ATOM   1023 C  C    . LEU A 1 126 ? -3.499  -9.505  -5.721  1.00 13.91 ? 153 LEU A C    1 
ATOM   1024 O  O    . LEU A 1 126 ? -4.638  -9.508  -5.234  1.00 14.26 ? 153 LEU A O    1 
ATOM   1025 C  CB   . LEU A 1 126 ? -1.561  -9.397  -4.138  1.00 13.92 ? 153 LEU A CB   1 
ATOM   1026 C  CG   . LEU A 1 126 ? -0.616  -10.094 -3.159  1.00 14.72 ? 153 LEU A CG   1 
ATOM   1027 C  CD1  . LEU A 1 126 ? 0.231   -9.086  -2.406  1.00 15.54 ? 153 LEU A CD1  1 
ATOM   1028 C  CD2  . LEU A 1 126 ? -1.331  -10.982 -2.157  1.00 15.38 ? 153 LEU A CD2  1 
ATOM   1029 N  N    . GLU A 1 127 ? -3.172  -8.866  -6.834  1.00 14.32 ? 154 GLU A N    1 
ATOM   1030 C  CA   . GLU A 1 127 ? -4.154  -8.071  -7.581  1.00 15.41 ? 154 GLU A CA   1 
ATOM   1031 C  C    . GLU A 1 127 ? -5.232  -8.962  -8.179  1.00 15.94 ? 154 GLU A C    1 
ATOM   1032 O  O    . GLU A 1 127 ? -6.397  -8.592  -8.149  1.00 16.30 ? 154 GLU A O    1 
ATOM   1033 C  CB   . GLU A 1 127 ? -3.497  -7.268  -8.693  1.00 17.31 ? 154 GLU A CB   1 
ATOM   1034 C  CG   . GLU A 1 127 ? -4.517  -6.346  -9.353  1.00 20.23 ? 154 GLU A CG   1 
ATOM   1035 C  CD   . GLU A 1 127 ? -3.885  -5.302  -10.209 1.00 24.76 ? 154 GLU A CD   1 
ATOM   1036 O  OE1  . GLU A 1 127 ? -2.937  -5.632  -10.957 1.00 25.76 ? 154 GLU A OE1  1 
ATOM   1037 O  OE2  . GLU A 1 127 ? -4.402  -4.154  -10.148 1.00 28.79 ? 154 GLU A OE2  1 
ATOM   1038 N  N    . LYS A 1 128 ? -4.856  -10.110 -8.728  1.00 15.46 ? 155 LYS A N    1 
ATOM   1039 C  CA   . LYS A 1 128 ? -5.845  -11.071 -9.219  1.00 17.55 ? 155 LYS A CA   1 
ATOM   1040 C  C    . LYS A 1 128 ? -6.802  -11.507 -8.132  1.00 17.10 ? 155 LYS A C    1 
ATOM   1041 O  O    . LYS A 1 128 ? -8.019  -11.500 -8.372  1.00 17.41 ? 155 LYS A O    1 
ATOM   1042 C  CB   . LYS A 1 128 ? -5.148  -12.273 -9.870  1.00 19.09 ? 155 LYS A CB   1 
ATOM   1043 C  CG   . LYS A 1 128 ? -6.049  -13.473 -10.120 1.00 21.84 ? 155 LYS A CG   1 
ATOM   1044 C  CD   . LYS A 1 128 ? -5.235  -14.632 -10.680 1.00 23.97 ? 155 LYS A CD   1 
ATOM   1045 C  CE   . LYS A 1 128 ? -6.011  -15.925 -10.666 1.00 25.71 ? 155 LYS A CE   1 
ATOM   1046 N  NZ   . LYS A 1 128 ? -5.130  -17.064 -11.026 1.00 27.43 ? 155 LYS A NZ   1 
ATOM   1047 N  N    . LEU A 1 129 ? -6.304  -11.820 -6.938  1.00 16.93 ? 156 LEU A N    1 
ATOM   1048 C  CA   . LEU A 1 129 ? -7.147  -12.182 -5.792  1.00 18.37 ? 156 LEU A CA   1 
ATOM   1049 C  C    . LEU A 1 129 ? -8.074  -11.019 -5.360  1.00 17.91 ? 156 LEU A C    1 
ATOM   1050 O  O    . LEU A 1 129 ? -9.224  -11.218 -5.036  1.00 18.21 ? 156 LEU A O    1 
ATOM   1051 C  CB   . LEU A 1 129 ? -6.308  -12.554 -4.558  1.00 21.22 ? 156 LEU A CB   1 
ATOM   1052 C  CG   . LEU A 1 129 ? -6.004  -13.981 -4.195  1.00 26.84 ? 156 LEU A CG   1 
ATOM   1053 C  CD1  . LEU A 1 129 ? -4.932  -14.452 -5.115  1.00 28.93 ? 156 LEU A CD1  1 
ATOM   1054 C  CD2  . LEU A 1 129 ? -5.539  -14.058 -2.748  1.00 27.22 ? 156 LEU A CD2  1 
ATOM   1055 N  N    . PHE A 1 130 ? -7.465  -9.836  -5.254  1.00 16.27 ? 157 PHE A N    1 
ATOM   1056 C  CA   . PHE A 1 130 ? -8.173  -8.600  -4.957  1.00 16.33 ? 157 PHE A CA   1 
ATOM   1057 C  C    . PHE A 1 130 ? -9.345  -8.449  -5.921  1.00 15.48 ? 157 PHE A C    1 
ATOM   1058 O  O    . PHE A 1 130 ? -10.479 -8.263  -5.432  1.00 17.17 ? 157 PHE A O    1 
ATOM   1059 C  CB   . PHE A 1 130 ? -7.201  -7.422  -5.113  1.00 15.66 ? 157 PHE A CB   1 
ATOM   1060 C  CG   . PHE A 1 130 ? -7.843  -6.062  -4.961  1.00 15.39 ? 157 PHE A CG   1 
ATOM   1061 C  CD1  . PHE A 1 130 ? -8.278  -5.641  -3.724  1.00 15.54 ? 157 PHE A CD1  1 
ATOM   1062 C  CD2  . PHE A 1 130 ? -7.979  -5.227  -6.054  1.00 15.28 ? 157 PHE A CD2  1 
ATOM   1063 C  CE1  . PHE A 1 130 ? -8.854  -4.379  -3.566  1.00 15.56 ? 157 PHE A CE1  1 
ATOM   1064 C  CE2  . PHE A 1 130 ? -8.565  -3.965  -5.904  1.00 15.67 ? 157 PHE A CE2  1 
ATOM   1065 C  CZ   . PHE A 1 130 ? -9.008  -3.576  -4.666  1.00 14.34 ? 157 PHE A CZ   1 
ATOM   1066 N  N    . LEU A 1 131 ? -9.086  -8.539  -7.222  1.00 17.36 ? 158 LEU A N    1 
ATOM   1067 C  CA   . LEU A 1 131 ? -10.136 -8.321  -8.247  1.00 18.51 ? 158 LEU A CA   1 
ATOM   1068 C  C    . LEU A 1 131 ? -11.235 -9.385  -8.130  1.00 20.95 ? 158 LEU A C    1 
ATOM   1069 O  O    . LEU A 1 131 ? -12.411 -9.072  -8.342  1.00 20.99 ? 158 LEU A O    1 
ATOM   1070 C  CB   . LEU A 1 131 ? -9.599  -8.237  -9.676  1.00 19.32 ? 158 LEU A CB   1 
ATOM   1071 C  CG   . LEU A 1 131 ? -8.710  -7.026  -10.063 1.00 20.25 ? 158 LEU A CG   1 
ATOM   1072 C  CD1  . LEU A 1 131 ? -8.098  -7.202  -11.441 1.00 22.39 ? 158 LEU A CD1  1 
ATOM   1073 C  CD2  . LEU A 1 131 ? -9.485  -5.703  -9.977  1.00 21.92 ? 158 LEU A CD2  1 
ATOM   1074 N  N    . GLN A 1 132 ? -10.874 -10.617 -7.754  1.00 20.89 ? 159 GLN A N    1 
ATOM   1075 C  CA   . GLN A 1 132 ? -11.873 -11.671 -7.532  1.00 22.50 ? 159 GLN A CA   1 
ATOM   1076 C  C    . GLN A 1 132 ? -12.774 -11.352 -6.371  1.00 21.57 ? 159 GLN A C    1 
ATOM   1077 O  O    . GLN A 1 132 ? -14.001 -11.514 -6.475  1.00 22.09 ? 159 GLN A O    1 
ATOM   1078 C  CB   . GLN A 1 132 ? -11.224 -13.012 -7.238  1.00 24.96 ? 159 GLN A CB   1 
ATOM   1079 C  CG   . GLN A 1 132 ? -10.695 -13.736 -8.438  1.00 29.26 ? 159 GLN A CG   1 
ATOM   1080 C  CD   . GLN A 1 132 ? -10.028 -15.035 -8.037  1.00 32.53 ? 159 GLN A CD   1 
ATOM   1081 O  OE1  . GLN A 1 132 ? -10.462 -15.698 -7.084  1.00 38.09 ? 159 GLN A OE1  1 
ATOM   1082 N  NE2  . GLN A 1 132 ? -8.965  -15.393 -8.726  1.00 33.90 ? 159 GLN A NE2  1 
ATOM   1083 N  N    . LYS A 1 133 ? -12.183 -10.899 -5.265  1.00 20.55 ? 160 LYS A N    1 
ATOM   1084 C  CA   . LYS A 1 133 ? -12.944 -10.545 -4.085  1.00 21.08 ? 160 LYS A CA   1 
ATOM   1085 C  C    . LYS A 1 133 ? -13.793 -9.287  -4.383  1.00 21.02 ? 160 LYS A C    1 
ATOM   1086 O  O    . LYS A 1 133 ? -14.938 -9.219  -3.936  1.00 19.85 ? 160 LYS A O    1 
ATOM   1087 C  CB   . LYS A 1 133 ? -12.069 -10.339 -2.836  1.00 23.36 ? 160 LYS A CB   1 
ATOM   1088 C  CG   . LYS A 1 133 ? -11.189 -11.528 -2.443  1.00 25.63 ? 160 LYS A CG   1 
ATOM   1089 C  CD   . LYS A 1 133 ? -11.924 -12.599 -1.654  1.00 28.83 ? 160 LYS A CD   1 
ATOM   1090 C  CE   . LYS A 1 133 ? -12.516 -13.659 -2.537  1.00 31.45 ? 160 LYS A CE   1 
ATOM   1091 N  NZ   . LYS A 1 133 ? -12.638 -14.943 -1.783  1.00 31.60 ? 160 LYS A NZ   1 
ATOM   1092 N  N    . ILE A 1 134 ? -13.276 -8.348  -5.196  1.00 19.03 ? 161 ILE A N    1 
ATOM   1093 C  CA   . ILE A 1 134 ? -14.023 -7.130  -5.560  1.00 19.81 ? 161 ILE A CA   1 
ATOM   1094 C  C    . ILE A 1 134 ? -15.286 -7.473  -6.324  1.00 18.65 ? 161 ILE A C    1 
ATOM   1095 O  O    . ILE A 1 134 ? -16.323 -6.796  -6.150  1.00 18.12 ? 161 ILE A O    1 
ATOM   1096 C  CB   . ILE A 1 134 ? -13.154 -6.123  -6.379  1.00 20.30 ? 161 ILE A CB   1 
ATOM   1097 C  CG1  . ILE A 1 134 ? -12.089 -5.491  -5.478  1.00 21.59 ? 161 ILE A CG1  1 
ATOM   1098 C  CG2  . ILE A 1 134 ? -14.003 -5.053  -7.084  1.00 22.77 ? 161 ILE A CG2  1 
ATOM   1099 C  CD1  . ILE A 1 134 ? -12.546 -4.425  -4.527  1.00 22.44 ? 161 ILE A CD1  1 
ATOM   1100 N  N    . ASN A 1 135 ? -15.218 -8.504  -7.162  1.00 19.27 ? 162 ASN A N    1 
ATOM   1101 C  CA   . ASN A 1 135 ? -16.375 -8.885  -7.968  1.00 20.48 ? 162 ASN A CA   1 
ATOM   1102 C  C    . ASN A 1 135 ? -17.500 -9.501  -7.121  1.00 21.69 ? 162 ASN A C    1 
ATOM   1103 O  O    . ASN A 1 135 ? -18.607 -9.664  -7.611  1.00 23.20 ? 162 ASN A O    1 
ATOM   1104 C  CB   . ASN A 1 135 ? -15.999 -9.778  -9.185  1.00 22.28 ? 162 ASN A CB   1 
ATOM   1105 C  CG   . ASN A 1 135 ? -15.561 -8.953  -10.424 1.00 22.73 ? 162 ASN A CG   1 
ATOM   1106 O  OD1  . ASN A 1 135 ? -16.054 -7.850  -10.673 1.00 23.84 ? 162 ASN A OD1  1 
ATOM   1107 N  ND2  . ASN A 1 135 ? -14.624 -9.493  -11.207 1.00 23.97 ? 162 ASN A ND2  1 
ATOM   1108 N  N    . GLU A 1 136 ? -17.242 -9.783  -5.848  1.00 21.01 ? 163 GLU A N    1 
ATOM   1109 C  CA   . GLU A 1 136 ? -18.281 -10.209 -4.901  1.00 22.98 ? 163 GLU A CA   1 
ATOM   1110 C  C    . GLU A 1 136 ? -18.635 -9.119  -3.872  1.00 21.88 ? 163 GLU A C    1 
ATOM   1111 O  O    . GLU A 1 136 ? -19.289 -9.382  -2.871  1.00 22.47 ? 163 GLU A O    1 
ATOM   1112 C  CB   . GLU A 1 136 ? -17.812 -11.511 -4.227  1.00 26.39 ? 163 GLU A CB   1 
ATOM   1113 C  CG   . GLU A 1 136 ? -18.526 -12.784 -4.671  1.00 30.13 ? 163 GLU A CG   1 
ATOM   1114 C  CD   . GLU A 1 136 ? -18.761 -12.882 -6.155  1.00 34.03 ? 163 GLU A CD   1 
ATOM   1115 O  OE1  . GLU A 1 136 ? -19.936 -13.075 -6.555  1.00 36.27 ? 163 GLU A OE1  1 
ATOM   1116 O  OE2  . GLU A 1 136 ? -17.779 -12.762 -6.916  1.00 39.92 ? 163 GLU A OE2  1 
ATOM   1117 N  N    . LEU A 1 137 ? -18.233 -7.875  -4.132  1.00 20.01 ? 164 LEU A N    1 
ATOM   1118 C  CA   . LEU A 1 137 ? -18.566 -6.773  -3.236  1.00 21.28 ? 164 LEU A CA   1 
ATOM   1119 C  C    . LEU A 1 137 ? -20.083 -6.705  -3.093  1.00 20.95 ? 164 LEU A C    1 
ATOM   1120 O  O    . LEU A 1 137 ? -20.803 -6.873  -4.072  1.00 22.64 ? 164 LEU A O    1 
ATOM   1121 C  CB   . LEU A 1 137 ? -18.039 -5.439  -3.796  1.00 21.88 ? 164 LEU A CB   1 
ATOM   1122 C  CG   . LEU A 1 137 ? -17.960 -4.223  -2.867  1.00 24.02 ? 164 LEU A CG   1 
ATOM   1123 C  CD1  . LEU A 1 137 ? -16.885 -4.410  -1.821  1.00 24.78 ? 164 LEU A CD1  1 
ATOM   1124 C  CD2  . LEU A 1 137 ? -17.705 -2.961  -3.681  1.00 25.55 ? 164 LEU A CD2  1 
ATOM   1125 N  N    . PRO A 1 138 ? -20.574 -6.497  -1.872  1.00 21.43 ? 165 PRO A N    1 
ATOM   1126 C  CA   . PRO A 1 138 ? -22.035 -6.402  -1.760  1.00 24.62 ? 165 PRO A CA   1 
ATOM   1127 C  C    . PRO A 1 138 ? -22.599 -5.211  -2.564  1.00 29.40 ? 165 PRO A C    1 
ATOM   1128 O  O    . PRO A 1 138 ? -21.966 -4.153  -2.648  1.00 32.62 ? 165 PRO A O    1 
ATOM   1129 C  CB   . PRO A 1 138 ? -22.280 -6.249  -0.251  1.00 25.00 ? 165 PRO A CB   1 
ATOM   1130 C  CG   . PRO A 1 138 ? -20.987 -6.438  0.427   1.00 22.52 ? 165 PRO A CG   1 
ATOM   1131 C  CD   . PRO A 1 138 ? -19.889 -6.477  -0.576  1.00 22.33 ? 165 PRO A CD   1 
ATOM   1132 N  N    . THR A 1 139 ? -23.762 -5.415  -3.178  1.00 34.43 ? 166 THR A N    1 
ATOM   1133 C  CA   . THR A 1 139 ? -24.437 -4.388  -3.986  1.00 39.89 ? 166 THR A CA   1 
ATOM   1134 C  C    . THR A 1 139 ? -25.211 -3.437  -3.065  1.00 41.67 ? 166 THR A C    1 
ATOM   1135 O  O    . THR A 1 139 ? -24.725 -3.060  -1.996  1.00 44.66 ? 166 THR A O    1 
ATOM   1136 C  CB   . THR A 1 139 ? -25.371 -5.045  -5.042  1.00 42.19 ? 166 THR A CB   1 
ATOM   1137 O  OG1  . THR A 1 139 ? -24.585 -5.504  -6.152  1.00 44.08 ? 166 THR A OG1  1 
ATOM   1138 C  CG2  . THR A 1 139 ? -26.420 -4.087  -5.565  1.00 44.28 ? 166 THR A CG2  1 
HETATM 1139 N  N    . NO3 B 2 .   ? 31.470  15.073  5.929   1.00 23.70 ? 201 NO3 A N    1 
HETATM 1140 O  O1   . NO3 B 2 .   ? 32.263  15.898  6.365   1.00 24.49 ? 201 NO3 A O1   1 
HETATM 1141 O  O2   . NO3 B 2 .   ? 31.880  14.085  5.062   1.00 20.60 ? 201 NO3 A O2   1 
HETATM 1142 O  O3   . NO3 B 2 .   ? 30.140  15.087  6.294   1.00 24.90 ? 201 NO3 A O3   1 
HETATM 1143 N  N    . NO3 C 2 .   ? -16.989 11.589  10.660  1.00 24.71 ? 202 NO3 A N    1 
HETATM 1144 O  O1   . NO3 C 2 .   ? -15.869 11.853  11.092  1.00 27.85 ? 202 NO3 A O1   1 
HETATM 1145 O  O2   . NO3 C 2 .   ? -17.391 12.105  9.414   1.00 21.01 ? 202 NO3 A O2   1 
HETATM 1146 O  O3   . NO3 C 2 .   ? -17.839 10.764  11.415  1.00 23.61 ? 202 NO3 A O3   1 
HETATM 1147 C  CAM  . 8P9 D 3 .   ? 13.714  -4.871  -5.817  1.00 18.68 ? 203 8P9 A CAM  1 
HETATM 1148 O  OAL  . 8P9 D 3 .   ? 13.372  -4.842  -4.408  1.00 16.86 ? 203 8P9 A OAL  1 
HETATM 1149 C  CAB  . 8P9 D 3 .   ? 12.126  -4.406  -4.059  1.00 15.76 ? 203 8P9 A CAB  1 
HETATM 1150 C  CAC  . 8P9 D 3 .   ? 11.220  -3.791  -4.924  1.00 15.60 ? 203 8P9 A CAC  1 
HETATM 1151 C  CAD  . 8P9 D 3 .   ? 10.038  -3.406  -4.447  1.00 15.33 ? 203 8P9 A CAD  1 
HETATM 1152 O  OAG  . 8P9 D 3 .   ? 9.030   -2.766  -5.146  1.00 14.48 ? 203 8P9 A OAG  1 
HETATM 1153 N  NAH  . 8P9 D 3 .   ? 7.939   -2.632  -4.143  1.00 17.42 ? 203 8P9 A NAH  1 
HETATM 1154 C  CAI  . 8P9 D 3 .   ? 8.412   -3.140  -3.007  1.00 17.11 ? 203 8P9 A CAI  1 
HETATM 1155 C  CAJ  . 8P9 D 3 .   ? 7.586   -3.171  -1.733  1.00 18.86 ? 203 8P9 A CAJ  1 
HETATM 1156 C  CAE  . 8P9 D 3 .   ? 9.644   -3.626  -3.158  1.00 15.65 ? 203 8P9 A CAE  1 
HETATM 1157 C  CAF  . 8P9 D 3 .   ? 10.507  -4.195  -2.276  1.00 15.00 ? 203 8P9 A CAF  1 
HETATM 1158 C  CAA  . 8P9 D 3 .   ? 11.770  -4.625  -2.722  1.00 15.50 ? 203 8P9 A CAA  1 
HETATM 1159 N  NAK  . 8P9 D 3 .   ? 12.738  -5.178  -1.932  1.00 15.51 ? 203 8P9 A NAK  1 
HETATM 1160 S  SAN  . 8P9 D 3 .   ? 12.479  -6.651  -1.168  1.00 15.92 ? 203 8P9 A SAN  1 
HETATM 1161 O  OAO  . 8P9 D 3 .   ? 11.157  -6.574  -0.517  1.00 15.55 ? 203 8P9 A OAO  1 
HETATM 1162 O  OAP  . 8P9 D 3 .   ? 13.624  -6.951  -0.278  1.00 14.94 ? 203 8P9 A OAP  1 
HETATM 1163 C  CAQ  . 8P9 D 3 .   ? 12.388  -7.853  -2.415  1.00 16.38 ? 203 8P9 A CAQ  1 
HETATM 1164 C  CAV  . 8P9 D 3 .   ? 11.199  -8.542  -2.591  1.00 16.85 ? 203 8P9 A CAV  1 
HETATM 1165 C  CAU  . 8P9 D 3 .   ? 11.104  -9.486  -3.581  1.00 17.07 ? 203 8P9 A CAU  1 
HETATM 1166 CL CLAY . 8P9 D 3 .   ? 9.653   -10.325 -3.772  1.00 21.81 ? 203 8P9 A CLAY 1 
HETATM 1167 C  CAT  . 8P9 D 3 .   ? 12.172  -9.768  -4.416  1.00 17.33 ? 203 8P9 A CAT  1 
HETATM 1168 C  CAS  . 8P9 D 3 .   ? 13.358  -9.081  -4.255  1.00 17.12 ? 203 8P9 A CAS  1 
HETATM 1169 C  CAR  . 8P9 D 3 .   ? 13.471  -8.103  -3.252  1.00 16.58 ? 203 8P9 A CAR  1 
HETATM 1170 O  OAW  . 8P9 D 3 .   ? 14.621  -7.395  -3.007  1.00 17.26 ? 203 8P9 A OAW  1 
HETATM 1171 C  CAX  . 8P9 D 3 .   ? 15.768  -7.582  -3.858  1.00 18.22 ? 203 8P9 A CAX  1 
HETATM 1172 C  C1   . EDO E 4 .   ? 4.224   7.717   -9.125  1.00 22.82 ? 204 EDO A C1   1 
HETATM 1173 O  O1   . EDO E 4 .   ? 4.854   8.856   -8.510  1.00 23.93 ? 204 EDO A O1   1 
HETATM 1174 C  C2   . EDO E 4 .   ? 2.968   7.328   -8.356  1.00 22.14 ? 204 EDO A C2   1 
HETATM 1175 O  O2   . EDO E 4 .   ? 3.265   6.971   -6.990  1.00 18.89 ? 204 EDO A O2   1 
HETATM 1176 C  C1   . EDO F 4 .   ? -20.479 9.779   -2.152  1.00 33.19 ? 205 EDO A C1   1 
HETATM 1177 O  O1   . EDO F 4 .   ? -19.739 8.559   -2.146  1.00 38.79 ? 205 EDO A O1   1 
HETATM 1178 C  C2   . EDO F 4 .   ? -21.896 9.580   -1.624  1.00 32.06 ? 205 EDO A C2   1 
HETATM 1179 O  O2   . EDO F 4 .   ? -22.117 10.406  -0.477  1.00 28.30 ? 205 EDO A O2   1 
HETATM 1180 C  C1   . GOL G 5 .   ? -16.651 -13.808 0.511   1.00 36.96 ? 206 GOL A C1   1 
HETATM 1181 O  O1   . GOL G 5 .   ? -15.345 -14.383 0.591   1.00 36.28 ? 206 GOL A O1   1 
HETATM 1182 C  C2   . GOL G 5 .   ? -17.043 -13.653 -0.953  1.00 37.46 ? 206 GOL A C2   1 
HETATM 1183 O  O2   . GOL G 5 .   ? -16.020 -12.989 -1.690  1.00 34.27 ? 206 GOL A O2   1 
HETATM 1184 C  C3   . GOL G 5 .   ? -18.352 -12.899 -1.138  1.00 37.51 ? 206 GOL A C3   1 
HETATM 1185 O  O3   . GOL G 5 .   ? -19.256 -13.111 -0.056  1.00 39.85 ? 206 GOL A O3   1 
HETATM 1186 O  O    . HOH H 6 .   ? 7.860   -0.196  -14.455 1.00 15.94 ? 301 HOH A O    1 
HETATM 1187 O  O    . HOH H 6 .   ? 11.059  -16.519 -9.067  1.00 20.10 ? 302 HOH A O    1 
HETATM 1188 O  O    . HOH H 6 .   ? -7.882  17.362  10.170  1.00 25.65 ? 303 HOH A O    1 
HETATM 1189 O  O    . HOH H 6 .   ? -9.245  -11.788 -10.606 1.00 30.49 ? 304 HOH A O    1 
HETATM 1190 O  O    . HOH H 6 .   ? 16.888  12.699  4.795   1.00 23.26 ? 305 HOH A O    1 
HETATM 1191 O  O    . HOH H 6 .   ? 12.511  12.134  5.589   1.00 23.34 ? 306 HOH A O    1 
HETATM 1192 O  O    . HOH H 6 .   ? -14.611 8.718   -4.092  1.00 32.34 ? 307 HOH A O    1 
HETATM 1193 O  O    . HOH H 6 .   ? 4.793   8.263   2.515   1.00 17.79 ? 308 HOH A O    1 
HETATM 1194 O  O    . HOH H 6 .   ? 18.358  3.631   0.750   1.00 30.61 ? 309 HOH A O    1 
HETATM 1195 O  O    . HOH H 6 .   ? -14.978 -5.496  -11.339 1.00 19.81 ? 310 HOH A O    1 
HETATM 1196 O  O    . HOH H 6 .   ? 6.107   -0.509  -5.009  1.00 16.88 ? 311 HOH A O    1 
HETATM 1197 O  O    . HOH H 6 .   ? 8.444   -3.661  1.746   1.00 19.59 ? 312 HOH A O    1 
HETATM 1198 O  O    . HOH H 6 .   ? 19.966  -2.688  4.532   1.00 27.01 ? 313 HOH A O    1 
HETATM 1199 O  O    . HOH H 6 .   ? 4.248   2.287   -2.471  1.00 16.74 ? 314 HOH A O    1 
HETATM 1200 O  O    . HOH H 6 .   ? 17.756  8.566   -1.730  1.00 22.53 ? 315 HOH A O    1 
HETATM 1201 O  O    . HOH H 6 .   ? 18.406  3.713   -9.654  1.00 18.62 ? 316 HOH A O    1 
HETATM 1202 O  O    . HOH H 6 .   ? 0.958   4.697   7.195   1.00 16.51 ? 317 HOH A O    1 
HETATM 1203 O  O    . HOH H 6 .   ? 15.695  -4.648  -2.061  1.00 18.83 ? 318 HOH A O    1 
HETATM 1204 O  O    . HOH H 6 .   ? 0.493   8.542   -0.337  1.00 24.66 ? 319 HOH A O    1 
HETATM 1205 O  O    . HOH H 6 .   ? 5.929   -7.656  6.790   1.00 18.98 ? 320 HOH A O    1 
HETATM 1206 O  O    . HOH H 6 .   ? 6.092   -19.296 1.681   1.00 19.43 ? 321 HOH A O    1 
HETATM 1207 O  O    . HOH H 6 .   ? -20.774 -13.871 -2.221  1.00 25.48 ? 322 HOH A O    1 
HETATM 1208 O  O    . HOH H 6 .   ? 21.262  12.819  8.509   1.00 29.29 ? 323 HOH A O    1 
HETATM 1209 O  O    . HOH H 6 .   ? 9.810   -5.862  1.781   1.00 16.72 ? 324 HOH A O    1 
HETATM 1210 O  O    . HOH H 6 .   ? 3.524   -0.896  -1.298  1.00 17.88 ? 325 HOH A O    1 
HETATM 1211 O  O    . HOH H 6 .   ? 5.084   -1.804  0.651   1.00 14.81 ? 326 HOH A O    1 
HETATM 1212 O  O    . HOH H 6 .   ? 12.220  -5.806  -8.848  1.00 19.00 ? 327 HOH A O    1 
HETATM 1213 O  O    . HOH H 6 .   ? 3.321   -12.829 3.517   1.00 14.05 ? 328 HOH A O    1 
HETATM 1214 O  O    . HOH H 6 .   ? 8.064   0.507   6.828   1.00 22.80 ? 329 HOH A O    1 
HETATM 1215 O  O    . HOH H 6 .   ? 3.645   -1.051  -3.870  1.00 20.32 ? 330 HOH A O    1 
HETATM 1216 O  O    . HOH H 6 .   ? 1.942   -13.937 -10.581 1.00 22.97 ? 331 HOH A O    1 
HETATM 1217 O  O    . HOH H 6 .   ? 3.261   3.688   1.880   1.00 13.78 ? 332 HOH A O    1 
HETATM 1218 O  O    . HOH H 6 .   ? -13.687 11.650  2.463   1.00 17.04 ? 333 HOH A O    1 
HETATM 1219 O  O    . HOH H 6 .   ? 7.112   6.025   4.878   1.00 15.37 ? 334 HOH A O    1 
HETATM 1220 O  O    . HOH H 6 .   ? 14.142  7.284   -2.025  1.00 18.91 ? 335 HOH A O    1 
HETATM 1221 O  O    . HOH H 6 .   ? -2.074  9.514   10.661  1.00 26.08 ? 336 HOH A O    1 
HETATM 1222 O  O    . HOH H 6 .   ? 9.290   -1.928  3.542   1.00 16.65 ? 337 HOH A O    1 
HETATM 1223 O  O    . HOH H 6 .   ? -1.286  -2.058  9.853   1.00 25.77 ? 338 HOH A O    1 
HETATM 1224 O  O    . HOH H 6 .   ? 14.660  7.022   0.720   1.00 24.86 ? 339 HOH A O    1 
HETATM 1225 O  O    . HOH H 6 .   ? 9.218   4.130   4.961   1.00 21.11 ? 340 HOH A O    1 
HETATM 1226 O  O    . HOH H 6 .   ? -20.866 4.194   -0.193  1.00 24.18 ? 341 HOH A O    1 
HETATM 1227 O  O    . HOH H 6 .   ? 13.108  -11.033 -9.955  1.00 28.79 ? 342 HOH A O    1 
HETATM 1228 O  O    . HOH H 6 .   ? 13.984  7.218   7.842   1.00 35.19 ? 343 HOH A O    1 
HETATM 1229 O  O    . HOH H 6 .   ? 5.055   2.204   0.398   1.00 17.87 ? 344 HOH A O    1 
HETATM 1230 O  O    . HOH H 6 .   ? -3.831  -15.019 -7.494  1.00 31.30 ? 345 HOH A O    1 
HETATM 1231 O  O    . HOH H 6 .   ? -1.243  10.960  3.773   1.00 28.24 ? 346 HOH A O    1 
HETATM 1232 O  O    . HOH H 6 .   ? -15.694 15.766  8.243   1.00 20.34 ? 347 HOH A O    1 
HETATM 1233 O  O    . HOH H 6 .   ? -19.123 2.133   0.265   1.00 18.89 ? 348 HOH A O    1 
HETATM 1234 O  O    . HOH H 6 .   ? 11.651  -8.271  -7.712  1.00 15.94 ? 349 HOH A O    1 
HETATM 1235 O  O    . HOH H 6 .   ? 5.610   5.576   2.589   1.00 14.31 ? 350 HOH A O    1 
HETATM 1236 O  O    . HOH H 6 .   ? -17.668 3.888   -3.482  1.00 18.36 ? 351 HOH A O    1 
HETATM 1237 O  O    . HOH H 6 .   ? 13.390  -2.289  -9.335  1.00 36.00 ? 352 HOH A O    1 
HETATM 1238 O  O    . HOH H 6 .   ? -13.906 3.490   6.775   1.00 22.49 ? 353 HOH A O    1 
HETATM 1239 O  O    . HOH H 6 .   ? 38.818  23.959  5.292   1.00 48.67 ? 354 HOH A O    1 
HETATM 1240 O  O    . HOH H 6 .   ? 8.581   -8.018  5.537   1.00 27.36 ? 355 HOH A O    1 
HETATM 1241 O  O    . HOH H 6 .   ? 5.039   -15.120 4.154   1.00 28.54 ? 356 HOH A O    1 
HETATM 1242 O  O    . HOH H 6 .   ? 9.535   2.716   7.259   1.00 34.76 ? 357 HOH A O    1 
HETATM 1243 O  O    . HOH H 6 .   ? 17.156  -4.415  -4.648  1.00 30.88 ? 358 HOH A O    1 
HETATM 1244 O  O    . HOH H 6 .   ? 10.577  -3.483  5.324   1.00 23.77 ? 359 HOH A O    1 
HETATM 1245 O  O    . HOH H 6 .   ? 14.062  -9.665  -7.624  1.00 26.79 ? 360 HOH A O    1 
# 
loop_
_pdbx_poly_seq_scheme.asym_id 
_pdbx_poly_seq_scheme.entity_id 
_pdbx_poly_seq_scheme.seq_id 
_pdbx_poly_seq_scheme.mon_id 
_pdbx_poly_seq_scheme.ndb_seq_num 
_pdbx_poly_seq_scheme.pdb_seq_num 
_pdbx_poly_seq_scheme.auth_seq_num 
_pdbx_poly_seq_scheme.pdb_mon_id 
_pdbx_poly_seq_scheme.auth_mon_id 
_pdbx_poly_seq_scheme.pdb_strand_id 
_pdbx_poly_seq_scheme.pdb_ins_code 
_pdbx_poly_seq_scheme.hetero 
A 1 1   MET 1   28  ?   ?   ?   A . n 
A 1 2   LYS 2   29  ?   ?   ?   A . n 
A 1 3   LYS 3   30  ?   ?   ?   A . n 
A 1 4   GLY 4   31  ?   ?   ?   A . n 
A 1 5   HIS 5   32  ?   ?   ?   A . n 
A 1 6   HIS 6   33  33  HIS HIS A . n 
A 1 7   HIS 7   34  34  HIS HIS A . n 
A 1 8   HIS 8   35  35  HIS HIS A . n 
A 1 9   HIS 9   36  36  HIS HIS A . n 
A 1 10  HIS 10  37  37  HIS HIS A . n 
A 1 11  LEU 11  38  38  LEU LEU A . n 
A 1 12  VAL 12  39  39  VAL VAL A . n 
A 1 13  PRO 13  40  40  PRO PRO A . n 
A 1 14  ARG 14  41  41  ARG ARG A . n 
A 1 15  GLY 15  42  42  GLY GLY A . n 
A 1 16  SER 16  43  43  SER SER A . n 
A 1 17  ASN 17  44  44  ASN ASN A . n 
A 1 18  PRO 18  45  45  PRO PRO A . n 
A 1 19  PRO 19  46  46  PRO PRO A . n 
A 1 20  PRO 20  47  47  PRO PRO A . n 
A 1 21  PRO 21  48  48  PRO PRO A . n 
A 1 22  GLU 22  49  49  GLU GLU A . n 
A 1 23  THR 23  50  50  THR THR A . n 
A 1 24  SER 24  51  51  SER SER A . n 
A 1 25  ASN 25  52  52  ASN ASN A . n 
A 1 26  PRO 26  53  53  PRO PRO A . n 
A 1 27  ASN 27  54  54  ASN ASN A . n 
A 1 28  LYS 28  55  55  LYS LYS A . n 
A 1 29  PRO 29  56  56  PRO PRO A . n 
A 1 30  LYS 30  57  57  LYS LYS A . n 
A 1 31  ARG 31  58  58  ARG ARG A . n 
A 1 32  GLN 32  59  59  GLN GLN A . n 
A 1 33  THR 33  60  60  THR THR A . n 
A 1 34  ASN 34  61  61  ASN ASN A . n 
A 1 35  GLN 35  62  62  GLN GLN A . n 
A 1 36  LEU 36  63  63  LEU LEU A . n 
A 1 37  GLN 37  64  64  GLN GLN A . n 
A 1 38  TYR 38  65  65  TYR TYR A . n 
A 1 39  LEU 39  66  66  LEU LEU A . n 
A 1 40  LEU 40  67  67  LEU LEU A . n 
A 1 41  ARG 41  68  68  ARG ARG A . n 
A 1 42  VAL 42  69  69  VAL VAL A . n 
A 1 43  VAL 43  70  70  VAL VAL A . n 
A 1 44  LEU 44  71  71  LEU LEU A . n 
A 1 45  LYS 45  72  72  LYS LYS A . n 
A 1 46  THR 46  73  73  THR THR A . n 
A 1 47  LEU 47  74  74  LEU LEU A . n 
A 1 48  TRP 48  75  75  TRP TRP A . n 
A 1 49  LYS 49  76  76  LYS LYS A . n 
A 1 50  HIS 50  77  77  HIS HIS A . n 
A 1 51  GLN 51  78  78  GLN GLN A . n 
A 1 52  PHE 52  79  79  PHE PHE A . n 
A 1 53  ALA 53  80  80  ALA ALA A . n 
A 1 54  TRP 54  81  81  TRP TRP A . n 
A 1 55  PRO 55  82  82  PRO PRO A . n 
A 1 56  PHE 56  83  83  PHE PHE A . n 
A 1 57  GLN 57  84  84  GLN GLN A . n 
A 1 58  GLN 58  85  85  GLN GLN A . n 
A 1 59  PRO 59  86  86  PRO PRO A . n 
A 1 60  VAL 60  87  87  VAL VAL A . n 
A 1 61  ASP 61  88  88  ASP ASP A . n 
A 1 62  ALA 62  89  89  ALA ALA A . n 
A 1 63  VAL 63  90  90  VAL VAL A . n 
A 1 64  LYS 64  91  91  LYS LYS A . n 
A 1 65  LEU 65  92  92  LEU LEU A . n 
A 1 66  ASN 66  93  93  ASN ASN A . n 
A 1 67  LEU 67  94  94  LEU LEU A . n 
A 1 68  PRO 68  95  95  PRO PRO A . n 
A 1 69  ASP 69  96  96  ASP ASP A . n 
A 1 70  TYR 70  97  97  TYR TYR A . n 
A 1 71  TYR 71  98  98  TYR TYR A . n 
A 1 72  LYS 72  99  99  LYS LYS A . n 
A 1 73  ILE 73  100 100 ILE ILE A . n 
A 1 74  ILE 74  101 101 ILE ILE A . n 
A 1 75  LYS 75  102 102 LYS LYS A . n 
A 1 76  THR 76  103 103 THR THR A . n 
A 1 77  PRO 77  104 104 PRO PRO A . n 
A 1 78  MET 78  105 105 MET MET A . n 
A 1 79  ASP 79  106 106 ASP ASP A . n 
A 1 80  MET 80  107 107 MET MET A . n 
A 1 81  GLY 81  108 108 GLY GLY A . n 
A 1 82  THR 82  109 109 THR THR A . n 
A 1 83  ILE 83  110 110 ILE ILE A . n 
A 1 84  LYS 84  111 111 LYS LYS A . n 
A 1 85  LYS 85  112 112 LYS LYS A . n 
A 1 86  ARG 86  113 113 ARG ARG A . n 
A 1 87  LEU 87  114 114 LEU LEU A . n 
A 1 88  GLU 88  115 115 GLU GLU A . n 
A 1 89  ASN 89  116 116 ASN ASN A . n 
A 1 90  ASN 90  117 117 ASN ASN A . n 
A 1 91  TYR 91  118 118 TYR TYR A . n 
A 1 92  TYR 92  119 119 TYR TYR A . n 
A 1 93  TRP 93  120 120 TRP TRP A . n 
A 1 94  ASN 94  121 121 ASN ASN A . n 
A 1 95  ALA 95  122 122 ALA ALA A . n 
A 1 96  GLN 96  123 123 GLN GLN A . n 
A 1 97  GLU 97  124 124 GLU GLU A . n 
A 1 98  CYS 98  125 125 CYS CYS A . n 
A 1 99  ILE 99  126 126 ILE ILE A . n 
A 1 100 GLN 100 127 127 GLN GLN A . n 
A 1 101 ASP 101 128 128 ASP ASP A . n 
A 1 102 PHE 102 129 129 PHE PHE A . n 
A 1 103 ASN 103 130 130 ASN ASN A . n 
A 1 104 THR 104 131 131 THR THR A . n 
A 1 105 MET 105 132 132 MET MET A . n 
A 1 106 PHE 106 133 133 PHE PHE A . n 
A 1 107 THR 107 134 134 THR THR A . n 
A 1 108 ASN 108 135 135 ASN ASN A . n 
A 1 109 CYS 109 136 136 CYS CYS A . n 
A 1 110 TYR 110 137 137 TYR TYR A . n 
A 1 111 ILE 111 138 138 ILE ILE A . n 
A 1 112 TYR 112 139 139 TYR TYR A . n 
A 1 113 ASN 113 140 140 ASN ASN A . n 
A 1 114 LYS 114 141 141 LYS LYS A . n 
A 1 115 PRO 115 142 142 PRO PRO A . n 
A 1 116 GLY 116 143 143 GLY GLY A . n 
A 1 117 ASP 117 144 144 ASP ASP A . n 
A 1 118 ASP 118 145 145 ASP ASP A . n 
A 1 119 ILE 119 146 146 ILE ILE A . n 
A 1 120 VAL 120 147 147 VAL VAL A . n 
A 1 121 LEU 121 148 148 LEU LEU A . n 
A 1 122 MET 122 149 149 MET MET A . n 
A 1 123 ALA 123 150 150 ALA ALA A . n 
A 1 124 GLU 124 151 151 GLU GLU A . n 
A 1 125 ALA 125 152 152 ALA ALA A . n 
A 1 126 LEU 126 153 153 LEU LEU A . n 
A 1 127 GLU 127 154 154 GLU GLU A . n 
A 1 128 LYS 128 155 155 LYS LYS A . n 
A 1 129 LEU 129 156 156 LEU LEU A . n 
A 1 130 PHE 130 157 157 PHE PHE A . n 
A 1 131 LEU 131 158 158 LEU LEU A . n 
A 1 132 GLN 132 159 159 GLN GLN A . n 
A 1 133 LYS 133 160 160 LYS LYS A . n 
A 1 134 ILE 134 161 161 ILE ILE A . n 
A 1 135 ASN 135 162 162 ASN ASN A . n 
A 1 136 GLU 136 163 163 GLU GLU A . n 
A 1 137 LEU 137 164 164 LEU LEU A . n 
A 1 138 PRO 138 165 165 PRO PRO A . n 
A 1 139 THR 139 166 166 THR THR A . n 
# 
loop_
_pdbx_nonpoly_scheme.asym_id 
_pdbx_nonpoly_scheme.entity_id 
_pdbx_nonpoly_scheme.mon_id 
_pdbx_nonpoly_scheme.ndb_seq_num 
_pdbx_nonpoly_scheme.pdb_seq_num 
_pdbx_nonpoly_scheme.auth_seq_num 
_pdbx_nonpoly_scheme.pdb_mon_id 
_pdbx_nonpoly_scheme.auth_mon_id 
_pdbx_nonpoly_scheme.pdb_strand_id 
_pdbx_nonpoly_scheme.pdb_ins_code 
B 2 NO3 1  201 1  NO3 NO3 A . 
C 2 NO3 1  202 2  NO3 NO3 A . 
D 3 8P9 1  203 1  8P9 E0E A . 
E 4 EDO 1  204 1  EDO EDO A . 
F 4 EDO 1  205 2  EDO EDO A . 
G 5 GOL 1  206 1  GOL GOL A . 
H 6 HOH 1  301 45 HOH HOH A . 
H 6 HOH 2  302 25 HOH HOH A . 
H 6 HOH 3  303 5  HOH HOH A . 
H 6 HOH 4  304 52 HOH HOH A . 
H 6 HOH 5  305 7  HOH HOH A . 
H 6 HOH 6  306 8  HOH HOH A . 
H 6 HOH 7  307 62 HOH HOH A . 
H 6 HOH 8  308 14 HOH HOH A . 
H 6 HOH 9  309 39 HOH HOH A . 
H 6 HOH 10 310 3  HOH HOH A . 
H 6 HOH 11 311 19 HOH HOH A . 
H 6 HOH 12 312 34 HOH HOH A . 
H 6 HOH 13 313 60 HOH HOH A . 
H 6 HOH 14 314 17 HOH HOH A . 
H 6 HOH 15 315 26 HOH HOH A . 
H 6 HOH 16 316 38 HOH HOH A . 
H 6 HOH 17 317 22 HOH HOH A . 
H 6 HOH 18 318 40 HOH HOH A . 
H 6 HOH 19 319 42 HOH HOH A . 
H 6 HOH 20 320 33 HOH HOH A . 
H 6 HOH 21 321 6  HOH HOH A . 
H 6 HOH 22 322 53 HOH HOH A . 
H 6 HOH 23 323 58 HOH HOH A . 
H 6 HOH 24 324 35 HOH HOH A . 
H 6 HOH 25 325 20 HOH HOH A . 
H 6 HOH 26 326 21 HOH HOH A . 
H 6 HOH 27 327 47 HOH HOH A . 
H 6 HOH 28 328 32 HOH HOH A . 
H 6 HOH 29 329 12 HOH HOH A . 
H 6 HOH 30 330 18 HOH HOH A . 
H 6 HOH 31 331 51 HOH HOH A . 
H 6 HOH 32 332 15 HOH HOH A . 
H 6 HOH 33 333 27 HOH HOH A . 
H 6 HOH 34 334 9  HOH HOH A . 
H 6 HOH 35 335 29 HOH HOH A . 
H 6 HOH 36 336 24 HOH HOH A . 
H 6 HOH 37 337 36 HOH HOH A . 
H 6 HOH 38 338 43 HOH HOH A . 
H 6 HOH 39 339 57 HOH HOH A . 
H 6 HOH 40 340 10 HOH HOH A . 
H 6 HOH 41 341 54 HOH HOH A . 
H 6 HOH 42 342 49 HOH HOH A . 
H 6 HOH 43 343 61 HOH HOH A . 
H 6 HOH 44 344 16 HOH HOH A . 
H 6 HOH 45 345 2  HOH HOH A . 
H 6 HOH 46 346 23 HOH HOH A . 
H 6 HOH 47 347 28 HOH HOH A . 
H 6 HOH 48 348 31 HOH HOH A . 
H 6 HOH 49 349 48 HOH HOH A . 
H 6 HOH 50 350 13 HOH HOH A . 
H 6 HOH 51 351 44 HOH HOH A . 
H 6 HOH 52 352 46 HOH HOH A . 
H 6 HOH 53 353 30 HOH HOH A . 
H 6 HOH 54 354 1  HOH HOH A . 
H 6 HOH 55 355 55 HOH HOH A . 
H 6 HOH 56 356 56 HOH HOH A . 
H 6 HOH 57 357 11 HOH HOH A . 
H 6 HOH 58 358 41 HOH HOH A . 
H 6 HOH 59 359 37 HOH HOH A . 
H 6 HOH 60 360 50 HOH HOH A . 
# 
_pdbx_struct_assembly.id                   1 
_pdbx_struct_assembly.details              author_and_software_defined_assembly 
_pdbx_struct_assembly.method_details       PISA 
_pdbx_struct_assembly.oligomeric_details   monomeric 
_pdbx_struct_assembly.oligomeric_count     1 
# 
_pdbx_struct_assembly_gen.assembly_id       1 
_pdbx_struct_assembly_gen.oper_expression   1 
_pdbx_struct_assembly_gen.asym_id_list      A,B,C,D,E,F,G,H 
# 
loop_
_pdbx_struct_assembly_prop.biol_id 
_pdbx_struct_assembly_prop.type 
_pdbx_struct_assembly_prop.value 
_pdbx_struct_assembly_prop.details 
1 'ABSA (A^2)' 120  ? 
1 MORE         1    ? 
1 'SSA (A^2)'  8720 ? 
# 
_pdbx_struct_oper_list.id                   1 
_pdbx_struct_oper_list.type                 'identity operation' 
_pdbx_struct_oper_list.name                 1_555 
_pdbx_struct_oper_list.symmetry_operation   x,y,z 
_pdbx_struct_oper_list.matrix[1][1]         1.0000000000 
_pdbx_struct_oper_list.matrix[1][2]         0.0000000000 
_pdbx_struct_oper_list.matrix[1][3]         0.0000000000 
_pdbx_struct_oper_list.vector[1]            0.0000000000 
_pdbx_struct_oper_list.matrix[2][1]         0.0000000000 
_pdbx_struct_oper_list.matrix[2][2]         1.0000000000 
_pdbx_struct_oper_list.matrix[2][3]         0.0000000000 
_pdbx_struct_oper_list.vector[2]            0.0000000000 
_pdbx_struct_oper_list.matrix[3][1]         0.0000000000 
_pdbx_struct_oper_list.matrix[3][2]         0.0000000000 
_pdbx_struct_oper_list.matrix[3][3]         1.0000000000 
_pdbx_struct_oper_list.vector[3]            0.0000000000 
# 
loop_
_pdbx_audit_revision_history.ordinal 
_pdbx_audit_revision_history.data_content_type 
_pdbx_audit_revision_history.major_revision 
_pdbx_audit_revision_history.minor_revision 
_pdbx_audit_revision_history.revision_date 
1 'Structure model' 1 0 2018-06-13 
2 'Structure model' 1 1 2023-11-22 
# 
_pdbx_audit_revision_details.ordinal             1 
_pdbx_audit_revision_details.revision_ordinal    1 
_pdbx_audit_revision_details.data_content_type   'Structure model' 
_pdbx_audit_revision_details.provider            repository 
_pdbx_audit_revision_details.type                'Initial release' 
_pdbx_audit_revision_details.description         ? 
_pdbx_audit_revision_details.details             ? 
# 
loop_
_pdbx_audit_revision_group.ordinal 
_pdbx_audit_revision_group.revision_ordinal 
_pdbx_audit_revision_group.data_content_type 
_pdbx_audit_revision_group.group 
1 2 'Structure model' 'Data collection'        
2 2 'Structure model' 'Database references'    
3 2 'Structure model' 'Refinement description' 
# 
loop_
_pdbx_audit_revision_category.ordinal 
_pdbx_audit_revision_category.revision_ordinal 
_pdbx_audit_revision_category.data_content_type 
_pdbx_audit_revision_category.category 
1 2 'Structure model' chem_comp_atom                
2 2 'Structure model' chem_comp_bond                
3 2 'Structure model' database_2                    
4 2 'Structure model' pdbx_initial_refinement_model 
# 
loop_
_pdbx_audit_revision_item.ordinal 
_pdbx_audit_revision_item.revision_ordinal 
_pdbx_audit_revision_item.data_content_type 
_pdbx_audit_revision_item.item 
1 2 'Structure model' '_database_2.pdbx_DOI'                
2 2 'Structure model' '_database_2.pdbx_database_accession' 
# 
loop_
_software.citation_id 
_software.classification 
_software.compiler_name 
_software.compiler_version 
_software.contact_author 
_software.contact_author_email 
_software.date 
_software.description 
_software.dependencies 
_software.hardware 
_software.language 
_software.location 
_software.mods 
_software.name 
_software.os 
_software.os_version 
_software.type 
_software.version 
_software.pdbx_ordinal 
? 'data scaling'    ? ? ? ? ? ? ? ? ? ? ? Aimless     ? ? ? 0.5.17   1 
? refinement        ? ? ? ? ? ? ? ? ? ? ? REFMAC      ? ? ? 5.8.0135 2 
? 'data extraction' ? ? ? ? ? ? ? ? ? ? ? PDB_EXTRACT ? ? ? 3.22     3 
? 'data reduction'  ? ? ? ? ? ? ? ? ? ? ? iMOSFLM     ? ? ? .        4 
? phasing           ? ? ? ? ? ? ? ? ? ? ? MOLREP      ? ? ? .        5 
# 
_pdbx_validate_rmsd_angle.id                         1 
_pdbx_validate_rmsd_angle.PDB_model_num              1 
_pdbx_validate_rmsd_angle.auth_atom_id_1             NE 
_pdbx_validate_rmsd_angle.auth_asym_id_1             A 
_pdbx_validate_rmsd_angle.auth_comp_id_1             ARG 
_pdbx_validate_rmsd_angle.auth_seq_id_1              113 
_pdbx_validate_rmsd_angle.PDB_ins_code_1             ? 
_pdbx_validate_rmsd_angle.label_alt_id_1             ? 
_pdbx_validate_rmsd_angle.auth_atom_id_2             CZ 
_pdbx_validate_rmsd_angle.auth_asym_id_2             A 
_pdbx_validate_rmsd_angle.auth_comp_id_2             ARG 
_pdbx_validate_rmsd_angle.auth_seq_id_2              113 
_pdbx_validate_rmsd_angle.PDB_ins_code_2             ? 
_pdbx_validate_rmsd_angle.label_alt_id_2             ? 
_pdbx_validate_rmsd_angle.auth_atom_id_3             NH2 
_pdbx_validate_rmsd_angle.auth_asym_id_3             A 
_pdbx_validate_rmsd_angle.auth_comp_id_3             ARG 
_pdbx_validate_rmsd_angle.auth_seq_id_3              113 
_pdbx_validate_rmsd_angle.PDB_ins_code_3             ? 
_pdbx_validate_rmsd_angle.label_alt_id_3             ? 
_pdbx_validate_rmsd_angle.angle_value                116.52 
_pdbx_validate_rmsd_angle.angle_target_value         120.30 
_pdbx_validate_rmsd_angle.angle_deviation            -3.78 
_pdbx_validate_rmsd_angle.angle_standard_deviation   0.50 
_pdbx_validate_rmsd_angle.linker_flag                N 
# 
loop_
_pdbx_validate_torsion.id 
_pdbx_validate_torsion.PDB_model_num 
_pdbx_validate_torsion.auth_comp_id 
_pdbx_validate_torsion.auth_asym_id 
_pdbx_validate_torsion.auth_seq_id 
_pdbx_validate_torsion.PDB_ins_code 
_pdbx_validate_torsion.label_alt_id 
_pdbx_validate_torsion.phi 
_pdbx_validate_torsion.psi 
1 1 ASN A 52 ? ? -162.53 97.36 
2 1 LEU A 94 ? ? -118.95 64.75 
# 
loop_
_pdbx_unobs_or_zero_occ_residues.id 
_pdbx_unobs_or_zero_occ_residues.PDB_model_num 
_pdbx_unobs_or_zero_occ_residues.polymer_flag 
_pdbx_unobs_or_zero_occ_residues.occupancy_flag 
_pdbx_unobs_or_zero_occ_residues.auth_asym_id 
_pdbx_unobs_or_zero_occ_residues.auth_comp_id 
_pdbx_unobs_or_zero_occ_residues.auth_seq_id 
_pdbx_unobs_or_zero_occ_residues.PDB_ins_code 
_pdbx_unobs_or_zero_occ_residues.label_asym_id 
_pdbx_unobs_or_zero_occ_residues.label_comp_id 
_pdbx_unobs_or_zero_occ_residues.label_seq_id 
1 1 Y 1 A MET 28 ? A MET 1 
2 1 Y 1 A LYS 29 ? A LYS 2 
3 1 Y 1 A LYS 30 ? A LYS 3 
4 1 Y 1 A GLY 31 ? A GLY 4 
5 1 Y 1 A HIS 32 ? A HIS 5 
# 
loop_
_chem_comp_atom.comp_id 
_chem_comp_atom.atom_id 
_chem_comp_atom.type_symbol 
_chem_comp_atom.pdbx_aromatic_flag 
_chem_comp_atom.pdbx_stereo_config 
_chem_comp_atom.pdbx_ordinal 
8P9 CAM  C  N N 1   
8P9 OAL  O  N N 2   
8P9 CAB  C  Y N 3   
8P9 CAC  C  Y N 4   
8P9 CAD  C  Y N 5   
8P9 OAG  O  Y N 6   
8P9 NAH  N  Y N 7   
8P9 CAI  C  Y N 8   
8P9 CAJ  C  N N 9   
8P9 CAE  C  Y N 10  
8P9 CAF  C  Y N 11  
8P9 CAA  C  Y N 12  
8P9 NAK  N  N N 13  
8P9 SAN  S  N N 14  
8P9 OAO  O  N N 15  
8P9 OAP  O  N N 16  
8P9 CAQ  C  Y N 17  
8P9 CAV  C  Y N 18  
8P9 CAU  C  Y N 19  
8P9 CLAY CL N N 20  
8P9 CAT  C  Y N 21  
8P9 CAS  C  Y N 22  
8P9 CAR  C  Y N 23  
8P9 OAW  O  N N 24  
8P9 CAX  C  N N 25  
8P9 H1   H  N N 26  
8P9 H2   H  N N 27  
8P9 H3   H  N N 28  
8P9 H4   H  N N 29  
8P9 H5   H  N N 30  
8P9 H6   H  N N 31  
8P9 H7   H  N N 32  
8P9 H8   H  N N 33  
8P9 H9   H  N N 34  
8P9 H10  H  N N 35  
8P9 H11  H  N N 36  
8P9 H12  H  N N 37  
8P9 H13  H  N N 38  
8P9 H14  H  N N 39  
8P9 H15  H  N N 40  
ALA N    N  N N 41  
ALA CA   C  N S 42  
ALA C    C  N N 43  
ALA O    O  N N 44  
ALA CB   C  N N 45  
ALA OXT  O  N N 46  
ALA H    H  N N 47  
ALA H2   H  N N 48  
ALA HA   H  N N 49  
ALA HB1  H  N N 50  
ALA HB2  H  N N 51  
ALA HB3  H  N N 52  
ALA HXT  H  N N 53  
ARG N    N  N N 54  
ARG CA   C  N S 55  
ARG C    C  N N 56  
ARG O    O  N N 57  
ARG CB   C  N N 58  
ARG CG   C  N N 59  
ARG CD   C  N N 60  
ARG NE   N  N N 61  
ARG CZ   C  N N 62  
ARG NH1  N  N N 63  
ARG NH2  N  N N 64  
ARG OXT  O  N N 65  
ARG H    H  N N 66  
ARG H2   H  N N 67  
ARG HA   H  N N 68  
ARG HB2  H  N N 69  
ARG HB3  H  N N 70  
ARG HG2  H  N N 71  
ARG HG3  H  N N 72  
ARG HD2  H  N N 73  
ARG HD3  H  N N 74  
ARG HE   H  N N 75  
ARG HH11 H  N N 76  
ARG HH12 H  N N 77  
ARG HH21 H  N N 78  
ARG HH22 H  N N 79  
ARG HXT  H  N N 80  
ASN N    N  N N 81  
ASN CA   C  N S 82  
ASN C    C  N N 83  
ASN O    O  N N 84  
ASN CB   C  N N 85  
ASN CG   C  N N 86  
ASN OD1  O  N N 87  
ASN ND2  N  N N 88  
ASN OXT  O  N N 89  
ASN H    H  N N 90  
ASN H2   H  N N 91  
ASN HA   H  N N 92  
ASN HB2  H  N N 93  
ASN HB3  H  N N 94  
ASN HD21 H  N N 95  
ASN HD22 H  N N 96  
ASN HXT  H  N N 97  
ASP N    N  N N 98  
ASP CA   C  N S 99  
ASP C    C  N N 100 
ASP O    O  N N 101 
ASP CB   C  N N 102 
ASP CG   C  N N 103 
ASP OD1  O  N N 104 
ASP OD2  O  N N 105 
ASP OXT  O  N N 106 
ASP H    H  N N 107 
ASP H2   H  N N 108 
ASP HA   H  N N 109 
ASP HB2  H  N N 110 
ASP HB3  H  N N 111 
ASP HD2  H  N N 112 
ASP HXT  H  N N 113 
CYS N    N  N N 114 
CYS CA   C  N R 115 
CYS C    C  N N 116 
CYS O    O  N N 117 
CYS CB   C  N N 118 
CYS SG   S  N N 119 
CYS OXT  O  N N 120 
CYS H    H  N N 121 
CYS H2   H  N N 122 
CYS HA   H  N N 123 
CYS HB2  H  N N 124 
CYS HB3  H  N N 125 
CYS HG   H  N N 126 
CYS HXT  H  N N 127 
EDO C1   C  N N 128 
EDO O1   O  N N 129 
EDO C2   C  N N 130 
EDO O2   O  N N 131 
EDO H11  H  N N 132 
EDO H12  H  N N 133 
EDO HO1  H  N N 134 
EDO H21  H  N N 135 
EDO H22  H  N N 136 
EDO HO2  H  N N 137 
GLN N    N  N N 138 
GLN CA   C  N S 139 
GLN C    C  N N 140 
GLN O    O  N N 141 
GLN CB   C  N N 142 
GLN CG   C  N N 143 
GLN CD   C  N N 144 
GLN OE1  O  N N 145 
GLN NE2  N  N N 146 
GLN OXT  O  N N 147 
GLN H    H  N N 148 
GLN H2   H  N N 149 
GLN HA   H  N N 150 
GLN HB2  H  N N 151 
GLN HB3  H  N N 152 
GLN HG2  H  N N 153 
GLN HG3  H  N N 154 
GLN HE21 H  N N 155 
GLN HE22 H  N N 156 
GLN HXT  H  N N 157 
GLU N    N  N N 158 
GLU CA   C  N S 159 
GLU C    C  N N 160 
GLU O    O  N N 161 
GLU CB   C  N N 162 
GLU CG   C  N N 163 
GLU CD   C  N N 164 
GLU OE1  O  N N 165 
GLU OE2  O  N N 166 
GLU OXT  O  N N 167 
GLU H    H  N N 168 
GLU H2   H  N N 169 
GLU HA   H  N N 170 
GLU HB2  H  N N 171 
GLU HB3  H  N N 172 
GLU HG2  H  N N 173 
GLU HG3  H  N N 174 
GLU HE2  H  N N 175 
GLU HXT  H  N N 176 
GLY N    N  N N 177 
GLY CA   C  N N 178 
GLY C    C  N N 179 
GLY O    O  N N 180 
GLY OXT  O  N N 181 
GLY H    H  N N 182 
GLY H2   H  N N 183 
GLY HA2  H  N N 184 
GLY HA3  H  N N 185 
GLY HXT  H  N N 186 
GOL C1   C  N N 187 
GOL O1   O  N N 188 
GOL C2   C  N N 189 
GOL O2   O  N N 190 
GOL C3   C  N N 191 
GOL O3   O  N N 192 
GOL H11  H  N N 193 
GOL H12  H  N N 194 
GOL HO1  H  N N 195 
GOL H2   H  N N 196 
GOL HO2  H  N N 197 
GOL H31  H  N N 198 
GOL H32  H  N N 199 
GOL HO3  H  N N 200 
HIS N    N  N N 201 
HIS CA   C  N S 202 
HIS C    C  N N 203 
HIS O    O  N N 204 
HIS CB   C  N N 205 
HIS CG   C  Y N 206 
HIS ND1  N  Y N 207 
HIS CD2  C  Y N 208 
HIS CE1  C  Y N 209 
HIS NE2  N  Y N 210 
HIS OXT  O  N N 211 
HIS H    H  N N 212 
HIS H2   H  N N 213 
HIS HA   H  N N 214 
HIS HB2  H  N N 215 
HIS HB3  H  N N 216 
HIS HD1  H  N N 217 
HIS HD2  H  N N 218 
HIS HE1  H  N N 219 
HIS HE2  H  N N 220 
HIS HXT  H  N N 221 
HOH O    O  N N 222 
HOH H1   H  N N 223 
HOH H2   H  N N 224 
ILE N    N  N N 225 
ILE CA   C  N S 226 
ILE C    C  N N 227 
ILE O    O  N N 228 
ILE CB   C  N S 229 
ILE CG1  C  N N 230 
ILE CG2  C  N N 231 
ILE CD1  C  N N 232 
ILE OXT  O  N N 233 
ILE H    H  N N 234 
ILE H2   H  N N 235 
ILE HA   H  N N 236 
ILE HB   H  N N 237 
ILE HG12 H  N N 238 
ILE HG13 H  N N 239 
ILE HG21 H  N N 240 
ILE HG22 H  N N 241 
ILE HG23 H  N N 242 
ILE HD11 H  N N 243 
ILE HD12 H  N N 244 
ILE HD13 H  N N 245 
ILE HXT  H  N N 246 
LEU N    N  N N 247 
LEU CA   C  N S 248 
LEU C    C  N N 249 
LEU O    O  N N 250 
LEU CB   C  N N 251 
LEU CG   C  N N 252 
LEU CD1  C  N N 253 
LEU CD2  C  N N 254 
LEU OXT  O  N N 255 
LEU H    H  N N 256 
LEU H2   H  N N 257 
LEU HA   H  N N 258 
LEU HB2  H  N N 259 
LEU HB3  H  N N 260 
LEU HG   H  N N 261 
LEU HD11 H  N N 262 
LEU HD12 H  N N 263 
LEU HD13 H  N N 264 
LEU HD21 H  N N 265 
LEU HD22 H  N N 266 
LEU HD23 H  N N 267 
LEU HXT  H  N N 268 
LYS N    N  N N 269 
LYS CA   C  N S 270 
LYS C    C  N N 271 
LYS O    O  N N 272 
LYS CB   C  N N 273 
LYS CG   C  N N 274 
LYS CD   C  N N 275 
LYS CE   C  N N 276 
LYS NZ   N  N N 277 
LYS OXT  O  N N 278 
LYS H    H  N N 279 
LYS H2   H  N N 280 
LYS HA   H  N N 281 
LYS HB2  H  N N 282 
LYS HB3  H  N N 283 
LYS HG2  H  N N 284 
LYS HG3  H  N N 285 
LYS HD2  H  N N 286 
LYS HD3  H  N N 287 
LYS HE2  H  N N 288 
LYS HE3  H  N N 289 
LYS HZ1  H  N N 290 
LYS HZ2  H  N N 291 
LYS HZ3  H  N N 292 
LYS HXT  H  N N 293 
MET N    N  N N 294 
MET CA   C  N S 295 
MET C    C  N N 296 
MET O    O  N N 297 
MET CB   C  N N 298 
MET CG   C  N N 299 
MET SD   S  N N 300 
MET CE   C  N N 301 
MET OXT  O  N N 302 
MET H    H  N N 303 
MET H2   H  N N 304 
MET HA   H  N N 305 
MET HB2  H  N N 306 
MET HB3  H  N N 307 
MET HG2  H  N N 308 
MET HG3  H  N N 309 
MET HE1  H  N N 310 
MET HE2  H  N N 311 
MET HE3  H  N N 312 
MET HXT  H  N N 313 
NO3 N    N  N N 314 
NO3 O1   O  N N 315 
NO3 O2   O  N N 316 
NO3 O3   O  N N 317 
PHE N    N  N N 318 
PHE CA   C  N S 319 
PHE C    C  N N 320 
PHE O    O  N N 321 
PHE CB   C  N N 322 
PHE CG   C  Y N 323 
PHE CD1  C  Y N 324 
PHE CD2  C  Y N 325 
PHE CE1  C  Y N 326 
PHE CE2  C  Y N 327 
PHE CZ   C  Y N 328 
PHE OXT  O  N N 329 
PHE H    H  N N 330 
PHE H2   H  N N 331 
PHE HA   H  N N 332 
PHE HB2  H  N N 333 
PHE HB3  H  N N 334 
PHE HD1  H  N N 335 
PHE HD2  H  N N 336 
PHE HE1  H  N N 337 
PHE HE2  H  N N 338 
PHE HZ   H  N N 339 
PHE HXT  H  N N 340 
PRO N    N  N N 341 
PRO CA   C  N S 342 
PRO C    C  N N 343 
PRO O    O  N N 344 
PRO CB   C  N N 345 
PRO CG   C  N N 346 
PRO CD   C  N N 347 
PRO OXT  O  N N 348 
PRO H    H  N N 349 
PRO HA   H  N N 350 
PRO HB2  H  N N 351 
PRO HB3  H  N N 352 
PRO HG2  H  N N 353 
PRO HG3  H  N N 354 
PRO HD2  H  N N 355 
PRO HD3  H  N N 356 
PRO HXT  H  N N 357 
SER N    N  N N 358 
SER CA   C  N S 359 
SER C    C  N N 360 
SER O    O  N N 361 
SER CB   C  N N 362 
SER OG   O  N N 363 
SER OXT  O  N N 364 
SER H    H  N N 365 
SER H2   H  N N 366 
SER HA   H  N N 367 
SER HB2  H  N N 368 
SER HB3  H  N N 369 
SER HG   H  N N 370 
SER HXT  H  N N 371 
THR N    N  N N 372 
THR CA   C  N S 373 
THR C    C  N N 374 
THR O    O  N N 375 
THR CB   C  N R 376 
THR OG1  O  N N 377 
THR CG2  C  N N 378 
THR OXT  O  N N 379 
THR H    H  N N 380 
THR H2   H  N N 381 
THR HA   H  N N 382 
THR HB   H  N N 383 
THR HG1  H  N N 384 
THR HG21 H  N N 385 
THR HG22 H  N N 386 
THR HG23 H  N N 387 
THR HXT  H  N N 388 
TRP N    N  N N 389 
TRP CA   C  N S 390 
TRP C    C  N N 391 
TRP O    O  N N 392 
TRP CB   C  N N 393 
TRP CG   C  Y N 394 
TRP CD1  C  Y N 395 
TRP CD2  C  Y N 396 
TRP NE1  N  Y N 397 
TRP CE2  C  Y N 398 
TRP CE3  C  Y N 399 
TRP CZ2  C  Y N 400 
TRP CZ3  C  Y N 401 
TRP CH2  C  Y N 402 
TRP OXT  O  N N 403 
TRP H    H  N N 404 
TRP H2   H  N N 405 
TRP HA   H  N N 406 
TRP HB2  H  N N 407 
TRP HB3  H  N N 408 
TRP HD1  H  N N 409 
TRP HE1  H  N N 410 
TRP HE3  H  N N 411 
TRP HZ2  H  N N 412 
TRP HZ3  H  N N 413 
TRP HH2  H  N N 414 
TRP HXT  H  N N 415 
TYR N    N  N N 416 
TYR CA   C  N S 417 
TYR C    C  N N 418 
TYR O    O  N N 419 
TYR CB   C  N N 420 
TYR CG   C  Y N 421 
TYR CD1  C  Y N 422 
TYR CD2  C  Y N 423 
TYR CE1  C  Y N 424 
TYR CE2  C  Y N 425 
TYR CZ   C  Y N 426 
TYR OH   O  N N 427 
TYR OXT  O  N N 428 
TYR H    H  N N 429 
TYR H2   H  N N 430 
TYR HA   H  N N 431 
TYR HB2  H  N N 432 
TYR HB3  H  N N 433 
TYR HD1  H  N N 434 
TYR HD2  H  N N 435 
TYR HE1  H  N N 436 
TYR HE2  H  N N 437 
TYR HH   H  N N 438 
TYR HXT  H  N N 439 
VAL N    N  N N 440 
VAL CA   C  N S 441 
VAL C    C  N N 442 
VAL O    O  N N 443 
VAL CB   C  N N 444 
VAL CG1  C  N N 445 
VAL CG2  C  N N 446 
VAL OXT  O  N N 447 
VAL H    H  N N 448 
VAL H2   H  N N 449 
VAL HA   H  N N 450 
VAL HB   H  N N 451 
VAL HG11 H  N N 452 
VAL HG12 H  N N 453 
VAL HG13 H  N N 454 
VAL HG21 H  N N 455 
VAL HG22 H  N N 456 
VAL HG23 H  N N 457 
VAL HXT  H  N N 458 
# 
loop_
_chem_comp_bond.comp_id 
_chem_comp_bond.atom_id_1 
_chem_comp_bond.atom_id_2 
_chem_comp_bond.value_order 
_chem_comp_bond.pdbx_aromatic_flag 
_chem_comp_bond.pdbx_stereo_config 
_chem_comp_bond.pdbx_ordinal 
8P9 CAJ CAI  sing N N 1   
8P9 CAI NAH  doub Y N 2   
8P9 CAI CAE  sing Y N 3   
8P9 NAH OAG  sing Y N 4   
8P9 CAE CAF  doub Y N 5   
8P9 CAE CAD  sing Y N 6   
8P9 CAF CAA  sing Y N 7   
8P9 OAG CAD  sing Y N 8   
8P9 CAD CAC  doub Y N 9   
8P9 OAO SAN  doub N N 10  
8P9 CAA NAK  sing N N 11  
8P9 CAA CAB  doub Y N 12  
8P9 NAK SAN  sing N N 13  
8P9 CAC CAB  sing Y N 14  
8P9 CAB OAL  sing N N 15  
8P9 SAN OAP  doub N N 16  
8P9 SAN CAQ  sing N N 17  
8P9 OAL CAM  sing N N 18  
8P9 CAQ CAV  sing Y N 19  
8P9 CAQ CAR  doub Y N 20  
8P9 CAV CAU  doub Y N 21  
8P9 OAW CAR  sing N N 22  
8P9 OAW CAX  sing N N 23  
8P9 CAR CAS  sing Y N 24  
8P9 CAU CLAY sing N N 25  
8P9 CAU CAT  sing Y N 26  
8P9 CAS CAT  doub Y N 27  
8P9 CAM H1   sing N N 28  
8P9 CAM H2   sing N N 29  
8P9 CAM H3   sing N N 30  
8P9 CAC H4   sing N N 31  
8P9 CAJ H5   sing N N 32  
8P9 CAJ H6   sing N N 33  
8P9 CAJ H7   sing N N 34  
8P9 CAF H8   sing N N 35  
8P9 NAK H9   sing N N 36  
8P9 CAV H10  sing N N 37  
8P9 CAT H11  sing N N 38  
8P9 CAS H12  sing N N 39  
8P9 CAX H13  sing N N 40  
8P9 CAX H14  sing N N 41  
8P9 CAX H15  sing N N 42  
ALA N   CA   sing N N 43  
ALA N   H    sing N N 44  
ALA N   H2   sing N N 45  
ALA CA  C    sing N N 46  
ALA CA  CB   sing N N 47  
ALA CA  HA   sing N N 48  
ALA C   O    doub N N 49  
ALA C   OXT  sing N N 50  
ALA CB  HB1  sing N N 51  
ALA CB  HB2  sing N N 52  
ALA CB  HB3  sing N N 53  
ALA OXT HXT  sing N N 54  
ARG N   CA   sing N N 55  
ARG N   H    sing N N 56  
ARG N   H2   sing N N 57  
ARG CA  C    sing N N 58  
ARG CA  CB   sing N N 59  
ARG CA  HA   sing N N 60  
ARG C   O    doub N N 61  
ARG C   OXT  sing N N 62  
ARG CB  CG   sing N N 63  
ARG CB  HB2  sing N N 64  
ARG CB  HB3  sing N N 65  
ARG CG  CD   sing N N 66  
ARG CG  HG2  sing N N 67  
ARG CG  HG3  sing N N 68  
ARG CD  NE   sing N N 69  
ARG CD  HD2  sing N N 70  
ARG CD  HD3  sing N N 71  
ARG NE  CZ   sing N N 72  
ARG NE  HE   sing N N 73  
ARG CZ  NH1  sing N N 74  
ARG CZ  NH2  doub N N 75  
ARG NH1 HH11 sing N N 76  
ARG NH1 HH12 sing N N 77  
ARG NH2 HH21 sing N N 78  
ARG NH2 HH22 sing N N 79  
ARG OXT HXT  sing N N 80  
ASN N   CA   sing N N 81  
ASN N   H    sing N N 82  
ASN N   H2   sing N N 83  
ASN CA  C    sing N N 84  
ASN CA  CB   sing N N 85  
ASN CA  HA   sing N N 86  
ASN C   O    doub N N 87  
ASN C   OXT  sing N N 88  
ASN CB  CG   sing N N 89  
ASN CB  HB2  sing N N 90  
ASN CB  HB3  sing N N 91  
ASN CG  OD1  doub N N 92  
ASN CG  ND2  sing N N 93  
ASN ND2 HD21 sing N N 94  
ASN ND2 HD22 sing N N 95  
ASN OXT HXT  sing N N 96  
ASP N   CA   sing N N 97  
ASP N   H    sing N N 98  
ASP N   H2   sing N N 99  
ASP CA  C    sing N N 100 
ASP CA  CB   sing N N 101 
ASP CA  HA   sing N N 102 
ASP C   O    doub N N 103 
ASP C   OXT  sing N N 104 
ASP CB  CG   sing N N 105 
ASP CB  HB2  sing N N 106 
ASP CB  HB3  sing N N 107 
ASP CG  OD1  doub N N 108 
ASP CG  OD2  sing N N 109 
ASP OD2 HD2  sing N N 110 
ASP OXT HXT  sing N N 111 
CYS N   CA   sing N N 112 
CYS N   H    sing N N 113 
CYS N   H2   sing N N 114 
CYS CA  C    sing N N 115 
CYS CA  CB   sing N N 116 
CYS CA  HA   sing N N 117 
CYS C   O    doub N N 118 
CYS C   OXT  sing N N 119 
CYS CB  SG   sing N N 120 
CYS CB  HB2  sing N N 121 
CYS CB  HB3  sing N N 122 
CYS SG  HG   sing N N 123 
CYS OXT HXT  sing N N 124 
EDO C1  O1   sing N N 125 
EDO C1  C2   sing N N 126 
EDO C1  H11  sing N N 127 
EDO C1  H12  sing N N 128 
EDO O1  HO1  sing N N 129 
EDO C2  O2   sing N N 130 
EDO C2  H21  sing N N 131 
EDO C2  H22  sing N N 132 
EDO O2  HO2  sing N N 133 
GLN N   CA   sing N N 134 
GLN N   H    sing N N 135 
GLN N   H2   sing N N 136 
GLN CA  C    sing N N 137 
GLN CA  CB   sing N N 138 
GLN CA  HA   sing N N 139 
GLN C   O    doub N N 140 
GLN C   OXT  sing N N 141 
GLN CB  CG   sing N N 142 
GLN CB  HB2  sing N N 143 
GLN CB  HB3  sing N N 144 
GLN CG  CD   sing N N 145 
GLN CG  HG2  sing N N 146 
GLN CG  HG3  sing N N 147 
GLN CD  OE1  doub N N 148 
GLN CD  NE2  sing N N 149 
GLN NE2 HE21 sing N N 150 
GLN NE2 HE22 sing N N 151 
GLN OXT HXT  sing N N 152 
GLU N   CA   sing N N 153 
GLU N   H    sing N N 154 
GLU N   H2   sing N N 155 
GLU CA  C    sing N N 156 
GLU CA  CB   sing N N 157 
GLU CA  HA   sing N N 158 
GLU C   O    doub N N 159 
GLU C   OXT  sing N N 160 
GLU CB  CG   sing N N 161 
GLU CB  HB2  sing N N 162 
GLU CB  HB3  sing N N 163 
GLU CG  CD   sing N N 164 
GLU CG  HG2  sing N N 165 
GLU CG  HG3  sing N N 166 
GLU CD  OE1  doub N N 167 
GLU CD  OE2  sing N N 168 
GLU OE2 HE2  sing N N 169 
GLU OXT HXT  sing N N 170 
GLY N   CA   sing N N 171 
GLY N   H    sing N N 172 
GLY N   H2   sing N N 173 
GLY CA  C    sing N N 174 
GLY CA  HA2  sing N N 175 
GLY CA  HA3  sing N N 176 
GLY C   O    doub N N 177 
GLY C   OXT  sing N N 178 
GLY OXT HXT  sing N N 179 
GOL C1  O1   sing N N 180 
GOL C1  C2   sing N N 181 
GOL C1  H11  sing N N 182 
GOL C1  H12  sing N N 183 
GOL O1  HO1  sing N N 184 
GOL C2  O2   sing N N 185 
GOL C2  C3   sing N N 186 
GOL C2  H2   sing N N 187 
GOL O2  HO2  sing N N 188 
GOL C3  O3   sing N N 189 
GOL C3  H31  sing N N 190 
GOL C3  H32  sing N N 191 
GOL O3  HO3  sing N N 192 
HIS N   CA   sing N N 193 
HIS N   H    sing N N 194 
HIS N   H2   sing N N 195 
HIS CA  C    sing N N 196 
HIS CA  CB   sing N N 197 
HIS CA  HA   sing N N 198 
HIS C   O    doub N N 199 
HIS C   OXT  sing N N 200 
HIS CB  CG   sing N N 201 
HIS CB  HB2  sing N N 202 
HIS CB  HB3  sing N N 203 
HIS CG  ND1  sing Y N 204 
HIS CG  CD2  doub Y N 205 
HIS ND1 CE1  doub Y N 206 
HIS ND1 HD1  sing N N 207 
HIS CD2 NE2  sing Y N 208 
HIS CD2 HD2  sing N N 209 
HIS CE1 NE2  sing Y N 210 
HIS CE1 HE1  sing N N 211 
HIS NE2 HE2  sing N N 212 
HIS OXT HXT  sing N N 213 
HOH O   H1   sing N N 214 
HOH O   H2   sing N N 215 
ILE N   CA   sing N N 216 
ILE N   H    sing N N 217 
ILE N   H2   sing N N 218 
ILE CA  C    sing N N 219 
ILE CA  CB   sing N N 220 
ILE CA  HA   sing N N 221 
ILE C   O    doub N N 222 
ILE C   OXT  sing N N 223 
ILE CB  CG1  sing N N 224 
ILE CB  CG2  sing N N 225 
ILE CB  HB   sing N N 226 
ILE CG1 CD1  sing N N 227 
ILE CG1 HG12 sing N N 228 
ILE CG1 HG13 sing N N 229 
ILE CG2 HG21 sing N N 230 
ILE CG2 HG22 sing N N 231 
ILE CG2 HG23 sing N N 232 
ILE CD1 HD11 sing N N 233 
ILE CD1 HD12 sing N N 234 
ILE CD1 HD13 sing N N 235 
ILE OXT HXT  sing N N 236 
LEU N   CA   sing N N 237 
LEU N   H    sing N N 238 
LEU N   H2   sing N N 239 
LEU CA  C    sing N N 240 
LEU CA  CB   sing N N 241 
LEU CA  HA   sing N N 242 
LEU C   O    doub N N 243 
LEU C   OXT  sing N N 244 
LEU CB  CG   sing N N 245 
LEU CB  HB2  sing N N 246 
LEU CB  HB3  sing N N 247 
LEU CG  CD1  sing N N 248 
LEU CG  CD2  sing N N 249 
LEU CG  HG   sing N N 250 
LEU CD1 HD11 sing N N 251 
LEU CD1 HD12 sing N N 252 
LEU CD1 HD13 sing N N 253 
LEU CD2 HD21 sing N N 254 
LEU CD2 HD22 sing N N 255 
LEU CD2 HD23 sing N N 256 
LEU OXT HXT  sing N N 257 
LYS N   CA   sing N N 258 
LYS N   H    sing N N 259 
LYS N   H2   sing N N 260 
LYS CA  C    sing N N 261 
LYS CA  CB   sing N N 262 
LYS CA  HA   sing N N 263 
LYS C   O    doub N N 264 
LYS C   OXT  sing N N 265 
LYS CB  CG   sing N N 266 
LYS CB  HB2  sing N N 267 
LYS CB  HB3  sing N N 268 
LYS CG  CD   sing N N 269 
LYS CG  HG2  sing N N 270 
LYS CG  HG3  sing N N 271 
LYS CD  CE   sing N N 272 
LYS CD  HD2  sing N N 273 
LYS CD  HD3  sing N N 274 
LYS CE  NZ   sing N N 275 
LYS CE  HE2  sing N N 276 
LYS CE  HE3  sing N N 277 
LYS NZ  HZ1  sing N N 278 
LYS NZ  HZ2  sing N N 279 
LYS NZ  HZ3  sing N N 280 
LYS OXT HXT  sing N N 281 
MET N   CA   sing N N 282 
MET N   H    sing N N 283 
MET N   H2   sing N N 284 
MET CA  C    sing N N 285 
MET CA  CB   sing N N 286 
MET CA  HA   sing N N 287 
MET C   O    doub N N 288 
MET C   OXT  sing N N 289 
MET CB  CG   sing N N 290 
MET CB  HB2  sing N N 291 
MET CB  HB3  sing N N 292 
MET CG  SD   sing N N 293 
MET CG  HG2  sing N N 294 
MET CG  HG3  sing N N 295 
MET SD  CE   sing N N 296 
MET CE  HE1  sing N N 297 
MET CE  HE2  sing N N 298 
MET CE  HE3  sing N N 299 
MET OXT HXT  sing N N 300 
NO3 N   O1   doub N N 301 
NO3 N   O2   sing N N 302 
NO3 N   O3   sing N N 303 
PHE N   CA   sing N N 304 
PHE N   H    sing N N 305 
PHE N   H2   sing N N 306 
PHE CA  C    sing N N 307 
PHE CA  CB   sing N N 308 
PHE CA  HA   sing N N 309 
PHE C   O    doub N N 310 
PHE C   OXT  sing N N 311 
PHE CB  CG   sing N N 312 
PHE CB  HB2  sing N N 313 
PHE CB  HB3  sing N N 314 
PHE CG  CD1  doub Y N 315 
PHE CG  CD2  sing Y N 316 
PHE CD1 CE1  sing Y N 317 
PHE CD1 HD1  sing N N 318 
PHE CD2 CE2  doub Y N 319 
PHE CD2 HD2  sing N N 320 
PHE CE1 CZ   doub Y N 321 
PHE CE1 HE1  sing N N 322 
PHE CE2 CZ   sing Y N 323 
PHE CE2 HE2  sing N N 324 
PHE CZ  HZ   sing N N 325 
PHE OXT HXT  sing N N 326 
PRO N   CA   sing N N 327 
PRO N   CD   sing N N 328 
PRO N   H    sing N N 329 
PRO CA  C    sing N N 330 
PRO CA  CB   sing N N 331 
PRO CA  HA   sing N N 332 
PRO C   O    doub N N 333 
PRO C   OXT  sing N N 334 
PRO CB  CG   sing N N 335 
PRO CB  HB2  sing N N 336 
PRO CB  HB3  sing N N 337 
PRO CG  CD   sing N N 338 
PRO CG  HG2  sing N N 339 
PRO CG  HG3  sing N N 340 
PRO CD  HD2  sing N N 341 
PRO CD  HD3  sing N N 342 
PRO OXT HXT  sing N N 343 
SER N   CA   sing N N 344 
SER N   H    sing N N 345 
SER N   H2   sing N N 346 
SER CA  C    sing N N 347 
SER CA  CB   sing N N 348 
SER CA  HA   sing N N 349 
SER C   O    doub N N 350 
SER C   OXT  sing N N 351 
SER CB  OG   sing N N 352 
SER CB  HB2  sing N N 353 
SER CB  HB3  sing N N 354 
SER OG  HG   sing N N 355 
SER OXT HXT  sing N N 356 
THR N   CA   sing N N 357 
THR N   H    sing N N 358 
THR N   H2   sing N N 359 
THR CA  C    sing N N 360 
THR CA  CB   sing N N 361 
THR CA  HA   sing N N 362 
THR C   O    doub N N 363 
THR C   OXT  sing N N 364 
THR CB  OG1  sing N N 365 
THR CB  CG2  sing N N 366 
THR CB  HB   sing N N 367 
THR OG1 HG1  sing N N 368 
THR CG2 HG21 sing N N 369 
THR CG2 HG22 sing N N 370 
THR CG2 HG23 sing N N 371 
THR OXT HXT  sing N N 372 
TRP N   CA   sing N N 373 
TRP N   H    sing N N 374 
TRP N   H2   sing N N 375 
TRP CA  C    sing N N 376 
TRP CA  CB   sing N N 377 
TRP CA  HA   sing N N 378 
TRP C   O    doub N N 379 
TRP C   OXT  sing N N 380 
TRP CB  CG   sing N N 381 
TRP CB  HB2  sing N N 382 
TRP CB  HB3  sing N N 383 
TRP CG  CD1  doub Y N 384 
TRP CG  CD2  sing Y N 385 
TRP CD1 NE1  sing Y N 386 
TRP CD1 HD1  sing N N 387 
TRP CD2 CE2  doub Y N 388 
TRP CD2 CE3  sing Y N 389 
TRP NE1 CE2  sing Y N 390 
TRP NE1 HE1  sing N N 391 
TRP CE2 CZ2  sing Y N 392 
TRP CE3 CZ3  doub Y N 393 
TRP CE3 HE3  sing N N 394 
TRP CZ2 CH2  doub Y N 395 
TRP CZ2 HZ2  sing N N 396 
TRP CZ3 CH2  sing Y N 397 
TRP CZ3 HZ3  sing N N 398 
TRP CH2 HH2  sing N N 399 
TRP OXT HXT  sing N N 400 
TYR N   CA   sing N N 401 
TYR N   H    sing N N 402 
TYR N   H2   sing N N 403 
TYR CA  C    sing N N 404 
TYR CA  CB   sing N N 405 
TYR CA  HA   sing N N 406 
TYR C   O    doub N N 407 
TYR C   OXT  sing N N 408 
TYR CB  CG   sing N N 409 
TYR CB  HB2  sing N N 410 
TYR CB  HB3  sing N N 411 
TYR CG  CD1  doub Y N 412 
TYR CG  CD2  sing Y N 413 
TYR CD1 CE1  sing Y N 414 
TYR CD1 HD1  sing N N 415 
TYR CD2 CE2  doub Y N 416 
TYR CD2 HD2  sing N N 417 
TYR CE1 CZ   doub Y N 418 
TYR CE1 HE1  sing N N 419 
TYR CE2 CZ   sing Y N 420 
TYR CE2 HE2  sing N N 421 
TYR CZ  OH   sing N N 422 
TYR OH  HH   sing N N 423 
TYR OXT HXT  sing N N 424 
VAL N   CA   sing N N 425 
VAL N   H    sing N N 426 
VAL N   H2   sing N N 427 
VAL CA  C    sing N N 428 
VAL CA  CB   sing N N 429 
VAL CA  HA   sing N N 430 
VAL C   O    doub N N 431 
VAL C   OXT  sing N N 432 
VAL CB  CG1  sing N N 433 
VAL CB  CG2  sing N N 434 
VAL CB  HB   sing N N 435 
VAL CG1 HG11 sing N N 436 
VAL CG1 HG12 sing N N 437 
VAL CG1 HG13 sing N N 438 
VAL CG2 HG21 sing N N 439 
VAL CG2 HG22 sing N N 440 
VAL CG2 HG23 sing N N 441 
VAL OXT HXT  sing N N 442 
# 
loop_
_pdbx_entity_nonpoly.entity_id 
_pdbx_entity_nonpoly.name 
_pdbx_entity_nonpoly.comp_id 
2 'NITRATE ION'                                                                        NO3 
3 '5-chloranyl-2-methoxy-N-(6-methoxy-3-methyl-1,2-benzoxazol-5-yl)benzenesulfonamide' 8P9 
4 1,2-ETHANEDIOL                                                                       EDO 
5 GLYCEROL                                                                             GOL 
6 water                                                                                HOH 
# 
_pdbx_initial_refinement_model.id               1 
_pdbx_initial_refinement_model.entity_id_list   ? 
_pdbx_initial_refinement_model.type             'experimental model' 
_pdbx_initial_refinement_model.source_name      PDB 
_pdbx_initial_refinement_model.accession_code   3MXF 
_pdbx_initial_refinement_model.details          ? 
# 
_pdbx_struct_assembly_auth_evidence.id                     1 
_pdbx_struct_assembly_auth_evidence.assembly_id            1 
_pdbx_struct_assembly_auth_evidence.experimental_support   none 
_pdbx_struct_assembly_auth_evidence.details                ? 
# 
